data_5JSD
#
_entry.id   5JSD
#
_cell.length_a   135.805
_cell.length_b   78.393
_cell.length_c   247.738
_cell.angle_alpha   90.00
_cell.angle_beta   100.53
_cell.angle_gamma   90.00
#
_symmetry.space_group_name_H-M   'C 1 2 1'
#
loop_
_entity.id
_entity.type
_entity.pdbx_description
1 polymer 'phiAB6 tailspike'
2 branched 'beta-D-galactopyranose-(1-3)-2-amino-2-deoxy-beta-D-galactopyranose-(1-3)-[5,7-bisacetamido-3,5,7,9-tetradeoxy-L-glycero-alpha-L-manno-non-2-ulopyranosonic acid-(2-6)-beta-D-glucopyranose-(1-6)]beta-D-galactopyranose-(1-3)-2-amino-2-deoxy-beta-D-galactopyranose-(1-3)-[beta-D-glucopyranose-(1-6)]beta-D-galactopyranose'
3 branched beta-D-glucopyranose-(1-6)-beta-D-galactopyranose-(1-3)-2-amino-2-deoxy-beta-D-galactopyranose-(1-3)-[beta-D-glucopyranose-(1-6)]beta-D-galactopyranose-(1-3)-2-amino-2-deoxy-beta-D-galactopyranose
4 non-polymer 'MALONIC ACID'
5 non-polymer 'ACETIC ACID'
6 water water
#
_entity_poly.entity_id   1
_entity_poly.type   'polypeptide(L)'
_entity_poly.pdbx_seq_one_letter_code
;MGSSHHHHHHSSGLVPRGSHMNILRSFTETVVTTPTDIFPISFEYDEKYDAVHVFLNDVAVEDLGYTVSQVNAVTLKIEP
AIPDGTVRIERETDIDKMKYIFDAGALFIDQNVDADFRQIVHSQQEVRDGFIKLRGDVLPLVHGLQEALQQAQEASEAAQ
EAANAAEVAASQTQYYLKYFNPEIVYPKNARIMLDNGDIVRSTVVNNTSNPNVDMTGWVKVSSVSQIFDETYNITQSVIN
GNLITVDNFGAKGDGVTDDSAAFQAYCDSALTGQNLYLGAKGRYILKNQVDLKGKGLVGNGCGKVSEFYYNLGCIDVDGS
SPDLQGKTAFINCGPTIQNLTARCSNGAGKQVSFIEIDGYLANIDHITLINFYNQIVVKQALVGFNFTNAWLYYSQNAGI
YCEDPLNRVSTTGTFHNIYFQLGDGHAMIFDRDVHGCDFDNIIFESMNGGIKARTVAHCGFGKFWCENLKTATSKDWLEV
TGANSCYGNSFTGYVKLLGGWTSKTSPTLDSLPTNNYGGVSVSAEGISIVNAGNKAKMLMLPSGFKTGNATIDETHISSS
TVTPLVKRRVIGADSSGAQYLASDTYTKLSRKWGTYNHGSNNAGAFYAPMMLTYDQSFSTPQNNNGWKIVKESTGVYRVE
RVSGNTSVITNGHIVVGSPLMGSRLGTGTGATHGIQMIETYAGSWTSYTEAAGFKVFWRDSSNALVDPHRFTVAFTATS
;
_entity_poly.pdbx_strand_id   A,B,C
#
loop_
_chem_comp.id
_chem_comp.type
_chem_comp.name
_chem_comp.formula
1GN D-saccharide, beta linking 2-amino-2-deoxy-beta-D-galactopyranose 'C6 H13 N O5'
6PZ D-saccharide, beta linking '5,7-bisacetamido-3,5,7,9-tetradeoxy-L-glycero-alpha-L-manno-non-2-ulopyranosonic acid' 'C13 H22 N2 O8'
ACY non-polymer 'ACETIC ACID' 'C2 H4 O2'
BGC D-saccharide, beta linking beta-D-glucopyranose 'C6 H12 O6'
GAL D-saccharide, beta linking beta-D-galactopyranose 'C6 H12 O6'
MLA non-polymer 'MALONIC ACID' 'C3 H4 O4'
#
# COMPACT_ATOMS: atom_id res chain seq x y z
N GLN A 172 35.75 12.77 -73.17
CA GLN A 172 34.96 12.31 -74.36
C GLN A 172 33.48 12.65 -74.20
N THR A 173 32.81 12.88 -75.32
CA THR A 173 31.46 13.47 -75.35
C THR A 173 30.29 12.52 -75.03
N GLN A 174 30.54 11.21 -74.92
CA GLN A 174 29.47 10.22 -74.66
C GLN A 174 29.26 9.88 -73.18
N TYR A 175 29.88 10.64 -72.28
CA TYR A 175 29.62 10.51 -70.85
C TYR A 175 30.00 11.82 -70.21
N TYR A 176 29.64 11.98 -68.94
CA TYR A 176 29.91 13.21 -68.20
C TYR A 176 31.01 12.98 -67.17
N LEU A 177 32.09 13.74 -67.32
CA LEU A 177 33.24 13.70 -66.43
C LEU A 177 34.19 14.84 -66.83
N LYS A 178 34.40 15.76 -65.89
CA LYS A 178 35.38 16.84 -66.09
C LYS A 178 36.06 17.07 -64.76
N TYR A 179 37.39 17.02 -64.75
CA TYR A 179 38.16 17.34 -63.57
C TYR A 179 38.57 18.81 -63.60
N PHE A 180 39.07 19.30 -62.47
CA PHE A 180 39.54 20.68 -62.37
C PHE A 180 40.67 20.96 -63.36
N ASN A 181 40.60 22.15 -63.97
CA ASN A 181 41.59 22.61 -64.94
C ASN A 181 41.99 24.02 -64.52
N PRO A 182 43.28 24.24 -64.16
CA PRO A 182 43.68 25.55 -63.66
C PRO A 182 43.60 26.72 -64.66
N GLU A 183 43.43 26.42 -65.95
CA GLU A 183 43.26 27.44 -67.00
C GLU A 183 41.84 27.96 -67.15
N ILE A 184 40.88 27.31 -66.47
CA ILE A 184 39.47 27.61 -66.68
C ILE A 184 38.93 28.53 -65.59
N VAL A 185 38.00 29.40 -65.98
CA VAL A 185 37.28 30.23 -65.02
C VAL A 185 35.87 29.64 -64.91
N TYR A 186 35.53 29.14 -63.73
CA TYR A 186 34.24 28.49 -63.52
C TYR A 186 33.17 29.48 -63.08
N PRO A 187 32.06 29.57 -63.84
CA PRO A 187 30.98 30.46 -63.41
C PRO A 187 30.19 29.91 -62.24
N LYS A 188 29.37 30.77 -61.63
CA LYS A 188 28.49 30.34 -60.56
C LYS A 188 27.63 29.20 -61.09
N ASN A 189 27.47 28.17 -60.26
CA ASN A 189 26.67 26.97 -60.56
C ASN A 189 27.32 25.95 -61.48
N ALA A 190 28.54 26.22 -61.96
CA ALA A 190 29.27 25.24 -62.75
C ALA A 190 29.54 23.99 -61.92
N ARG A 191 29.44 22.82 -62.56
CA ARG A 191 29.73 21.55 -61.91
C ARG A 191 30.92 20.86 -62.56
N ILE A 192 31.82 20.38 -61.72
CA ILE A 192 32.94 19.54 -62.14
C ILE A 192 33.12 18.45 -61.10
N MET A 193 34.02 17.51 -61.39
CA MET A 193 34.34 16.45 -60.47
C MET A 193 35.65 16.73 -59.75
N LEU A 194 35.66 16.45 -58.45
CA LEU A 194 36.90 16.30 -57.69
C LEU A 194 37.68 15.10 -58.25
N ASP A 195 38.96 15.02 -57.93
CA ASP A 195 39.79 13.91 -58.40
C ASP A 195 39.26 12.53 -57.95
N ASN A 196 38.57 12.48 -56.82
CA ASN A 196 37.90 11.25 -56.35
C ASN A 196 36.58 10.94 -57.06
N GLY A 197 36.14 11.81 -57.97
CA GLY A 197 34.91 11.62 -58.74
C GLY A 197 33.65 12.27 -58.21
N ASP A 198 33.69 12.79 -56.99
CA ASP A 198 32.52 13.45 -56.42
C ASP A 198 32.31 14.81 -57.09
N ILE A 199 31.05 15.15 -57.36
CA ILE A 199 30.73 16.40 -58.03
C ILE A 199 30.71 17.57 -57.06
N VAL A 200 31.31 18.67 -57.48
CA VAL A 200 31.20 19.94 -56.76
C VAL A 200 30.57 21.01 -57.64
N ARG A 201 29.90 21.95 -57.00
CA ARG A 201 29.16 23.02 -57.64
C ARG A 201 29.77 24.35 -57.18
N SER A 202 30.08 25.23 -58.12
CA SER A 202 30.61 26.54 -57.75
C SER A 202 29.49 27.40 -57.18
N THR A 203 29.76 28.03 -56.05
CA THR A 203 28.80 28.93 -55.40
C THR A 203 29.16 30.40 -55.63
N VAL A 204 30.22 30.67 -56.38
CA VAL A 204 30.66 32.04 -56.66
C VAL A 204 30.96 32.23 -58.14
N VAL A 205 30.87 33.48 -58.59
CA VAL A 205 31.29 33.88 -59.92
C VAL A 205 32.81 33.84 -60.02
N ASN A 206 33.32 33.78 -61.25
CA ASN A 206 34.77 33.87 -61.49
C ASN A 206 35.60 32.92 -60.63
N ASN A 207 35.16 31.68 -60.50
CA ASN A 207 35.84 30.73 -59.61
C ASN A 207 37.07 30.15 -60.27
N THR A 208 38.25 30.41 -59.69
CA THR A 208 39.51 29.87 -60.17
C THR A 208 40.22 29.06 -59.08
N SER A 209 39.50 28.69 -58.02
CA SER A 209 40.06 27.95 -56.91
C SER A 209 39.93 26.45 -57.19
N ASN A 210 40.98 25.70 -56.88
CA ASN A 210 40.98 24.25 -57.07
C ASN A 210 40.24 23.59 -55.91
N PRO A 211 39.04 23.02 -56.17
CA PRO A 211 38.27 22.43 -55.08
C PRO A 211 38.93 21.22 -54.40
N ASN A 212 39.90 20.60 -55.07
CA ASN A 212 40.69 19.49 -54.50
C ASN A 212 41.60 19.89 -53.35
N VAL A 213 42.00 21.16 -53.32
CA VAL A 213 42.82 21.72 -52.23
C VAL A 213 42.14 22.85 -51.44
N ASP A 214 41.11 23.47 -52.01
CA ASP A 214 40.42 24.61 -51.38
C ASP A 214 38.94 24.61 -51.75
N MET A 215 38.08 24.25 -50.80
CA MET A 215 36.64 24.19 -51.06
C MET A 215 35.91 25.53 -50.91
N THR A 216 36.63 26.62 -50.62
CA THR A 216 36.02 27.95 -50.67
C THR A 216 35.48 28.19 -52.07
N GLY A 217 34.21 28.60 -52.12
CA GLY A 217 33.51 28.85 -53.36
C GLY A 217 32.93 27.62 -54.02
N TRP A 218 32.96 26.47 -53.35
CA TRP A 218 32.42 25.21 -53.88
C TRP A 218 31.59 24.50 -52.81
N VAL A 219 30.65 23.67 -53.26
CA VAL A 219 29.94 22.75 -52.37
C VAL A 219 29.85 21.37 -53.02
N LYS A 220 29.89 20.33 -52.20
CA LYS A 220 29.69 18.96 -52.65
C LYS A 220 28.21 18.70 -52.84
N VAL A 221 27.81 18.33 -54.05
CA VAL A 221 26.38 18.16 -54.35
C VAL A 221 25.74 16.91 -53.70
N SER A 222 26.56 15.92 -53.34
CA SER A 222 26.06 14.69 -52.70
C SER A 222 25.95 14.83 -51.18
N SER A 223 26.21 16.02 -50.63
CA SER A 223 26.07 16.25 -49.21
C SER A 223 24.62 16.54 -48.84
N VAL A 224 24.21 16.09 -47.66
CA VAL A 224 22.83 16.31 -47.22
C VAL A 224 22.49 17.77 -46.93
N SER A 225 23.51 18.62 -46.80
CA SER A 225 23.31 20.06 -46.77
C SER A 225 22.85 20.64 -48.12
N GLN A 226 22.95 19.84 -49.19
CA GLN A 226 22.54 20.23 -50.54
C GLN A 226 21.34 19.43 -51.05
N ILE A 227 20.69 18.69 -50.15
CA ILE A 227 19.55 17.84 -50.47
C ILE A 227 18.39 18.38 -49.65
N PHE A 228 17.21 18.49 -50.24
CA PHE A 228 16.09 19.17 -49.60
C PHE A 228 14.86 18.28 -49.55
N ASP A 229 14.12 18.39 -48.44
CA ASP A 229 12.78 17.82 -48.37
C ASP A 229 11.79 18.95 -48.65
N GLU A 230 11.21 18.93 -49.86
CA GLU A 230 10.31 20.00 -50.31
C GLU A 230 9.03 20.11 -49.49
N THR A 231 8.66 19.04 -48.79
CA THR A 231 7.53 19.08 -47.87
C THR A 231 7.71 20.15 -46.78
N TYR A 232 8.95 20.31 -46.32
CA TYR A 232 9.31 21.27 -45.27
C TYR A 232 10.15 22.46 -45.73
N ASN A 233 10.68 22.41 -46.95
CA ASN A 233 11.66 23.37 -47.46
C ASN A 233 12.84 23.53 -46.48
N ILE A 234 13.39 22.39 -46.08
CA ILE A 234 14.59 22.34 -45.25
C ILE A 234 15.51 21.29 -45.81
N THR A 235 16.77 21.37 -45.42
CA THR A 235 17.75 20.39 -45.87
C THR A 235 17.61 19.07 -45.12
N GLN A 236 18.10 18.02 -45.74
CA GLN A 236 18.20 16.73 -45.07
C GLN A 236 19.13 16.81 -43.85
N SER A 237 20.13 17.70 -43.91
CA SER A 237 21.02 17.95 -42.76
C SER A 237 20.22 18.28 -41.51
N VAL A 238 19.22 19.15 -41.64
CA VAL A 238 18.36 19.52 -40.52
C VAL A 238 17.54 18.34 -40.01
N ILE A 239 16.95 17.58 -40.94
CA ILE A 239 16.16 16.41 -40.58
C ILE A 239 17.01 15.38 -39.83
N ASN A 240 18.28 15.25 -40.21
CA ASN A 240 19.22 14.35 -39.53
C ASN A 240 19.60 14.79 -38.10
N GLY A 241 19.14 15.96 -37.67
CA GLY A 241 19.23 16.37 -36.27
C GLY A 241 18.10 15.87 -35.40
N ASN A 242 17.08 15.22 -35.97
CA ASN A 242 15.93 14.74 -35.19
C ASN A 242 16.29 13.63 -34.21
N LEU A 243 17.11 12.68 -34.67
CA LEU A 243 17.55 11.54 -33.87
C LEU A 243 19.00 11.22 -34.21
N ILE A 244 19.86 11.23 -33.20
CA ILE A 244 21.27 10.92 -33.35
C ILE A 244 21.58 9.75 -32.42
N THR A 245 22.28 8.74 -32.95
CA THR A 245 22.63 7.56 -32.18
C THR A 245 24.12 7.30 -32.29
N VAL A 246 24.59 6.29 -31.58
CA VAL A 246 25.99 5.84 -31.70
C VAL A 246 26.36 5.42 -33.14
N ASP A 247 25.38 5.01 -33.95
CA ASP A 247 25.61 4.72 -35.36
C ASP A 247 26.14 5.93 -36.12
N ASN A 248 25.75 7.13 -35.71
CA ASN A 248 26.28 8.35 -36.33
C ASN A 248 27.79 8.52 -36.17
N PHE A 249 28.34 7.89 -35.15
CA PHE A 249 29.76 8.00 -34.80
C PHE A 249 30.55 6.74 -35.16
N GLY A 250 29.96 5.90 -36.01
CA GLY A 250 30.63 4.72 -36.55
C GLY A 250 30.45 3.41 -35.81
N ALA A 251 29.51 3.36 -34.86
CA ALA A 251 29.20 2.11 -34.17
C ALA A 251 28.61 1.11 -35.17
N LYS A 252 29.08 -0.13 -35.12
CA LYS A 252 28.63 -1.18 -36.03
C LYS A 252 27.50 -2.05 -35.49
N GLY A 253 27.46 -2.27 -34.17
CA GLY A 253 26.44 -3.12 -33.57
C GLY A 253 26.31 -4.47 -34.27
N ASP A 254 27.46 -5.08 -34.55
CA ASP A 254 27.52 -6.29 -35.38
C ASP A 254 27.92 -7.53 -34.59
N GLY A 255 27.96 -7.43 -33.26
CA GLY A 255 28.33 -8.55 -32.40
C GLY A 255 29.79 -8.95 -32.38
N VAL A 256 30.65 -8.17 -33.03
CA VAL A 256 32.09 -8.48 -33.16
C VAL A 256 32.96 -7.23 -32.93
N THR A 257 32.69 -6.18 -33.69
CA THR A 257 33.49 -4.96 -33.67
C THR A 257 33.35 -4.21 -32.34
N ASP A 258 34.47 -3.79 -31.77
CA ASP A 258 34.47 -2.93 -30.59
C ASP A 258 33.93 -1.56 -30.97
N ASP A 259 32.82 -1.17 -30.35
CA ASP A 259 32.21 0.13 -30.58
C ASP A 259 32.52 1.17 -29.50
N SER A 260 33.39 0.85 -28.55
CA SER A 260 33.66 1.76 -27.43
C SER A 260 34.10 3.15 -27.87
N ALA A 261 34.97 3.25 -28.88
CA ALA A 261 35.43 4.54 -29.38
C ALA A 261 34.28 5.36 -29.96
N ALA A 262 33.38 4.71 -30.69
CA ALA A 262 32.19 5.37 -31.25
C ALA A 262 31.24 5.87 -30.15
N PHE A 263 31.06 5.06 -29.11
CA PHE A 263 30.25 5.47 -27.96
C PHE A 263 30.89 6.68 -27.28
N GLN A 264 32.21 6.65 -27.09
CA GLN A 264 32.89 7.78 -26.48
C GLN A 264 32.79 9.05 -27.33
N ALA A 265 32.93 8.91 -28.65
CA ALA A 265 32.81 10.03 -29.57
C ALA A 265 31.42 10.68 -29.49
N TYR A 266 30.40 9.83 -29.39
CA TYR A 266 29.03 10.30 -29.17
C TYR A 266 28.96 11.18 -27.91
N CYS A 267 29.50 10.69 -26.81
CA CYS A 267 29.45 11.39 -25.54
C CYS A 267 30.29 12.68 -25.52
N ASP A 268 31.35 12.71 -26.33
CA ASP A 268 32.21 13.90 -26.43
C ASP A 268 31.71 14.93 -27.45
N SER A 269 30.71 14.58 -28.26
CA SER A 269 30.24 15.42 -29.34
C SER A 269 29.41 16.61 -28.85
N ALA A 270 29.56 17.75 -29.51
CA ALA A 270 28.74 18.94 -29.27
C ALA A 270 27.32 18.82 -29.83
N LEU A 271 27.06 17.79 -30.62
CA LEU A 271 25.80 17.66 -31.35
C LEU A 271 24.75 16.83 -30.63
N THR A 272 25.18 16.05 -29.64
CA THR A 272 24.30 15.07 -28.99
C THR A 272 23.58 15.65 -27.76
N GLY A 273 22.41 15.09 -27.47
CA GLY A 273 21.53 15.62 -26.42
C GLY A 273 21.79 15.02 -25.05
N GLN A 274 20.74 14.98 -24.23
CA GLN A 274 20.87 14.53 -22.85
C GLN A 274 21.34 13.09 -22.70
N ASN A 275 20.92 12.23 -23.62
CA ASN A 275 21.17 10.79 -23.53
C ASN A 275 21.92 10.26 -24.72
N LEU A 276 22.61 9.15 -24.49
CA LEU A 276 23.14 8.30 -25.54
C LEU A 276 22.05 7.33 -26.01
N TYR A 277 21.91 7.20 -27.33
CA TYR A 277 20.92 6.33 -27.96
C TYR A 277 21.60 5.27 -28.81
N LEU A 278 21.05 4.07 -28.79
CA LEU A 278 21.43 3.02 -29.72
C LEU A 278 20.64 3.15 -31.02
N GLY A 279 21.19 2.61 -32.10
CA GLY A 279 20.47 2.49 -33.37
C GLY A 279 19.41 1.41 -33.30
N ALA A 280 18.63 1.27 -34.37
CA ALA A 280 17.43 0.42 -34.36
C ALA A 280 17.73 -1.04 -34.04
N LYS A 281 18.72 -1.58 -34.74
CA LYS A 281 19.12 -2.97 -34.56
C LYS A 281 20.60 -3.03 -34.30
N GLY A 282 21.00 -3.80 -33.30
CA GLY A 282 22.43 -4.05 -33.10
C GLY A 282 22.79 -4.66 -31.78
N ARG A 283 23.77 -5.56 -31.81
CA ARG A 283 24.41 -6.10 -30.63
C ARG A 283 25.75 -5.38 -30.54
N TYR A 284 25.80 -4.35 -29.69
CA TYR A 284 26.92 -3.43 -29.64
C TYR A 284 27.99 -3.91 -28.67
N ILE A 285 29.14 -4.33 -29.21
CA ILE A 285 30.25 -4.81 -28.39
C ILE A 285 31.04 -3.64 -27.80
N LEU A 286 31.30 -3.70 -26.49
CA LEU A 286 32.18 -2.75 -25.81
C LEU A 286 33.33 -3.50 -25.14
N LYS A 287 34.56 -3.17 -25.55
CA LYS A 287 35.78 -3.78 -24.97
C LYS A 287 36.56 -2.81 -24.09
N ASN A 288 36.09 -1.55 -24.00
CA ASN A 288 36.71 -0.53 -23.17
C ASN A 288 35.65 0.27 -22.45
N GLN A 289 36.03 0.84 -21.31
CA GLN A 289 35.13 1.65 -20.50
C GLN A 289 34.69 2.89 -21.27
N VAL A 290 33.41 3.23 -21.14
CA VAL A 290 32.85 4.43 -21.75
C VAL A 290 32.50 5.39 -20.63
N ASP A 291 32.97 6.63 -20.77
CA ASP A 291 32.62 7.72 -19.87
C ASP A 291 31.46 8.45 -20.50
N LEU A 292 30.28 8.29 -19.92
CA LEU A 292 29.07 8.92 -20.42
C LEU A 292 29.07 10.44 -20.30
N LYS A 293 29.96 11.01 -19.49
CA LYS A 293 30.10 12.48 -19.37
C LYS A 293 28.79 13.14 -18.96
N GLY A 294 28.02 12.49 -18.10
CA GLY A 294 26.75 13.02 -17.65
C GLY A 294 25.56 12.74 -18.54
N LYS A 295 25.76 12.08 -19.68
CA LYS A 295 24.64 11.67 -20.51
C LYS A 295 23.98 10.44 -19.92
N GLY A 296 22.66 10.38 -19.99
CA GLY A 296 21.95 9.15 -19.68
C GLY A 296 22.07 8.13 -20.80
N LEU A 297 21.41 6.99 -20.61
CA LEU A 297 21.54 5.87 -21.52
C LEU A 297 20.16 5.34 -21.90
N VAL A 298 19.89 5.33 -23.20
CA VAL A 298 18.64 4.83 -23.75
C VAL A 298 18.98 3.74 -24.77
N GLY A 299 18.46 2.54 -24.57
CA GLY A 299 18.74 1.44 -25.46
C GLY A 299 17.79 1.37 -26.64
N ASN A 300 17.74 0.20 -27.24
CA ASN A 300 16.85 -0.08 -28.38
C ASN A 300 15.88 -1.22 -28.08
N GLY A 301 15.49 -1.32 -26.81
CA GLY A 301 14.50 -2.30 -26.39
C GLY A 301 14.86 -2.97 -25.09
N CYS A 302 13.81 -3.30 -24.34
CA CYS A 302 13.91 -4.04 -23.10
C CYS A 302 13.44 -5.47 -23.41
N GLY A 303 14.41 -6.37 -23.56
CA GLY A 303 14.13 -7.72 -24.05
C GLY A 303 14.05 -8.76 -22.96
N LYS A 304 13.65 -9.96 -23.35
CA LYS A 304 13.75 -11.11 -22.46
C LYS A 304 15.22 -11.51 -22.35
N VAL A 305 15.50 -12.41 -21.43
CA VAL A 305 16.87 -12.84 -21.16
C VAL A 305 17.19 -14.01 -22.10
N SER A 306 17.47 -13.67 -23.35
CA SER A 306 17.71 -14.69 -24.37
C SER A 306 18.50 -14.13 -25.55
N GLU A 307 19.26 -15.01 -26.21
CA GLU A 307 20.05 -14.64 -27.38
C GLU A 307 19.21 -14.00 -28.48
N PHE A 308 17.95 -14.41 -28.60
CA PHE A 308 17.03 -13.85 -29.59
C PHE A 308 16.99 -12.34 -29.47
N TYR A 309 16.83 -11.83 -28.24
CA TYR A 309 16.77 -10.38 -28.01
C TYR A 309 18.15 -9.72 -28.03
N TYR A 310 19.19 -10.40 -27.54
CA TYR A 310 20.55 -9.83 -27.59
C TYR A 310 20.97 -9.55 -29.04
N ASN A 311 20.60 -10.45 -29.94
CA ASN A 311 20.93 -10.30 -31.36
C ASN A 311 20.19 -9.17 -32.04
N LEU A 312 19.00 -8.85 -31.55
CA LEU A 312 18.22 -7.75 -32.10
C LEU A 312 18.66 -6.40 -31.55
N GLY A 313 18.95 -6.34 -30.25
CA GLY A 313 19.26 -5.06 -29.63
C GLY A 313 19.77 -5.18 -28.22
N CYS A 314 21.06 -4.92 -28.04
CA CYS A 314 21.64 -4.83 -26.72
C CYS A 314 23.01 -4.19 -26.74
N ILE A 315 23.48 -3.82 -25.55
CA ILE A 315 24.89 -3.58 -25.30
C ILE A 315 25.48 -4.88 -24.77
N ASP A 316 26.62 -5.29 -25.33
CA ASP A 316 27.27 -6.55 -24.98
C ASP A 316 28.69 -6.20 -24.57
N VAL A 317 28.92 -6.13 -23.26
CA VAL A 317 30.20 -5.75 -22.70
C VAL A 317 31.11 -6.98 -22.70
N ASP A 318 32.31 -6.82 -23.25
CA ASP A 318 33.28 -7.92 -23.31
C ASP A 318 34.01 -8.03 -21.98
N GLY A 319 33.51 -8.94 -21.15
CA GLY A 319 34.09 -9.17 -19.83
C GLY A 319 35.46 -9.83 -19.84
N SER A 320 35.88 -10.34 -21.00
CA SER A 320 37.23 -10.91 -21.15
C SER A 320 38.30 -9.84 -21.46
N SER A 321 37.87 -8.59 -21.68
CA SER A 321 38.81 -7.51 -21.97
C SER A 321 39.62 -7.11 -20.75
N PRO A 322 40.97 -7.22 -20.82
CA PRO A 322 41.79 -6.82 -19.66
C PRO A 322 41.53 -5.39 -19.15
N ASP A 323 41.22 -4.46 -20.05
CA ASP A 323 40.95 -3.07 -19.67
C ASP A 323 39.63 -2.86 -18.90
N LEU A 324 38.76 -3.87 -18.84
CA LEU A 324 37.53 -3.80 -18.04
C LEU A 324 37.57 -4.59 -16.73
N GLN A 325 38.57 -5.43 -16.52
CA GLN A 325 38.66 -6.23 -15.29
C GLN A 325 38.60 -5.34 -14.06
N GLY A 326 37.70 -5.68 -13.12
CA GLY A 326 37.55 -4.93 -11.87
C GLY A 326 36.98 -3.53 -11.98
N LYS A 327 36.40 -3.20 -13.14
CA LYS A 327 35.93 -1.83 -13.41
C LYS A 327 34.46 -1.85 -13.79
N THR A 328 33.88 -0.66 -13.84
CA THR A 328 32.51 -0.50 -14.34
C THR A 328 32.56 -0.07 -15.81
N ALA A 329 31.73 -0.72 -16.64
CA ALA A 329 31.76 -0.50 -18.11
C ALA A 329 31.38 0.92 -18.52
N PHE A 330 30.33 1.46 -17.88
CA PHE A 330 29.88 2.82 -18.10
C PHE A 330 30.00 3.61 -16.81
N ILE A 331 30.67 4.77 -16.88
CA ILE A 331 30.76 5.67 -15.73
C ILE A 331 30.11 7.01 -16.03
N ASN A 332 29.80 7.77 -14.96
CA ASN A 332 29.22 9.11 -15.06
C ASN A 332 27.91 9.17 -15.83
N CYS A 333 27.06 8.18 -15.61
CA CYS A 333 25.75 8.15 -16.22
C CYS A 333 24.91 9.33 -15.72
N GLY A 334 24.13 9.92 -16.62
CA GLY A 334 23.17 10.94 -16.26
C GLY A 334 21.95 10.34 -15.57
N PRO A 335 20.85 11.11 -15.49
CA PRO A 335 19.70 10.71 -14.67
C PRO A 335 18.72 9.74 -15.32
N THR A 336 19.11 9.12 -16.44
CA THR A 336 18.23 8.25 -17.21
C THR A 336 18.97 6.97 -17.58
N ILE A 337 18.36 5.83 -17.28
CA ILE A 337 18.71 4.56 -17.91
C ILE A 337 17.37 3.92 -18.28
N GLN A 338 17.13 3.71 -19.57
CA GLN A 338 15.83 3.20 -19.98
C GLN A 338 15.85 2.42 -21.28
N ASN A 339 14.86 1.54 -21.44
CA ASN A 339 14.58 0.88 -22.71
C ASN A 339 15.81 0.11 -23.20
N LEU A 340 16.42 -0.65 -22.31
CA LEU A 340 17.79 -1.14 -22.51
C LEU A 340 17.93 -2.61 -22.16
N THR A 341 18.65 -3.33 -23.00
CA THR A 341 19.13 -4.67 -22.72
C THR A 341 20.65 -4.61 -22.73
N ALA A 342 21.29 -5.10 -21.66
CA ALA A 342 22.74 -5.08 -21.58
C ALA A 342 23.26 -6.33 -20.89
N ARG A 343 24.22 -7.00 -21.53
CA ARG A 343 24.86 -8.18 -20.97
C ARG A 343 26.35 -8.02 -20.90
N CYS A 344 26.97 -8.88 -20.10
CA CYS A 344 28.42 -9.03 -20.06
C CYS A 344 28.73 -10.45 -20.50
N SER A 345 29.52 -10.57 -21.57
CA SER A 345 29.93 -11.86 -22.12
C SER A 345 31.33 -12.21 -21.62
N ASN A 346 31.52 -13.47 -21.22
CA ASN A 346 32.85 -13.99 -20.86
C ASN A 346 33.54 -13.21 -19.75
N GLY A 347 32.77 -12.81 -18.74
CA GLY A 347 33.27 -12.00 -17.64
C GLY A 347 33.32 -12.71 -16.29
N ALA A 348 33.09 -14.02 -16.27
CA ALA A 348 33.08 -14.80 -15.02
C ALA A 348 34.41 -14.63 -14.30
N GLY A 349 34.34 -14.22 -13.03
CA GLY A 349 35.52 -13.99 -12.21
C GLY A 349 36.27 -12.71 -12.46
N LYS A 350 35.86 -11.91 -13.44
CA LYS A 350 36.59 -10.70 -13.83
C LYS A 350 36.07 -9.42 -13.18
N GLN A 351 34.99 -9.54 -12.40
CA GLN A 351 34.45 -8.41 -11.62
C GLN A 351 34.18 -7.18 -12.49
N VAL A 352 33.47 -7.38 -13.59
CA VAL A 352 33.09 -6.29 -14.47
C VAL A 352 31.67 -5.89 -14.09
N SER A 353 31.50 -4.63 -13.71
CA SER A 353 30.17 -4.08 -13.36
C SER A 353 29.64 -3.28 -14.54
N PHE A 354 28.33 -3.03 -14.56
CA PHE A 354 27.73 -2.42 -15.76
C PHE A 354 27.79 -0.90 -15.79
N ILE A 355 27.15 -0.24 -14.83
CA ILE A 355 26.97 1.21 -14.91
C ILE A 355 26.99 1.91 -13.56
N GLU A 356 27.64 3.07 -13.52
CA GLU A 356 27.66 3.94 -12.36
C GLU A 356 26.76 5.13 -12.59
N ILE A 357 25.85 5.39 -11.64
CA ILE A 357 24.88 6.47 -11.73
C ILE A 357 24.78 7.14 -10.36
N ASP A 358 24.71 8.46 -10.34
CA ASP A 358 24.62 9.17 -9.07
C ASP A 358 23.27 8.94 -8.41
N GLY A 359 23.27 8.88 -7.09
CA GLY A 359 22.05 8.62 -6.33
C GLY A 359 21.04 9.76 -6.30
N TYR A 360 21.46 10.99 -6.59
CA TYR A 360 20.57 12.15 -6.58
C TYR A 360 19.95 12.37 -7.95
N LEU A 361 18.63 12.18 -8.01
CA LEU A 361 17.81 12.40 -9.22
C LEU A 361 18.13 11.37 -10.31
N ALA A 362 17.40 10.27 -10.28
CA ALA A 362 17.49 9.25 -11.32
C ALA A 362 16.12 8.69 -11.64
N ASN A 363 15.93 8.39 -12.93
CA ASN A 363 14.81 7.59 -13.42
C ASN A 363 15.39 6.42 -14.20
N ILE A 364 15.29 5.23 -13.63
CA ILE A 364 15.72 4.00 -14.28
C ILE A 364 14.49 3.17 -14.55
N ASP A 365 14.22 2.81 -15.80
CA ASP A 365 13.03 2.04 -16.10
C ASP A 365 13.15 1.20 -17.35
N HIS A 366 12.51 0.03 -17.33
CA HIS A 366 12.42 -0.85 -18.50
C HIS A 366 13.80 -1.28 -18.95
N ILE A 367 14.49 -1.99 -18.08
CA ILE A 367 15.82 -2.50 -18.38
C ILE A 367 15.91 -4.00 -18.13
N THR A 368 16.83 -4.64 -18.85
CA THR A 368 17.15 -6.04 -18.68
C THR A 368 18.68 -6.11 -18.63
N LEU A 369 19.22 -6.56 -17.50
CA LEU A 369 20.67 -6.66 -17.33
C LEU A 369 21.05 -8.12 -17.03
N ILE A 370 22.11 -8.57 -17.69
CA ILE A 370 22.48 -9.99 -17.72
C ILE A 370 23.97 -10.13 -17.39
N ASN A 371 24.26 -10.92 -16.36
CA ASN A 371 25.62 -11.11 -15.83
C ASN A 371 26.12 -9.81 -15.17
N PHE A 372 27.42 -9.54 -15.24
CA PHE A 372 28.09 -8.46 -14.50
C PHE A 372 28.25 -8.83 -13.02
N TYR A 373 29.15 -8.11 -12.36
CA TYR A 373 29.46 -8.27 -10.96
C TYR A 373 28.41 -7.51 -10.15
N ASN A 374 28.49 -6.19 -10.19
CA ASN A 374 27.39 -5.32 -9.77
C ASN A 374 26.72 -4.79 -11.03
N GLN A 375 25.40 -4.92 -11.12
CA GLN A 375 24.72 -4.47 -12.34
C GLN A 375 24.51 -2.96 -12.33
N ILE A 376 23.89 -2.45 -11.28
CA ILE A 376 23.72 -1.02 -11.08
C ILE A 376 24.60 -0.60 -9.90
N VAL A 377 25.52 0.32 -10.14
CA VAL A 377 26.41 0.84 -9.11
C VAL A 377 25.96 2.26 -8.81
N VAL A 378 25.37 2.45 -7.65
CA VAL A 378 24.91 3.76 -7.24
C VAL A 378 26.06 4.49 -6.60
N LYS A 379 26.33 5.70 -7.08
CA LYS A 379 27.37 6.54 -6.49
C LYS A 379 26.75 7.52 -5.52
N GLN A 380 27.50 7.84 -4.47
CA GLN A 380 27.02 8.60 -3.33
C GLN A 380 25.76 7.95 -2.73
N ALA A 381 24.72 8.71 -2.40
CA ALA A 381 23.54 8.15 -1.72
C ALA A 381 22.27 8.47 -2.48
N LEU A 382 21.27 7.60 -2.32
CA LEU A 382 19.98 7.84 -2.96
C LEU A 382 19.33 9.11 -2.44
N VAL A 383 18.69 9.84 -3.35
CA VAL A 383 17.70 10.86 -3.00
C VAL A 383 16.96 11.22 -4.28
N GLY A 384 15.64 11.04 -4.28
CA GLY A 384 14.86 11.23 -5.50
C GLY A 384 15.29 10.26 -6.59
N PHE A 385 15.45 9.00 -6.21
CA PHE A 385 16.00 7.94 -7.06
C PHE A 385 14.90 6.94 -7.35
N ASN A 386 14.48 6.85 -8.61
CA ASN A 386 13.36 6.00 -8.99
C ASN A 386 13.78 4.91 -9.96
N PHE A 387 13.45 3.67 -9.61
CA PHE A 387 13.93 2.48 -10.28
C PHE A 387 12.72 1.55 -10.45
N THR A 388 12.40 1.20 -11.69
CA THR A 388 11.24 0.33 -11.94
C THR A 388 11.36 -0.54 -13.18
N ASN A 389 10.72 -1.70 -13.15
CA ASN A 389 10.52 -2.55 -14.31
C ASN A 389 11.86 -3.03 -14.87
N ALA A 390 12.52 -3.89 -14.10
CA ALA A 390 13.86 -4.35 -14.38
C ALA A 390 13.94 -5.86 -14.20
N TRP A 391 14.58 -6.51 -15.17
CA TRP A 391 14.87 -7.94 -15.11
C TRP A 391 16.38 -8.05 -14.96
N LEU A 392 16.80 -8.44 -13.76
CA LEU A 392 18.20 -8.38 -13.34
C LEU A 392 18.66 -9.80 -13.07
N TYR A 393 19.30 -10.39 -14.07
CA TYR A 393 19.62 -11.82 -14.07
C TYR A 393 21.13 -12.06 -13.98
N TYR A 394 21.49 -13.05 -13.17
CA TYR A 394 22.83 -13.64 -13.15
C TYR A 394 23.94 -12.73 -12.63
N SER A 395 23.62 -11.69 -11.87
CA SER A 395 24.68 -10.87 -11.26
C SER A 395 25.55 -11.73 -10.34
N GLN A 396 26.83 -11.42 -10.28
CA GLN A 396 27.78 -12.20 -9.48
C GLN A 396 27.88 -11.72 -8.04
N ASN A 397 27.58 -10.45 -7.80
CA ASN A 397 27.66 -9.86 -6.46
C ASN A 397 26.35 -9.19 -6.03
N ALA A 398 25.83 -8.30 -6.87
CA ALA A 398 24.60 -7.57 -6.55
C ALA A 398 23.90 -7.05 -7.80
N GLY A 399 22.58 -7.05 -7.78
CA GLY A 399 21.80 -6.38 -8.82
C GLY A 399 21.99 -4.87 -8.72
N ILE A 400 21.87 -4.35 -7.50
CA ILE A 400 22.02 -2.94 -7.21
C ILE A 400 22.94 -2.82 -5.99
N TYR A 401 23.99 -2.03 -6.12
CA TYR A 401 24.96 -1.80 -5.06
C TYR A 401 25.11 -0.31 -4.76
N CYS A 402 24.95 0.05 -3.49
CA CYS A 402 25.19 1.41 -3.02
C CYS A 402 26.14 1.42 -1.83
N GLU A 403 27.39 1.80 -2.10
CA GLU A 403 28.43 1.87 -1.07
C GLU A 403 28.20 3.00 -0.07
N ASP A 404 27.82 4.17 -0.59
CA ASP A 404 27.68 5.40 0.18
C ASP A 404 28.94 5.64 1.04
N PRO A 405 30.12 5.77 0.40
CA PRO A 405 31.39 5.85 1.14
C PRO A 405 31.48 7.00 2.16
N LEU A 406 30.80 8.12 1.91
CA LEU A 406 30.81 9.28 2.80
C LEU A 406 29.69 9.27 3.85
N ASN A 407 28.90 8.18 3.89
CA ASN A 407 27.78 8.06 4.82
C ASN A 407 26.83 9.27 4.75
N ARG A 408 26.45 9.64 3.54
CA ARG A 408 25.48 10.70 3.33
C ARG A 408 24.07 10.33 3.83
N VAL A 409 23.78 9.03 3.84
CA VAL A 409 22.48 8.43 4.21
C VAL A 409 21.53 8.54 3.04
N SER A 410 21.14 7.38 2.50
CA SER A 410 20.22 7.30 1.38
C SER A 410 18.79 7.56 1.82
N THR A 411 18.06 8.31 0.99
CA THR A 411 16.64 8.55 1.23
C THR A 411 15.84 8.43 -0.07
N THR A 412 14.53 8.36 0.10
CA THR A 412 13.57 8.62 -0.98
C THR A 412 13.91 7.96 -2.32
N GLY A 413 14.28 6.67 -2.23
CA GLY A 413 14.49 5.81 -3.38
C GLY A 413 13.31 4.86 -3.54
N THR A 414 12.87 4.66 -4.78
CA THR A 414 11.78 3.72 -5.06
C THR A 414 12.29 2.59 -5.95
N PHE A 415 11.86 1.37 -5.61
CA PHE A 415 12.32 0.15 -6.27
C PHE A 415 11.12 -0.74 -6.49
N HIS A 416 10.60 -0.74 -7.73
CA HIS A 416 9.35 -1.40 -8.06
C HIS A 416 9.50 -2.35 -9.24
N ASN A 417 8.77 -3.45 -9.21
CA ASN A 417 8.66 -4.33 -10.38
C ASN A 417 10.03 -4.82 -10.84
N ILE A 418 10.80 -5.37 -9.91
CA ILE A 418 12.14 -5.88 -10.20
C ILE A 418 12.16 -7.39 -10.01
N TYR A 419 12.66 -8.08 -11.04
CA TYR A 419 12.82 -9.53 -11.04
C TYR A 419 14.32 -9.82 -10.96
N PHE A 420 14.76 -10.27 -9.79
CA PHE A 420 16.14 -10.69 -9.58
C PHE A 420 16.17 -12.22 -9.71
N GLN A 421 16.94 -12.75 -10.67
CA GLN A 421 16.98 -14.19 -10.88
C GLN A 421 18.41 -14.72 -11.02
N LEU A 422 18.70 -15.79 -10.29
CA LEU A 422 19.94 -16.59 -10.49
C LEU A 422 21.25 -15.81 -10.33
N GLY A 423 21.24 -14.85 -9.41
CA GLY A 423 22.43 -14.14 -8.99
C GLY A 423 23.22 -14.94 -7.96
N ASP A 424 24.55 -14.86 -8.04
CA ASP A 424 25.43 -15.56 -7.09
C ASP A 424 25.52 -14.86 -5.73
N GLY A 425 25.07 -13.61 -5.66
CA GLY A 425 25.12 -12.82 -4.44
C GLY A 425 23.73 -12.35 -4.05
N HIS A 426 23.62 -11.06 -3.75
CA HIS A 426 22.39 -10.45 -3.26
C HIS A 426 21.62 -9.77 -4.38
N ALA A 427 20.35 -9.46 -4.11
CA ALA A 427 19.58 -8.60 -4.99
C ALA A 427 20.09 -7.16 -4.87
N MET A 428 20.11 -6.64 -3.66
CA MET A 428 20.54 -5.28 -3.37
C MET A 428 21.43 -5.26 -2.14
N ILE A 429 22.52 -4.50 -2.20
CA ILE A 429 23.43 -4.30 -1.09
C ILE A 429 23.61 -2.81 -0.86
N PHE A 430 23.20 -2.36 0.32
CA PHE A 430 23.52 -1.04 0.84
C PHE A 430 24.56 -1.25 1.94
N ASP A 431 25.78 -0.75 1.75
CA ASP A 431 26.80 -0.88 2.82
C ASP A 431 26.42 -0.09 4.08
N ARG A 432 25.61 0.95 3.93
CA ARG A 432 25.23 1.80 5.04
C ARG A 432 23.70 1.95 5.14
N ASP A 433 23.19 3.18 5.19
CA ASP A 433 21.85 3.46 5.76
C ASP A 433 20.85 3.90 4.72
N VAL A 434 19.60 3.43 4.87
CA VAL A 434 18.52 3.70 3.95
C VAL A 434 17.29 4.16 4.74
N HIS A 435 16.77 5.34 4.39
CA HIS A 435 15.59 5.94 5.05
C HIS A 435 14.52 6.28 4.03
N GLY A 436 13.26 6.04 4.34
CA GLY A 436 12.18 6.57 3.51
C GLY A 436 12.11 6.05 2.09
N CYS A 437 12.67 4.87 1.86
CA CYS A 437 12.66 4.23 0.55
C CYS A 437 11.49 3.27 0.44
N ASP A 438 11.09 2.98 -0.79
CA ASP A 438 9.93 2.13 -1.07
C ASP A 438 10.34 0.98 -1.95
N PHE A 439 9.90 -0.23 -1.59
CA PHE A 439 10.22 -1.46 -2.31
C PHE A 439 8.90 -2.21 -2.52
N ASP A 440 8.56 -2.55 -3.76
CA ASP A 440 7.26 -3.20 -4.04
C ASP A 440 7.30 -4.06 -5.30
N ASN A 441 6.62 -5.20 -5.25
CA ASN A 441 6.51 -6.12 -6.38
C ASN A 441 7.87 -6.55 -6.88
N ILE A 442 8.61 -7.11 -5.95
CA ILE A 442 9.95 -7.60 -6.18
C ILE A 442 9.96 -9.12 -6.11
N ILE A 443 10.77 -9.73 -6.96
CA ILE A 443 10.92 -11.16 -7.04
C ILE A 443 12.39 -11.50 -6.81
N PHE A 444 12.62 -12.46 -5.91
CA PHE A 444 13.94 -13.10 -5.75
C PHE A 444 13.76 -14.54 -6.15
N GLU A 445 14.35 -14.97 -7.26
CA GLU A 445 14.29 -16.36 -7.70
C GLU A 445 15.70 -16.93 -7.79
N SER A 446 16.00 -17.90 -6.94
CA SER A 446 17.34 -18.53 -6.91
C SER A 446 18.46 -17.50 -6.82
N MET A 447 18.33 -16.57 -5.87
CA MET A 447 19.40 -15.66 -5.48
C MET A 447 20.14 -16.26 -4.29
N ASN A 448 21.26 -15.65 -3.89
CA ASN A 448 21.94 -16.03 -2.63
C ASN A 448 21.80 -14.98 -1.54
N GLY A 449 20.83 -14.09 -1.70
CA GLY A 449 20.60 -13.03 -0.74
C GLY A 449 19.56 -12.08 -1.28
N GLY A 450 18.84 -11.42 -0.37
CA GLY A 450 17.79 -10.48 -0.75
C GLY A 450 18.32 -9.06 -0.73
N ILE A 451 17.69 -8.22 0.07
CA ILE A 451 18.13 -6.86 0.31
C ILE A 451 18.93 -6.85 1.60
N LYS A 452 20.15 -6.34 1.54
CA LYS A 452 21.02 -6.21 2.70
C LYS A 452 21.36 -4.76 2.91
N ALA A 453 21.31 -4.31 4.16
CA ALA A 453 21.66 -2.95 4.54
C ALA A 453 22.17 -2.92 5.96
N ARG A 454 22.87 -1.85 6.31
CA ARG A 454 23.27 -1.62 7.70
C ARG A 454 22.09 -1.16 8.54
N THR A 455 21.36 -0.19 8.01
CA THR A 455 20.23 0.44 8.67
C THR A 455 19.10 0.61 7.68
N VAL A 456 17.89 0.27 8.13
CA VAL A 456 16.67 0.42 7.33
C VAL A 456 15.65 1.10 8.23
N ALA A 457 15.38 2.37 7.93
CA ALA A 457 14.58 3.24 8.77
C ALA A 457 13.43 3.82 7.97
N HIS A 458 12.22 3.68 8.49
CA HIS A 458 11.05 4.31 7.87
C HIS A 458 10.92 4.02 6.37
N CYS A 459 11.18 2.77 6.00
CA CYS A 459 11.00 2.32 4.62
C CYS A 459 9.68 1.57 4.46
N GLY A 460 9.16 1.58 3.24
CA GLY A 460 7.99 0.79 2.87
C GLY A 460 8.40 -0.44 2.09
N PHE A 461 7.81 -1.57 2.46
CA PHE A 461 7.98 -2.83 1.75
C PHE A 461 6.62 -3.38 1.42
N GLY A 462 6.41 -3.66 0.14
CA GLY A 462 5.18 -4.21 -0.37
C GLY A 462 5.33 -5.68 -0.64
N LYS A 463 4.86 -6.11 -1.82
CA LYS A 463 4.85 -7.53 -2.14
C LYS A 463 6.21 -8.02 -2.60
N PHE A 464 6.64 -9.14 -2.03
CA PHE A 464 7.86 -9.85 -2.39
C PHE A 464 7.51 -11.31 -2.65
N TRP A 465 8.11 -11.85 -3.70
CA TRP A 465 8.01 -13.27 -4.03
C TRP A 465 9.41 -13.84 -3.99
N CYS A 466 9.69 -14.66 -2.98
CA CYS A 466 11.04 -15.15 -2.72
C CYS A 466 11.03 -16.66 -2.87
N GLU A 467 11.65 -17.14 -3.95
CA GLU A 467 11.56 -18.55 -4.31
C GLU A 467 12.91 -19.14 -4.69
N ASN A 468 13.42 -19.98 -3.79
CA ASN A 468 14.65 -20.75 -3.98
C ASN A 468 15.91 -19.92 -3.86
N LEU A 469 16.99 -20.61 -3.49
CA LEU A 469 18.30 -20.02 -3.33
C LEU A 469 19.24 -20.72 -4.30
N LYS A 470 20.24 -19.99 -4.79
CA LYS A 470 21.14 -20.54 -5.82
C LYS A 470 22.03 -21.64 -5.25
N THR A 471 22.79 -21.28 -4.22
CA THR A 471 23.65 -22.22 -3.48
C THR A 471 23.49 -22.15 -1.95
N ALA A 472 23.02 -21.03 -1.41
CA ALA A 472 22.75 -20.90 0.03
C ALA A 472 21.62 -21.82 0.48
N THR A 473 21.59 -22.10 1.78
CA THR A 473 20.56 -22.97 2.36
C THR A 473 19.44 -22.18 3.03
N SER A 474 19.78 -21.03 3.62
CA SER A 474 18.80 -20.20 4.32
C SER A 474 19.21 -18.73 4.26
N LYS A 475 18.31 -17.84 3.84
CA LYS A 475 18.58 -16.40 3.82
C LYS A 475 17.32 -15.62 4.14
N ASP A 476 17.47 -14.54 4.90
CA ASP A 476 16.36 -13.61 5.13
C ASP A 476 16.14 -12.78 3.87
N TRP A 477 14.88 -12.51 3.55
CA TRP A 477 14.57 -11.69 2.38
C TRP A 477 15.08 -10.25 2.55
N LEU A 478 15.08 -9.79 3.81
CA LEU A 478 15.61 -8.50 4.23
C LEU A 478 16.56 -8.75 5.39
N GLU A 479 17.80 -8.30 5.22
CA GLU A 479 18.89 -8.53 6.15
C GLU A 479 19.43 -7.16 6.58
N VAL A 480 19.21 -6.80 7.83
CA VAL A 480 19.66 -5.51 8.36
C VAL A 480 20.67 -5.80 9.45
N THR A 481 21.90 -5.33 9.28
CA THR A 481 23.02 -5.81 10.12
C THR A 481 23.21 -5.04 11.43
N GLY A 482 22.78 -3.78 11.47
CA GLY A 482 22.99 -2.93 12.63
C GLY A 482 22.07 -3.25 13.81
N ALA A 483 22.60 -3.16 15.02
CA ALA A 483 21.82 -3.42 16.23
C ALA A 483 20.77 -2.32 16.41
N ASN A 484 19.50 -2.74 16.55
CA ASN A 484 18.36 -1.80 16.61
C ASN A 484 18.31 -0.81 15.45
N SER A 485 18.83 -1.24 14.30
CA SER A 485 18.96 -0.38 13.13
C SER A 485 17.91 -0.65 12.07
N CYS A 486 16.98 -1.56 12.36
CA CYS A 486 15.81 -1.76 11.53
C CYS A 486 14.60 -1.28 12.32
N TYR A 487 14.05 -0.14 11.93
CA TYR A 487 12.95 0.48 12.69
C TYR A 487 12.10 1.40 11.84
N GLY A 488 10.86 1.63 12.29
CA GLY A 488 10.01 2.62 11.67
C GLY A 488 9.38 2.19 10.36
N ASN A 489 9.49 0.90 10.03
CA ASN A 489 9.15 0.43 8.69
C ASN A 489 7.70 0.04 8.54
N SER A 490 7.29 -0.07 7.28
CA SER A 490 5.99 -0.58 6.90
C SER A 490 6.20 -1.85 6.09
N PHE A 491 5.87 -3.00 6.67
CA PHE A 491 5.95 -4.28 5.98
C PHE A 491 4.51 -4.62 5.60
N THR A 492 4.01 -3.96 4.57
CA THR A 492 2.56 -3.96 4.28
C THR A 492 2.14 -4.67 3.00
N GLY A 493 2.99 -5.56 2.50
CA GLY A 493 2.60 -6.52 1.48
C GLY A 493 2.93 -7.92 1.93
N TYR A 494 2.28 -8.91 1.32
CA TYR A 494 2.61 -10.29 1.60
C TYR A 494 4.01 -10.62 1.09
N VAL A 495 4.80 -11.28 1.92
CA VAL A 495 6.11 -11.81 1.53
C VAL A 495 6.00 -13.32 1.38
N LYS A 496 6.03 -13.80 0.15
CA LYS A 496 6.02 -15.22 -0.17
C LYS A 496 7.41 -15.79 0.01
N LEU A 497 7.52 -16.88 0.79
CA LEU A 497 8.79 -17.50 1.11
C LEU A 497 8.76 -18.96 0.70
N LEU A 498 9.64 -19.35 -0.23
CA LEU A 498 9.73 -20.73 -0.70
C LEU A 498 11.17 -21.15 -0.87
N GLY A 499 11.47 -22.40 -0.52
CA GLY A 499 12.76 -22.99 -0.83
C GLY A 499 13.98 -22.47 -0.06
N GLY A 500 13.77 -21.94 1.14
CA GLY A 500 14.88 -21.56 2.01
C GLY A 500 14.84 -20.14 2.53
N TRP A 501 14.06 -19.29 1.87
CA TRP A 501 13.92 -17.91 2.31
C TRP A 501 13.21 -17.84 3.65
N THR A 502 13.70 -16.95 4.51
CA THR A 502 13.12 -16.71 5.83
C THR A 502 12.82 -15.23 5.97
N SER A 503 12.15 -14.88 7.06
CA SER A 503 11.75 -13.49 7.31
C SER A 503 11.86 -13.17 8.79
N LYS A 504 12.33 -11.96 9.07
CA LYS A 504 12.30 -11.40 10.42
C LYS A 504 11.19 -10.34 10.56
N THR A 505 10.23 -10.32 9.64
CA THR A 505 9.20 -9.27 9.60
C THR A 505 7.75 -9.77 9.64
N SER A 506 7.52 -11.07 9.74
CA SER A 506 6.17 -11.61 9.73
C SER A 506 5.38 -11.10 10.93
N PRO A 507 4.08 -10.83 10.74
CA PRO A 507 3.25 -10.45 11.89
C PRO A 507 3.23 -11.49 13.02
N THR A 508 3.36 -12.77 12.67
CA THR A 508 3.28 -13.85 13.63
C THR A 508 4.61 -14.17 14.34
N LEU A 509 5.70 -13.54 13.93
CA LEU A 509 7.00 -13.75 14.55
C LEU A 509 7.00 -13.23 15.99
N ASP A 510 7.51 -14.04 16.90
CA ASP A 510 7.62 -13.62 18.29
C ASP A 510 8.61 -12.45 18.38
N SER A 511 8.33 -11.55 19.31
CA SER A 511 9.23 -10.44 19.55
C SER A 511 10.42 -10.87 20.39
N LEU A 512 11.51 -10.15 20.22
CA LEU A 512 12.72 -10.25 21.02
C LEU A 512 12.78 -9.06 21.97
N PRO A 513 13.58 -9.16 23.04
CA PRO A 513 13.75 -7.99 23.92
C PRO A 513 14.45 -6.81 23.24
N THR A 514 15.26 -7.09 22.22
CA THR A 514 15.94 -6.06 21.46
C THR A 514 16.25 -6.61 20.07
N ASN A 515 16.60 -5.70 19.15
CA ASN A 515 16.94 -6.05 17.76
CA ASN A 515 16.91 -5.99 17.75
C ASN A 515 15.77 -6.64 16.96
N ASN A 516 14.54 -6.26 17.29
CA ASN A 516 13.44 -6.61 16.39
C ASN A 516 13.58 -5.81 15.11
N TYR A 517 13.06 -6.35 14.02
CA TYR A 517 12.91 -5.57 12.80
C TYR A 517 11.66 -4.72 13.01
N GLY A 518 11.88 -3.49 13.45
CA GLY A 518 10.81 -2.61 13.89
C GLY A 518 9.94 -2.11 12.78
N GLY A 519 8.63 -2.15 13.02
CA GLY A 519 7.66 -1.64 12.09
C GLY A 519 6.28 -2.23 12.28
N VAL A 520 5.38 -1.77 11.43
CA VAL A 520 4.04 -2.31 11.32
C VAL A 520 4.11 -3.37 10.24
N SER A 521 3.41 -4.50 10.43
CA SER A 521 3.38 -5.58 9.46
C SER A 521 1.91 -5.91 9.20
N VAL A 522 1.50 -5.84 7.93
CA VAL A 522 0.12 -6.05 7.55
C VAL A 522 0.08 -6.98 6.35
N SER A 523 -0.56 -8.13 6.53
CA SER A 523 -0.84 -9.07 5.44
C SER A 523 -1.92 -10.02 5.92
N ALA A 524 -2.28 -10.98 5.08
CA ALA A 524 -3.21 -12.03 5.50
C ALA A 524 -2.69 -12.88 6.67
N GLU A 525 -1.37 -12.83 6.93
CA GLU A 525 -0.78 -13.50 8.09
C GLU A 525 -1.14 -12.86 9.41
N GLY A 526 -1.50 -11.58 9.39
CA GLY A 526 -1.76 -10.84 10.61
C GLY A 526 -1.51 -9.36 10.48
N ILE A 527 -1.98 -8.63 11.47
CA ILE A 527 -1.76 -7.20 11.59
C ILE A 527 -0.99 -7.01 12.88
N SER A 528 0.25 -6.55 12.79
CA SER A 528 1.09 -6.42 13.98
C SER A 528 1.89 -5.14 14.00
N ILE A 529 2.39 -4.80 15.16
CA ILE A 529 3.26 -3.65 15.32
C ILE A 529 4.26 -3.90 16.44
N VAL A 530 5.52 -3.55 16.19
CA VAL A 530 6.64 -3.81 17.10
C VAL A 530 7.67 -2.72 16.93
N ASN A 531 8.38 -2.38 18.01
CA ASN A 531 9.56 -1.50 17.94
C ASN A 531 10.83 -2.32 18.03
N ALA A 532 11.94 -1.76 17.55
CA ALA A 532 13.20 -2.50 17.51
C ALA A 532 13.69 -2.91 18.90
N GLY A 533 13.71 -1.97 19.83
CA GLY A 533 14.42 -2.13 21.11
C GLY A 533 13.61 -2.55 22.33
N ASN A 534 12.48 -3.21 22.10
CA ASN A 534 11.58 -3.60 23.20
C ASN A 534 10.78 -4.84 22.82
N LYS A 535 10.41 -5.62 23.84
CA LYS A 535 9.67 -6.88 23.69
C LYS A 535 8.20 -6.67 23.27
N ALA A 536 7.65 -5.47 23.46
CA ALA A 536 6.23 -5.24 23.18
C ALA A 536 5.89 -5.50 21.72
N LYS A 537 4.83 -6.27 21.48
CA LYS A 537 4.33 -6.49 20.12
C LYS A 537 2.86 -6.89 20.22
N MET A 538 2.01 -6.22 19.44
CA MET A 538 0.60 -6.57 19.37
C MET A 538 0.32 -7.14 18.01
N LEU A 539 -0.56 -8.15 17.98
CA LEU A 539 -0.91 -8.87 16.77
C LEU A 539 -2.42 -9.09 16.77
N MET A 540 -3.08 -8.73 15.68
CA MET A 540 -4.50 -9.03 15.47
C MET A 540 -4.62 -10.10 14.39
N LEU A 541 -5.41 -11.13 14.69
CA LEU A 541 -5.68 -12.27 13.83
C LEU A 541 -7.20 -12.49 13.80
N PRO A 542 -7.68 -13.40 12.93
CA PRO A 542 -9.13 -13.66 12.90
C PRO A 542 -9.72 -14.04 14.26
N SER A 543 -8.94 -14.69 15.11
CA SER A 543 -9.38 -15.18 16.43
C SER A 543 -9.38 -14.13 17.53
N GLY A 544 -8.63 -13.05 17.35
CA GLY A 544 -8.48 -12.04 18.40
C GLY A 544 -7.08 -11.49 18.41
N PHE A 545 -6.48 -11.44 19.59
CA PHE A 545 -5.24 -10.71 19.79
C PHE A 545 -4.16 -11.55 20.44
N LYS A 546 -2.91 -11.23 20.09
CA LYS A 546 -1.74 -11.82 20.73
C LYS A 546 -0.75 -10.73 21.09
N THR A 547 -0.09 -10.91 22.24
CA THR A 547 0.88 -9.96 22.75
C THR A 547 2.23 -10.65 22.92
N GLY A 548 3.29 -9.89 22.71
CA GLY A 548 4.67 -10.39 22.84
C GLY A 548 5.30 -10.23 24.21
N ASN A 549 4.67 -9.46 25.10
CA ASN A 549 5.23 -9.16 26.45
C ASN A 549 4.31 -9.54 27.61
N ALA A 550 3.37 -10.44 27.36
CA ALA A 550 2.41 -10.97 28.35
C ALA A 550 1.52 -9.88 28.98
N THR A 551 1.34 -8.77 28.25
CA THR A 551 0.67 -7.59 28.77
C THR A 551 -0.13 -6.95 27.65
N ILE A 552 -1.32 -6.46 27.97
CA ILE A 552 -2.13 -5.68 27.03
C ILE A 552 -2.60 -4.45 27.78
N ASP A 553 -2.24 -3.27 27.29
CA ASP A 553 -2.70 -1.99 27.86
C ASP A 553 -3.95 -1.48 27.16
N GLU A 554 -4.81 -0.80 27.93
CA GLU A 554 -5.98 -0.08 27.41
C GLU A 554 -5.96 1.30 28.05
N THR A 555 -5.83 2.34 27.25
CA THR A 555 -5.79 3.70 27.78
C THR A 555 -6.29 4.72 26.77
N HIS A 556 -6.12 6.00 27.09
CA HIS A 556 -6.54 7.09 26.21
C HIS A 556 -5.45 7.39 25.18
N ILE A 557 -5.85 7.91 24.03
CA ILE A 557 -4.89 8.39 23.04
C ILE A 557 -4.14 9.59 23.61
N SER A 558 -4.87 10.52 24.23
CA SER A 558 -4.23 11.64 24.92
C SER A 558 -3.48 11.16 26.15
N SER A 559 -2.25 11.62 26.33
CA SER A 559 -1.47 11.31 27.52
C SER A 559 -1.93 12.11 28.75
N SER A 560 -2.68 13.19 28.55
CA SER A 560 -3.10 14.05 29.66
C SER A 560 -4.45 13.66 30.27
N THR A 561 -5.29 12.94 29.52
CA THR A 561 -6.61 12.54 30.01
C THR A 561 -6.47 11.50 31.12
N VAL A 562 -7.17 11.73 32.23
CA VAL A 562 -7.06 10.85 33.41
C VAL A 562 -8.41 10.36 33.91
N THR A 563 -9.40 10.33 33.03
CA THR A 563 -10.68 9.72 33.35
C THR A 563 -10.54 8.20 33.28
N PRO A 564 -11.47 7.47 33.89
CA PRO A 564 -11.51 6.03 33.61
C PRO A 564 -12.01 5.75 32.20
N LEU A 565 -11.87 4.50 31.77
CA LEU A 565 -12.51 4.03 30.55
C LEU A 565 -13.82 3.34 30.87
N VAL A 566 -14.69 3.26 29.89
CA VAL A 566 -15.86 2.39 29.96
C VAL A 566 -15.78 1.43 28.80
N LYS A 567 -15.92 0.15 29.08
CA LYS A 567 -16.00 -0.87 28.06
C LYS A 567 -17.45 -1.28 27.89
N ARG A 568 -17.88 -1.37 26.64
CA ARG A 568 -19.22 -1.78 26.31
C ARG A 568 -19.13 -3.12 25.59
N ARG A 569 -20.05 -4.03 25.91
CA ARG A 569 -20.00 -5.39 25.38
C ARG A 569 -21.41 -5.88 25.14
N VAL A 570 -21.63 -6.48 23.97
CA VAL A 570 -22.93 -7.06 23.65
C VAL A 570 -23.21 -8.23 24.60
N ILE A 571 -24.38 -8.20 25.24
CA ILE A 571 -24.77 -9.28 26.15
C ILE A 571 -26.15 -9.88 25.85
N GLY A 572 -26.85 -9.33 24.88
CA GLY A 572 -28.20 -9.79 24.57
C GLY A 572 -28.91 -8.79 23.69
N ALA A 573 -30.23 -8.81 23.76
CA ALA A 573 -31.08 -7.95 22.96
C ALA A 573 -32.00 -7.11 23.84
N ASP A 574 -32.38 -5.93 23.35
CA ASP A 574 -33.43 -5.14 23.99
C ASP A 574 -34.81 -5.68 23.53
N SER A 575 -35.89 -5.09 24.00
CA SER A 575 -37.23 -5.59 23.67
C SER A 575 -37.62 -5.48 22.19
N SER A 576 -36.97 -4.56 21.46
CA SER A 576 -37.15 -4.47 20.00
C SER A 576 -36.36 -5.52 19.21
N GLY A 577 -35.43 -6.22 19.89
CA GLY A 577 -34.59 -7.23 19.25
C GLY A 577 -33.25 -6.71 18.79
N ALA A 578 -32.96 -5.43 19.06
CA ALA A 578 -31.68 -4.82 18.72
C ALA A 578 -30.63 -5.24 19.75
N GLN A 579 -29.37 -5.24 19.34
CA GLN A 579 -28.25 -5.57 20.23
C GLN A 579 -28.22 -4.65 21.44
N TYR A 580 -28.02 -5.23 22.62
CA TYR A 580 -27.84 -4.43 23.82
C TYR A 580 -26.38 -4.55 24.24
N LEU A 581 -25.68 -3.41 24.23
CA LEU A 581 -24.30 -3.33 24.71
C LEU A 581 -24.32 -2.80 26.14
N ALA A 582 -23.82 -3.62 27.07
CA ALA A 582 -23.75 -3.27 28.47
C ALA A 582 -22.43 -2.58 28.78
N SER A 583 -22.44 -1.67 29.76
CA SER A 583 -21.26 -0.89 30.12
C SER A 583 -20.66 -1.34 31.44
N ASP A 584 -19.34 -1.45 31.50
CA ASP A 584 -18.65 -1.77 32.74
C ASP A 584 -18.22 -0.50 33.48
N THR A 585 -17.66 -0.72 34.67
CA THR A 585 -17.10 0.33 35.52
C THR A 585 -15.78 -0.16 36.06
N TYR A 586 -14.73 0.66 35.94
CA TYR A 586 -13.45 0.36 36.54
C TYR A 586 -12.79 1.69 36.91
N THR A 587 -13.09 2.12 38.12
CA THR A 587 -12.49 3.32 38.67
C THR A 587 -11.54 2.91 39.79
N LYS A 588 -10.94 3.90 40.45
CA LYS A 588 -10.13 3.60 41.62
C LYS A 588 -10.92 2.97 42.77
N LEU A 589 -12.23 3.22 42.81
CA LEU A 589 -13.08 2.79 43.91
C LEU A 589 -14.15 1.75 43.58
N SER A 590 -14.34 1.40 42.32
CA SER A 590 -15.45 0.54 41.90
C SER A 590 -15.11 -0.32 40.70
N ARG A 591 -15.45 -1.61 40.78
CA ARG A 591 -15.36 -2.53 39.65
C ARG A 591 -16.70 -3.21 39.49
N LYS A 592 -17.37 -2.93 38.37
CA LYS A 592 -18.68 -3.48 38.07
C LYS A 592 -18.81 -3.82 36.59
N TRP A 593 -19.78 -4.69 36.29
CA TRP A 593 -20.21 -4.97 34.93
C TRP A 593 -21.72 -4.78 34.87
N GLY A 594 -22.16 -3.89 33.99
CA GLY A 594 -23.58 -3.56 33.89
C GLY A 594 -24.38 -4.64 33.21
N THR A 595 -25.66 -4.65 33.50
CA THR A 595 -26.63 -5.45 32.75
C THR A 595 -27.95 -4.71 32.73
N TYR A 596 -28.95 -5.31 32.10
CA TYR A 596 -30.26 -4.69 32.02
C TYR A 596 -31.30 -5.77 31.83
N ASN A 597 -32.41 -5.61 32.53
CA ASN A 597 -33.55 -6.49 32.39
C ASN A 597 -34.60 -5.76 31.57
N HIS A 598 -34.75 -6.17 30.32
CA HIS A 598 -35.71 -5.54 29.41
C HIS A 598 -37.14 -6.03 29.63
N GLY A 599 -37.33 -7.06 30.45
CA GLY A 599 -38.66 -7.49 30.87
C GLY A 599 -39.29 -6.49 31.81
N SER A 600 -38.54 -6.11 32.84
CA SER A 600 -38.99 -5.17 33.87
C SER A 600 -38.46 -3.74 33.69
N ASN A 601 -37.59 -3.53 32.70
CA ASN A 601 -36.92 -2.25 32.46
C ASN A 601 -36.16 -1.73 33.67
N ASN A 602 -35.24 -2.55 34.15
CA ASN A 602 -34.36 -2.21 35.26
C ASN A 602 -32.92 -2.48 34.89
N ALA A 603 -32.06 -1.49 35.14
CA ALA A 603 -30.62 -1.71 35.10
C ALA A 603 -30.21 -2.67 36.20
N GLY A 604 -29.06 -3.31 36.01
CA GLY A 604 -28.48 -4.14 37.04
C GLY A 604 -26.97 -4.14 36.91
N ALA A 605 -26.32 -4.87 37.80
CA ALA A 605 -24.87 -4.97 37.76
C ALA A 605 -24.36 -6.18 38.50
N PHE A 606 -23.17 -6.60 38.07
CA PHE A 606 -22.34 -7.64 38.68
C PHE A 606 -21.14 -6.92 39.31
N TYR A 607 -20.69 -7.41 40.46
CA TYR A 607 -19.76 -6.69 41.32
C TYR A 607 -18.51 -7.51 41.63
N ALA A 608 -17.35 -6.86 41.60
CA ALA A 608 -16.10 -7.41 42.15
C ALA A 608 -15.74 -6.56 43.36
N PRO A 609 -16.13 -6.99 44.57
CA PRO A 609 -15.92 -6.12 45.73
C PRO A 609 -14.47 -6.06 46.18
N MET A 610 -14.14 -5.06 46.98
CA MET A 610 -12.92 -5.08 47.75
C MET A 610 -13.06 -6.14 48.84
N MET A 611 -12.00 -6.93 49.01
CA MET A 611 -11.94 -7.89 50.11
C MET A 611 -10.75 -7.54 50.99
N LEU A 612 -10.92 -7.71 52.29
CA LEU A 612 -9.95 -7.27 53.27
C LEU A 612 -10.06 -8.16 54.49
N THR A 613 -8.93 -8.71 54.93
CA THR A 613 -8.92 -9.65 56.04
C THR A 613 -8.11 -9.11 57.23
N TYR A 614 -8.69 -9.27 58.41
CA TYR A 614 -8.03 -9.03 59.69
C TYR A 614 -7.41 -10.35 60.16
N ASP A 615 -6.17 -10.28 60.65
CA ASP A 615 -5.52 -11.45 61.25
C ASP A 615 -4.58 -10.94 62.32
N GLN A 616 -4.84 -11.29 63.57
CA GLN A 616 -4.00 -10.80 64.67
C GLN A 616 -2.58 -11.35 64.62
N SER A 617 -2.36 -12.40 63.82
CA SER A 617 -1.02 -12.95 63.57
C SER A 617 -0.21 -12.24 62.48
N PHE A 618 -0.85 -11.35 61.71
CA PHE A 618 -0.11 -10.55 60.72
C PHE A 618 0.90 -9.67 61.45
N SER A 619 2.09 -9.54 60.86
CA SER A 619 3.13 -8.63 61.35
C SER A 619 2.70 -7.18 61.15
N THR A 620 2.01 -6.91 60.05
CA THR A 620 1.44 -5.59 59.79
C THR A 620 0.03 -5.75 59.26
N PRO A 621 -0.87 -4.79 59.55
CA PRO A 621 -2.25 -4.95 59.09
C PRO A 621 -2.33 -5.01 57.56
N GLN A 622 -3.20 -5.88 57.05
CA GLN A 622 -3.49 -5.89 55.64
C GLN A 622 -4.22 -4.59 55.28
N ASN A 623 -3.88 -4.03 54.12
CA ASN A 623 -4.48 -2.80 53.65
C ASN A 623 -4.99 -3.01 52.23
N ASN A 624 -6.25 -2.65 52.00
CA ASN A 624 -6.80 -2.64 50.66
C ASN A 624 -7.28 -1.22 50.34
N ASN A 625 -6.54 -0.56 49.45
CA ASN A 625 -6.99 0.68 48.84
C ASN A 625 -7.16 1.82 49.86
N GLY A 626 -6.39 1.76 50.94
CA GLY A 626 -6.44 2.77 52.00
C GLY A 626 -7.31 2.43 53.18
N TRP A 627 -7.89 1.22 53.19
CA TRP A 627 -8.63 0.70 54.35
C TRP A 627 -7.86 -0.44 55.00
N LYS A 628 -7.88 -0.47 56.33
CA LYS A 628 -7.38 -1.60 57.11
C LYS A 628 -8.38 -1.91 58.19
N ILE A 629 -8.23 -3.08 58.81
CA ILE A 629 -9.07 -3.48 59.93
C ILE A 629 -8.24 -3.49 61.20
N VAL A 630 -8.72 -2.80 62.23
CA VAL A 630 -8.05 -2.75 63.52
C VAL A 630 -9.03 -3.10 64.64
N LYS A 631 -8.51 -3.67 65.71
CA LYS A 631 -9.29 -3.92 66.91
C LYS A 631 -9.40 -2.63 67.72
N GLU A 632 -10.63 -2.23 68.01
CA GLU A 632 -10.93 -1.08 68.87
C GLU A 632 -11.02 -1.49 70.33
N SER A 633 -11.79 -2.54 70.58
CA SER A 633 -11.98 -3.11 71.93
C SER A 633 -12.47 -4.54 71.76
N THR A 634 -12.76 -5.23 72.85
CA THR A 634 -13.21 -6.61 72.78
C THR A 634 -14.43 -6.74 71.88
N GLY A 635 -14.29 -7.52 70.81
CA GLY A 635 -15.37 -7.76 69.87
C GLY A 635 -15.71 -6.64 68.92
N VAL A 636 -14.94 -5.53 68.93
CA VAL A 636 -15.27 -4.36 68.13
C VAL A 636 -14.08 -4.00 67.25
N TYR A 637 -14.32 -3.98 65.93
CA TYR A 637 -13.29 -3.79 64.92
C TYR A 637 -13.68 -2.63 64.03
N ARG A 638 -12.71 -1.82 63.63
CA ARG A 638 -12.95 -0.73 62.68
C ARG A 638 -12.34 -1.11 61.34
N VAL A 639 -13.17 -1.09 60.31
CA VAL A 639 -12.70 -1.11 58.92
C VAL A 639 -12.56 0.36 58.57
N GLU A 640 -11.34 0.87 58.68
CA GLU A 640 -11.10 2.31 58.76
C GLU A 640 -10.12 2.80 57.72
N ARG A 641 -10.21 4.10 57.45
CA ARG A 641 -9.30 4.77 56.53
C ARG A 641 -7.98 5.07 57.22
N VAL A 642 -6.90 4.78 56.53
CA VAL A 642 -5.57 5.17 57.01
C VAL A 642 -5.28 6.61 56.64
N SER A 643 -4.24 7.17 57.25
CA SER A 643 -3.84 8.55 57.01
C SER A 643 -3.64 8.81 55.52
N GLY A 644 -4.27 9.87 55.03
CA GLY A 644 -4.14 10.26 53.63
C GLY A 644 -5.24 9.72 52.74
N ASN A 645 -5.98 8.70 53.20
CA ASN A 645 -7.12 8.20 52.44
C ASN A 645 -8.32 9.09 52.68
N THR A 646 -8.62 9.95 51.71
CA THR A 646 -9.75 10.86 51.75
C THR A 646 -10.93 10.38 50.91
N SER A 647 -10.82 9.16 50.37
CA SER A 647 -11.91 8.58 49.60
C SER A 647 -13.03 8.12 50.52
N VAL A 648 -14.23 7.98 49.95
CA VAL A 648 -15.41 7.62 50.74
C VAL A 648 -16.15 6.44 50.15
N ILE A 649 -16.96 5.82 50.98
CA ILE A 649 -17.98 4.84 50.58
C ILE A 649 -19.28 5.60 50.41
N THR A 650 -19.95 5.39 49.28
CA THR A 650 -21.26 5.99 49.04
C THR A 650 -22.28 4.89 48.77
N ASN A 651 -23.17 4.65 49.74
CA ASN A 651 -24.27 3.72 49.58
C ASN A 651 -23.80 2.33 49.16
N GLY A 652 -22.75 1.86 49.83
CA GLY A 652 -22.08 0.61 49.46
C GLY A 652 -22.76 -0.64 49.97
N HIS A 653 -22.29 -1.77 49.45
CA HIS A 653 -22.75 -3.08 49.88
C HIS A 653 -21.72 -3.64 50.85
N ILE A 654 -22.16 -4.32 51.90
CA ILE A 654 -21.25 -4.86 52.91
C ILE A 654 -21.57 -6.32 53.24
N VAL A 655 -20.54 -7.16 53.14
CA VAL A 655 -20.63 -8.56 53.53
C VAL A 655 -19.49 -8.85 54.50
N VAL A 656 -19.81 -9.40 55.66
CA VAL A 656 -18.78 -9.87 56.57
C VAL A 656 -18.61 -11.39 56.39
N GLY A 657 -17.36 -11.82 56.40
CA GLY A 657 -16.98 -13.21 56.20
C GLY A 657 -16.99 -14.03 57.47
N SER A 658 -16.28 -15.16 57.41
CA SER A 658 -16.38 -16.19 58.44
C SER A 658 -15.24 -16.04 59.44
N PRO A 659 -15.54 -16.23 60.74
CA PRO A 659 -14.50 -16.04 61.75
C PRO A 659 -13.72 -17.31 62.04
N LEU A 660 -12.40 -17.15 62.17
CA LEU A 660 -11.53 -18.15 62.76
C LEU A 660 -11.34 -17.74 64.22
N MET A 661 -11.86 -18.56 65.13
CA MET A 661 -11.85 -18.25 66.56
C MET A 661 -10.69 -18.95 67.28
N GLY A 662 -10.13 -18.27 68.27
CA GLY A 662 -9.21 -18.92 69.24
C GLY A 662 -7.76 -19.03 68.83
N SER A 663 -7.51 -19.23 67.53
CA SER A 663 -6.16 -19.34 66.97
C SER A 663 -6.22 -19.08 65.48
N ARG A 664 -5.06 -18.99 64.85
CA ARG A 664 -5.02 -18.77 63.40
C ARG A 664 -5.65 -19.92 62.64
N LEU A 665 -5.41 -21.15 63.08
CA LEU A 665 -6.02 -22.34 62.49
C LEU A 665 -7.54 -22.35 62.73
N GLY A 666 -7.95 -21.88 63.91
CA GLY A 666 -9.36 -21.85 64.30
C GLY A 666 -9.69 -23.04 65.18
N THR A 667 -10.58 -22.82 66.15
CA THR A 667 -11.13 -23.89 66.96
C THR A 667 -12.35 -24.53 66.30
N GLY A 668 -12.99 -23.81 65.39
CA GLY A 668 -14.25 -24.23 64.81
C GLY A 668 -15.47 -23.63 65.46
N THR A 669 -15.31 -22.90 66.57
CA THR A 669 -16.44 -22.21 67.18
C THR A 669 -16.82 -21.04 66.26
N GLY A 670 -18.05 -20.56 66.42
CA GLY A 670 -18.58 -19.51 65.56
C GLY A 670 -18.83 -18.23 66.32
N ALA A 671 -19.33 -17.25 65.60
CA ALA A 671 -19.72 -15.98 66.19
C ALA A 671 -20.67 -15.26 65.26
N THR A 672 -21.39 -14.29 65.82
CA THR A 672 -22.44 -13.55 65.11
C THR A 672 -22.02 -12.10 65.00
N HIS A 673 -22.16 -11.53 63.81
CA HIS A 673 -21.74 -10.15 63.59
C HIS A 673 -22.89 -9.18 63.34
N GLY A 674 -22.63 -7.93 63.68
CA GLY A 674 -23.43 -6.80 63.25
C GLY A 674 -22.46 -5.69 62.86
N ILE A 675 -22.99 -4.68 62.16
CA ILE A 675 -22.14 -3.55 61.75
C ILE A 675 -22.70 -2.20 62.20
N GLN A 676 -21.82 -1.20 62.15
CA GLN A 676 -22.18 0.20 62.38
C GLN A 676 -21.30 1.05 61.50
N MET A 677 -21.90 2.03 60.82
CA MET A 677 -21.12 2.84 59.89
C MET A 677 -20.28 3.87 60.65
N ILE A 678 -19.16 4.25 60.04
CA ILE A 678 -18.32 5.34 60.52
C ILE A 678 -18.54 6.49 59.54
N GLU A 679 -19.04 7.60 60.06
CA GLU A 679 -19.37 8.76 59.22
C GLU A 679 -18.12 9.59 58.90
N THR A 680 -18.18 10.33 57.80
CA THR A 680 -17.12 11.29 57.44
C THR A 680 -17.31 12.63 58.14
N TYR A 681 -18.57 12.99 58.34
CA TYR A 681 -19.00 14.16 59.11
C TYR A 681 -20.35 13.79 59.71
N ALA A 682 -20.74 14.51 60.76
CA ALA A 682 -22.00 14.22 61.45
C ALA A 682 -23.20 14.18 60.51
N GLY A 683 -23.84 13.01 60.42
CA GLY A 683 -24.98 12.79 59.54
C GLY A 683 -24.69 12.39 58.11
N SER A 684 -23.41 12.23 57.77
CA SER A 684 -23.04 11.91 56.38
C SER A 684 -23.71 10.63 55.87
N TRP A 685 -23.79 9.62 56.74
CA TRP A 685 -24.39 8.34 56.36
C TRP A 685 -25.91 8.40 56.50
N THR A 686 -26.37 8.82 57.67
CA THR A 686 -27.80 8.91 57.94
C THR A 686 -28.54 9.67 56.85
N SER A 687 -28.00 10.82 56.45
CA SER A 687 -28.67 11.70 55.49
C SER A 687 -28.26 11.47 54.04
N TYR A 688 -26.99 11.15 53.80
CA TYR A 688 -26.46 11.10 52.42
C TYR A 688 -25.79 9.79 52.03
N THR A 689 -25.91 8.76 52.87
CA THR A 689 -25.25 7.47 52.66
C THR A 689 -23.76 7.57 52.28
N GLU A 690 -23.06 8.52 52.91
CA GLU A 690 -21.62 8.62 52.79
C GLU A 690 -20.98 8.13 54.08
N ALA A 691 -19.98 7.27 53.95
CA ALA A 691 -19.27 6.73 55.09
C ALA A 691 -17.78 6.73 54.85
N ALA A 692 -17.03 6.89 55.95
CA ALA A 692 -15.58 6.70 55.95
C ALA A 692 -15.22 5.22 55.98
N GLY A 693 -16.06 4.44 56.66
CA GLY A 693 -15.81 3.02 56.84
C GLY A 693 -16.93 2.42 57.68
N PHE A 694 -16.63 1.34 58.39
CA PHE A 694 -17.62 0.70 59.24
C PHE A 694 -16.97 -0.13 60.32
N LYS A 695 -17.71 -0.30 61.41
CA LYS A 695 -17.33 -1.19 62.51
C LYS A 695 -18.01 -2.56 62.36
N VAL A 696 -17.28 -3.60 62.75
CA VAL A 696 -17.82 -4.95 62.85
C VAL A 696 -17.78 -5.33 64.33
N PHE A 697 -18.92 -5.81 64.82
CA PHE A 697 -19.08 -6.29 66.19
C PHE A 697 -19.29 -7.79 66.14
N TRP A 698 -18.52 -8.53 66.94
CA TRP A 698 -18.59 -9.98 67.02
C TRP A 698 -19.04 -10.44 68.38
N ARG A 699 -20.01 -11.37 68.42
CA ARG A 699 -20.55 -11.90 69.67
C ARG A 699 -20.70 -13.43 69.63
N ASP A 700 -20.53 -14.06 70.79
CA ASP A 700 -20.73 -15.51 70.93
C ASP A 700 -22.21 -15.85 71.09
N SER A 701 -22.52 -17.12 71.29
CA SER A 701 -23.91 -17.59 71.38
C SER A 701 -24.66 -17.09 72.62
N SER A 702 -23.92 -16.62 73.62
CA SER A 702 -24.49 -15.92 74.78
C SER A 702 -24.64 -14.40 74.57
N ASN A 703 -24.35 -13.93 73.36
CA ASN A 703 -24.43 -12.51 73.00
C ASN A 703 -23.35 -11.66 73.67
N ALA A 704 -22.24 -12.28 74.05
CA ALA A 704 -21.10 -11.58 74.65
C ALA A 704 -20.06 -11.24 73.56
N LEU A 705 -19.53 -10.03 73.62
CA LEU A 705 -18.48 -9.61 72.69
C LEU A 705 -17.27 -10.53 72.76
N VAL A 706 -16.76 -10.92 71.58
CA VAL A 706 -15.70 -11.93 71.47
C VAL A 706 -14.76 -11.53 70.32
N ASP A 707 -13.49 -11.90 70.44
CA ASP A 707 -12.46 -11.55 69.45
C ASP A 707 -12.07 -12.72 68.56
N PRO A 708 -12.47 -12.67 67.28
CA PRO A 708 -11.90 -13.65 66.35
C PRO A 708 -10.40 -13.44 66.18
N HIS A 709 -9.70 -14.51 65.84
CA HIS A 709 -8.29 -14.40 65.49
C HIS A 709 -8.13 -13.80 64.09
N ARG A 710 -9.03 -14.19 63.19
CA ARG A 710 -8.97 -13.77 61.80
C ARG A 710 -10.36 -13.78 61.19
N PHE A 711 -10.66 -12.77 60.38
CA PHE A 711 -11.92 -12.73 59.64
C PHE A 711 -11.80 -11.82 58.44
N THR A 712 -12.66 -12.07 57.46
CA THR A 712 -12.71 -11.37 56.19
C THR A 712 -13.91 -10.43 56.17
N VAL A 713 -13.76 -9.31 55.46
CA VAL A 713 -14.90 -8.50 55.04
C VAL A 713 -14.83 -8.28 53.53
N ALA A 714 -15.99 -8.06 52.93
CA ALA A 714 -16.07 -7.69 51.52
C ALA A 714 -17.03 -6.51 51.42
N PHE A 715 -16.63 -5.47 50.70
CA PHE A 715 -17.49 -4.30 50.57
C PHE A 715 -17.24 -3.57 49.28
N THR A 716 -18.22 -2.76 48.90
CA THR A 716 -18.10 -1.88 47.74
C THR A 716 -18.17 -0.41 48.18
N ALA A 717 -17.54 0.46 47.40
CA ALA A 717 -17.51 1.89 47.68
C ALA A 717 -18.63 2.65 46.97
N THR A 718 -19.37 1.97 46.10
CA THR A 718 -20.59 2.50 45.51
C THR A 718 -21.67 1.44 45.50
N SER A 719 -22.90 1.87 45.22
CA SER A 719 -24.01 0.94 45.05
C SER A 719 -23.88 0.18 43.75
N GLN B 172 31.86 26.60 -73.72
CA GLN B 172 31.44 26.14 -72.36
C GLN B 172 31.50 24.62 -72.26
N THR B 173 32.71 24.09 -72.39
CA THR B 173 32.94 22.64 -72.57
C THR B 173 33.66 21.95 -71.41
N GLN B 174 34.33 22.70 -70.53
CA GLN B 174 35.14 22.11 -69.46
C GLN B 174 34.44 22.08 -68.10
N TYR B 175 33.13 22.34 -68.09
CA TYR B 175 32.30 22.16 -66.89
C TYR B 175 30.87 21.95 -67.35
N TYR B 176 30.02 21.55 -66.41
CA TYR B 176 28.61 21.29 -66.70
C TYR B 176 27.72 22.38 -66.12
N LEU B 177 27.00 23.06 -67.02
CA LEU B 177 26.06 24.12 -66.69
C LEU B 177 25.29 24.47 -67.94
N LYS B 178 23.97 24.28 -67.91
CA LYS B 178 23.09 24.71 -68.98
C LYS B 178 21.81 25.22 -68.36
N TYR B 179 21.43 26.44 -68.72
CA TYR B 179 20.18 27.02 -68.27
C TYR B 179 19.10 26.77 -69.32
N PHE B 180 17.85 27.02 -68.95
CA PHE B 180 16.72 26.85 -69.86
C PHE B 180 16.86 27.75 -71.09
N ASN B 181 16.51 27.19 -72.24
CA ASN B 181 16.55 27.87 -73.52
C ASN B 181 15.21 27.64 -74.21
N PRO B 182 14.43 28.72 -74.47
CA PRO B 182 13.10 28.53 -75.03
C PRO B 182 13.04 27.96 -76.47
N GLU B 183 14.17 27.96 -77.17
CA GLU B 183 14.28 27.36 -78.51
C GLU B 183 14.47 25.84 -78.52
N ILE B 184 14.73 25.25 -77.35
CA ILE B 184 15.11 23.85 -77.26
C ILE B 184 13.91 22.98 -76.88
N VAL B 185 13.89 21.77 -77.43
CA VAL B 185 12.92 20.75 -77.04
C VAL B 185 13.66 19.73 -76.18
N TYR B 186 13.30 19.65 -74.91
CA TYR B 186 13.99 18.75 -73.96
C TYR B 186 13.35 17.36 -73.96
N PRO B 187 14.15 16.31 -74.25
CA PRO B 187 13.59 14.96 -74.19
C PRO B 187 13.37 14.49 -72.75
N LYS B 188 12.66 13.38 -72.61
CA LYS B 188 12.48 12.76 -71.30
C LYS B 188 13.87 12.46 -70.71
N ASN B 189 14.03 12.74 -69.43
CA ASN B 189 15.28 12.53 -68.68
C ASN B 189 16.38 13.56 -68.90
N ALA B 190 16.15 14.55 -69.77
CA ALA B 190 17.13 15.62 -69.95
C ALA B 190 17.31 16.39 -68.66
N ARG B 191 18.54 16.78 -68.37
CA ARG B 191 18.85 17.60 -67.21
C ARG B 191 19.37 18.95 -67.61
N ILE B 192 18.86 19.99 -66.95
CA ILE B 192 19.36 21.35 -67.05
C ILE B 192 19.31 21.98 -65.68
N MET B 193 19.85 23.19 -65.56
CA MET B 193 19.81 23.95 -64.31
C MET B 193 18.74 25.02 -64.35
N LEU B 194 18.04 25.15 -63.23
CA LEU B 194 17.26 26.35 -62.96
C LEU B 194 18.20 27.55 -62.85
N ASP B 195 17.64 28.75 -62.95
CA ASP B 195 18.45 29.97 -62.84
C ASP B 195 19.21 30.08 -61.51
N ASN B 196 18.67 29.48 -60.45
CA ASN B 196 19.38 29.39 -59.15
C ASN B 196 20.48 28.30 -59.09
N GLY B 197 20.68 27.55 -60.17
CA GLY B 197 21.70 26.52 -60.24
C GLY B 197 21.27 25.10 -59.92
N ASP B 198 20.09 24.92 -59.35
CA ASP B 198 19.60 23.59 -59.00
C ASP B 198 19.22 22.82 -60.27
N ILE B 199 19.58 21.54 -60.31
CA ILE B 199 19.31 20.71 -61.49
C ILE B 199 17.88 20.20 -61.48
N VAL B 200 17.24 20.26 -62.65
CA VAL B 200 15.93 19.65 -62.88
C VAL B 200 16.04 18.61 -63.99
N ARG B 201 15.18 17.61 -63.91
CA ARG B 201 15.14 16.49 -64.82
C ARG B 201 13.75 16.48 -65.48
N SER B 202 13.72 16.41 -66.81
CA SER B 202 12.44 16.31 -67.50
C SER B 202 11.82 14.94 -67.30
N THR B 203 10.55 14.90 -66.91
CA THR B 203 9.81 13.66 -66.73
C THR B 203 8.88 13.35 -67.91
N VAL B 204 8.88 14.21 -68.94
CA VAL B 204 8.03 14.02 -70.11
C VAL B 204 8.80 14.19 -71.40
N VAL B 205 8.28 13.59 -72.47
CA VAL B 205 8.80 13.80 -73.81
C VAL B 205 8.45 15.20 -74.29
N ASN B 206 9.19 15.68 -75.30
CA ASN B 206 8.87 16.94 -75.98
C ASN B 206 8.64 18.11 -75.01
N ASN B 207 9.50 18.24 -74.00
CA ASN B 207 9.30 19.26 -72.97
C ASN B 207 9.76 20.63 -73.45
N THR B 208 8.83 21.57 -73.52
CA THR B 208 9.13 22.94 -73.91
C THR B 208 8.70 23.95 -72.84
N SER B 209 8.43 23.45 -71.62
CA SER B 209 8.00 24.30 -70.51
C SER B 209 9.23 24.79 -69.75
N ASN B 210 9.21 26.06 -69.36
CA ASN B 210 10.30 26.67 -68.61
C ASN B 210 10.17 26.27 -67.14
N PRO B 211 11.12 25.46 -66.61
CA PRO B 211 11.00 25.01 -65.22
C PRO B 211 11.13 26.12 -64.17
N ASN B 212 11.71 27.27 -64.56
CA ASN B 212 11.80 28.44 -63.69
C ASN B 212 10.45 29.09 -63.36
N VAL B 213 9.48 28.92 -64.25
CA VAL B 213 8.11 29.42 -64.03
C VAL B 213 7.02 28.34 -63.95
N ASP B 214 7.30 27.14 -64.49
CA ASP B 214 6.34 26.05 -64.53
C ASP B 214 7.06 24.71 -64.37
N MET B 215 6.92 24.08 -63.20
CA MET B 215 7.58 22.79 -62.92
C MET B 215 6.82 21.56 -63.44
N THR B 216 5.66 21.76 -64.09
CA THR B 216 5.00 20.66 -64.78
C THR B 216 5.97 20.03 -65.79
N GLY B 217 6.09 18.71 -65.70
CA GLY B 217 6.99 17.96 -66.55
C GLY B 217 8.45 17.95 -66.11
N TRP B 218 8.74 18.49 -64.91
CA TRP B 218 10.11 18.52 -64.36
C TRP B 218 10.10 18.08 -62.91
N VAL B 219 11.24 17.56 -62.45
CA VAL B 219 11.47 17.32 -61.01
C VAL B 219 12.85 17.82 -60.63
N LYS B 220 12.97 18.30 -59.39
CA LYS B 220 14.25 18.69 -58.82
C LYS B 220 15.01 17.45 -58.35
N VAL B 221 16.21 17.24 -58.89
CA VAL B 221 16.97 16.01 -58.60
C VAL B 221 17.56 15.96 -57.18
N SER B 222 17.72 17.12 -56.54
CA SER B 222 18.24 17.18 -55.18
C SER B 222 17.15 17.01 -54.10
N SER B 223 15.91 16.78 -54.52
CA SER B 223 14.82 16.57 -53.57
C SER B 223 14.82 15.13 -53.07
N VAL B 224 14.45 14.95 -51.81
CA VAL B 224 14.40 13.61 -51.22
C VAL B 224 13.33 12.70 -51.81
N SER B 225 12.37 13.27 -52.54
CA SER B 225 11.46 12.47 -53.36
C SER B 225 12.15 11.80 -54.56
N GLN B 226 13.38 12.24 -54.88
CA GLN B 226 14.18 11.69 -55.98
C GLN B 226 15.44 10.96 -55.50
N ILE B 227 15.50 10.68 -54.20
CA ILE B 227 16.63 9.99 -53.58
C ILE B 227 16.06 8.71 -52.98
N PHE B 228 16.75 7.58 -53.16
CA PHE B 228 16.21 6.29 -52.78
C PHE B 228 17.13 5.55 -51.84
N ASP B 229 16.54 4.83 -50.88
CA ASP B 229 17.29 3.88 -50.07
C ASP B 229 17.04 2.51 -50.69
N GLU B 230 18.05 1.99 -51.39
CA GLU B 230 17.91 0.72 -52.14
C GLU B 230 17.66 -0.49 -51.24
N THR B 231 18.00 -0.36 -49.95
CA THR B 231 17.70 -1.40 -48.97
C THR B 231 16.20 -1.69 -48.89
N TYR B 232 15.39 -0.63 -49.01
CA TYR B 232 13.93 -0.71 -48.93
C TYR B 232 13.20 -0.45 -50.24
N ASN B 233 13.91 0.05 -51.25
CA ASN B 233 13.32 0.52 -52.49
C ASN B 233 12.19 1.53 -52.24
N ILE B 234 12.50 2.51 -51.40
CA ILE B 234 11.58 3.62 -51.13
C ILE B 234 12.39 4.90 -51.14
N THR B 235 11.68 6.01 -51.26
CA THR B 235 12.34 7.30 -51.27
C THR B 235 12.73 7.73 -49.85
N GLN B 236 13.73 8.61 -49.79
CA GLN B 236 14.10 9.24 -48.55
C GLN B 236 12.93 10.07 -47.99
N SER B 237 12.07 10.60 -48.87
CA SER B 237 10.85 11.29 -48.45
C SER B 237 10.01 10.44 -47.51
N VAL B 238 9.83 9.17 -47.86
CA VAL B 238 9.07 8.22 -47.02
C VAL B 238 9.77 7.99 -45.68
N ILE B 239 11.08 7.77 -45.72
CA ILE B 239 11.86 7.56 -44.50
C ILE B 239 11.78 8.76 -43.56
N ASN B 240 11.73 9.96 -44.13
CA ASN B 240 11.56 11.19 -43.35
C ASN B 240 10.18 11.35 -42.68
N GLY B 241 9.24 10.46 -42.97
CA GLY B 241 8.00 10.37 -42.21
C GLY B 241 8.09 9.56 -40.92
N ASN B 242 9.24 8.93 -40.66
CA ASN B 242 9.37 8.10 -39.46
C ASN B 242 9.32 8.88 -38.16
N LEU B 243 10.02 10.01 -38.12
CA LEU B 243 10.09 10.89 -36.97
C LEU B 243 10.10 12.34 -37.45
N ILE B 244 9.12 13.12 -36.97
CA ILE B 244 8.98 14.54 -37.31
C ILE B 244 9.06 15.31 -35.99
N THR B 245 9.87 16.36 -35.97
CA THR B 245 10.00 17.20 -34.78
C THR B 245 9.79 18.66 -35.13
N VAL B 246 9.83 19.52 -34.12
CA VAL B 246 9.79 20.97 -34.33
C VAL B 246 10.93 21.47 -35.24
N ASP B 247 12.05 20.74 -35.28
CA ASP B 247 13.14 21.09 -36.20
C ASP B 247 12.69 21.05 -37.66
N ASN B 248 11.74 20.18 -37.99
CA ASN B 248 11.19 20.14 -39.35
C ASN B 248 10.51 21.43 -39.77
N PHE B 249 10.06 22.21 -38.79
CA PHE B 249 9.32 23.44 -39.00
C PHE B 249 10.16 24.70 -38.72
N GLY B 250 11.49 24.53 -38.67
CA GLY B 250 12.41 25.65 -38.53
C GLY B 250 12.82 26.03 -37.13
N ALA B 251 12.48 25.21 -36.13
CA ALA B 251 12.95 25.46 -34.78
C ALA B 251 14.47 25.33 -34.71
N LYS B 252 15.11 26.29 -34.05
CA LYS B 252 16.57 26.31 -33.92
C LYS B 252 17.13 25.64 -32.67
N GLY B 253 16.39 25.72 -31.55
CA GLY B 253 16.87 25.15 -30.30
C GLY B 253 18.28 25.63 -29.93
N ASP B 254 18.51 26.93 -30.11
CA ASP B 254 19.86 27.49 -29.99
C ASP B 254 20.04 28.37 -28.75
N GLY B 255 19.04 28.36 -27.85
CA GLY B 255 19.08 29.18 -26.64
C GLY B 255 18.88 30.67 -26.81
N VAL B 256 18.52 31.12 -28.02
CA VAL B 256 18.39 32.55 -28.33
C VAL B 256 17.15 32.83 -29.19
N THR B 257 17.06 32.14 -30.32
CA THR B 257 15.98 32.35 -31.29
C THR B 257 14.63 31.90 -30.74
N ASP B 258 13.61 32.74 -30.91
CA ASP B 258 12.24 32.37 -30.55
C ASP B 258 11.75 31.30 -31.52
N ASP B 259 11.42 30.11 -31.00
CA ASP B 259 10.90 29.01 -31.81
C ASP B 259 9.37 28.85 -31.75
N SER B 260 8.66 29.79 -31.10
CA SER B 260 7.21 29.64 -30.93
C SER B 260 6.45 29.46 -32.24
N ALA B 261 6.84 30.22 -33.28
CA ALA B 261 6.18 30.08 -34.58
C ALA B 261 6.38 28.69 -35.18
N ALA B 262 7.58 28.14 -35.04
CA ALA B 262 7.88 26.78 -35.51
C ALA B 262 7.07 25.73 -34.75
N PHE B 263 6.97 25.90 -33.43
CA PHE B 263 6.16 25.00 -32.61
C PHE B 263 4.70 25.06 -33.05
N GLN B 264 4.18 26.27 -33.28
CA GLN B 264 2.81 26.41 -33.73
C GLN B 264 2.58 25.79 -35.11
N ALA B 265 3.53 26.00 -36.02
CA ALA B 265 3.46 25.39 -37.36
C ALA B 265 3.41 23.86 -37.28
N TYR B 266 4.23 23.28 -36.39
CA TYR B 266 4.18 21.85 -36.12
C TYR B 266 2.76 21.41 -35.75
N CYS B 267 2.17 22.12 -34.79
CA CYS B 267 0.85 21.78 -34.28
C CYS B 267 -0.27 21.99 -35.29
N ASP B 268 -0.09 22.94 -36.20
CA ASP B 268 -1.06 23.22 -37.26
C ASP B 268 -0.90 22.31 -38.49
N SER B 269 0.20 21.56 -38.58
CA SER B 269 0.52 20.76 -39.76
C SER B 269 -0.36 19.52 -39.89
N ALA B 270 -0.67 19.16 -41.13
CA ALA B 270 -1.38 17.93 -41.46
C ALA B 270 -0.50 16.69 -41.38
N LEU B 271 0.82 16.89 -41.23
CA LEU B 271 1.78 15.80 -41.32
C LEU B 271 2.17 15.21 -39.97
N THR B 272 1.87 15.90 -38.89
CA THR B 272 2.35 15.52 -37.57
C THR B 272 1.36 14.64 -36.81
N GLY B 273 1.89 13.81 -35.91
CA GLY B 273 1.09 12.81 -35.20
C GLY B 273 0.46 13.31 -33.92
N GLN B 274 0.24 12.40 -32.98
CA GLN B 274 -0.46 12.71 -31.73
C GLN B 274 0.25 13.75 -30.88
N ASN B 275 1.58 13.72 -30.90
CA ASN B 275 2.37 14.56 -30.01
C ASN B 275 3.32 15.45 -30.77
N LEU B 276 3.70 16.53 -30.10
CA LEU B 276 4.81 17.37 -30.51
C LEU B 276 6.11 16.80 -29.95
N TYR B 277 7.13 16.72 -30.80
CA TYR B 277 8.45 16.19 -30.44
C TYR B 277 9.52 17.25 -30.60
N LEU B 278 10.47 17.25 -29.67
CA LEU B 278 11.70 18.03 -29.83
C LEU B 278 12.74 17.26 -30.62
N GLY B 279 13.67 17.99 -31.22
CA GLY B 279 14.84 17.40 -31.87
C GLY B 279 15.83 16.87 -30.85
N ALA B 280 16.90 16.22 -31.33
CA ALA B 280 17.82 15.50 -30.45
C ALA B 280 18.48 16.39 -29.40
N LYS B 281 18.99 17.52 -29.85
CA LYS B 281 19.68 18.45 -28.97
C LYS B 281 19.09 19.83 -29.18
N GLY B 282 18.78 20.53 -28.09
CA GLY B 282 18.38 21.92 -28.21
C GLY B 282 17.77 22.51 -26.97
N ARG B 283 18.09 23.79 -26.74
CA ARG B 283 17.45 24.61 -25.73
C ARG B 283 16.51 25.51 -26.50
N TYR B 284 15.23 25.13 -26.53
CA TYR B 284 14.23 25.76 -27.38
C TYR B 284 13.57 26.93 -26.70
N ILE B 285 13.86 28.15 -27.17
CA ILE B 285 13.28 29.36 -26.58
C ILE B 285 11.87 29.57 -27.10
N LEU B 286 10.94 29.86 -26.17
CA LEU B 286 9.58 30.23 -26.52
C LEU B 286 9.26 31.60 -25.91
N LYS B 287 8.94 32.57 -26.76
CA LYS B 287 8.56 33.92 -26.32
C LYS B 287 7.08 34.23 -26.49
N ASN B 288 6.33 33.29 -27.08
CA ASN B 288 4.89 33.43 -27.28
C ASN B 288 4.19 32.12 -26.94
N GLN B 289 2.93 32.22 -26.57
CA GLN B 289 2.10 31.06 -26.22
C GLN B 289 1.96 30.13 -27.43
N VAL B 290 2.04 28.84 -27.18
CA VAL B 290 1.83 27.82 -28.19
C VAL B 290 0.52 27.10 -27.87
N ASP B 291 -0.35 27.00 -28.88
CA ASP B 291 -1.57 26.23 -28.78
C ASP B 291 -1.28 24.85 -29.36
N LEU B 292 -1.21 23.85 -28.49
CA LEU B 292 -0.90 22.49 -28.91
C LEU B 292 -2.00 21.84 -29.77
N LYS B 293 -3.21 22.41 -29.78
CA LYS B 293 -4.29 21.92 -30.64
C LYS B 293 -4.60 20.45 -30.37
N GLY B 294 -4.51 20.04 -29.10
CA GLY B 294 -4.79 18.66 -28.72
C GLY B 294 -3.62 17.70 -28.84
N LYS B 295 -2.47 18.16 -29.32
CA LYS B 295 -1.29 17.31 -29.36
C LYS B 295 -0.67 17.22 -27.98
N GLY B 296 -0.15 16.05 -27.63
CA GLY B 296 0.65 15.91 -26.43
C GLY B 296 2.03 16.49 -26.64
N LEU B 297 2.86 16.37 -25.62
CA LEU B 297 4.18 16.97 -25.62
C LEU B 297 5.22 15.96 -25.17
N VAL B 298 6.18 15.69 -26.04
CA VAL B 298 7.27 14.78 -25.77
C VAL B 298 8.59 15.54 -25.95
N GLY B 299 9.40 15.59 -24.91
CA GLY B 299 10.67 16.28 -24.97
C GLY B 299 11.82 15.44 -25.49
N ASN B 300 13.02 15.91 -25.21
CA ASN B 300 14.25 15.21 -25.59
C ASN B 300 15.11 14.82 -24.39
N GLY B 301 14.43 14.55 -23.28
CA GLY B 301 15.09 14.03 -22.09
C GLY B 301 14.54 14.64 -20.82
N CYS B 302 14.57 13.84 -19.76
CA CYS B 302 14.19 14.24 -18.43
C CYS B 302 15.48 14.42 -17.64
N GLY B 303 15.88 15.68 -17.48
CA GLY B 303 17.20 15.99 -16.93
C GLY B 303 17.17 16.38 -15.47
N LYS B 304 18.36 16.53 -14.91
CA LYS B 304 18.48 17.12 -13.57
C LYS B 304 18.23 18.62 -13.67
N VAL B 305 18.10 19.25 -12.52
CA VAL B 305 17.79 20.68 -12.42
C VAL B 305 19.12 21.44 -12.47
N SER B 306 19.65 21.54 -13.68
CA SER B 306 20.96 22.18 -13.88
C SER B 306 21.13 22.66 -15.31
N GLU B 307 21.92 23.72 -15.48
CA GLU B 307 22.23 24.28 -16.79
C GLU B 307 22.82 23.25 -17.74
N PHE B 308 23.59 22.29 -17.22
CA PHE B 308 24.16 21.22 -18.03
C PHE B 308 23.08 20.53 -18.86
N TYR B 309 21.95 20.20 -18.22
CA TYR B 309 20.85 19.53 -18.93
C TYR B 309 20.00 20.50 -19.75
N TYR B 310 19.79 21.72 -19.28
CA TYR B 310 19.04 22.71 -20.07
C TYR B 310 19.70 22.96 -21.42
N ASN B 311 21.04 22.99 -21.42
CA ASN B 311 21.79 23.24 -22.64
C ASN B 311 21.73 22.08 -23.63
N LEU B 312 21.56 20.86 -23.12
CA LEU B 312 21.46 19.69 -23.97
C LEU B 312 20.05 19.50 -24.52
N GLY B 313 19.04 19.73 -23.70
CA GLY B 313 17.68 19.49 -24.13
C GLY B 313 16.64 20.01 -23.18
N CYS B 314 15.93 21.06 -23.60
CA CYS B 314 14.79 21.55 -22.85
C CYS B 314 13.95 22.54 -23.66
N ILE B 315 12.77 22.83 -23.14
CA ILE B 315 11.99 23.99 -23.53
C ILE B 315 12.31 25.08 -22.51
N ASP B 316 12.63 26.27 -22.99
CA ASP B 316 12.99 27.40 -22.14
C ASP B 316 12.05 28.54 -22.48
N VAL B 317 11.04 28.72 -21.64
CA VAL B 317 10.02 29.73 -21.82
C VAL B 317 10.55 31.07 -21.33
N ASP B 318 10.45 32.10 -22.17
CA ASP B 318 10.94 33.44 -21.82
C ASP B 318 9.88 34.15 -21.00
N GLY B 319 10.04 34.07 -19.68
CA GLY B 319 9.12 34.70 -18.75
C GLY B 319 9.14 36.22 -18.74
N SER B 320 10.14 36.82 -19.39
CA SER B 320 10.21 38.28 -19.56
C SER B 320 9.38 38.79 -20.74
N SER B 321 8.87 37.88 -21.57
CA SER B 321 8.08 38.26 -22.74
C SER B 321 6.72 38.83 -22.31
N PRO B 322 6.42 40.09 -22.71
CA PRO B 322 5.12 40.67 -22.31
C PRO B 322 3.89 39.86 -22.73
N ASP B 323 3.96 39.17 -23.86
CA ASP B 323 2.85 38.36 -24.36
C ASP B 323 2.58 37.08 -23.55
N LEU B 324 3.52 36.69 -22.68
CA LEU B 324 3.32 35.55 -21.77
C LEU B 324 2.93 35.92 -20.33
N GLN B 325 3.02 37.19 -19.96
CA GLN B 325 2.70 37.61 -18.59
C GLN B 325 1.29 37.18 -18.21
N GLY B 326 1.14 36.51 -17.06
CA GLY B 326 -0.16 36.05 -16.58
C GLY B 326 -0.84 34.94 -17.37
N LYS B 327 -0.11 34.29 -18.27
CA LYS B 327 -0.68 33.28 -19.16
C LYS B 327 0.04 31.96 -18.97
N THR B 328 -0.54 30.91 -19.55
CA THR B 328 0.13 29.61 -19.63
C THR B 328 0.83 29.49 -20.98
N ALA B 329 2.07 29.00 -20.98
CA ALA B 329 2.91 28.96 -22.18
C ALA B 329 2.39 27.98 -23.24
N PHE B 330 1.91 26.82 -22.79
CA PHE B 330 1.30 25.82 -23.66
C PHE B 330 -0.15 25.61 -23.24
N ILE B 331 -1.07 25.70 -24.20
CA ILE B 331 -2.48 25.42 -23.95
C ILE B 331 -2.97 24.25 -24.81
N ASN B 332 -4.09 23.66 -24.40
CA ASN B 332 -4.74 22.56 -25.14
C ASN B 332 -3.83 21.35 -25.35
N CYS B 333 -3.07 21.02 -24.33
CA CYS B 333 -2.22 19.83 -24.39
C CYS B 333 -3.09 18.59 -24.49
N GLY B 334 -2.63 17.62 -25.28
CA GLY B 334 -3.26 16.30 -25.36
C GLY B 334 -2.95 15.46 -24.14
N PRO B 335 -3.19 14.14 -24.24
CA PRO B 335 -3.14 13.27 -23.07
C PRO B 335 -1.74 12.78 -22.66
N THR B 336 -0.70 13.39 -23.20
CA THR B 336 0.68 12.97 -22.98
C THR B 336 1.55 14.20 -22.66
N ILE B 337 2.28 14.13 -21.56
CA ILE B 337 3.45 14.98 -21.32
C ILE B 337 4.53 14.04 -20.84
N GLN B 338 5.62 13.90 -21.60
CA GLN B 338 6.66 12.94 -21.19
C GLN B 338 8.05 13.28 -21.67
N ASN B 339 9.04 12.75 -20.95
CA ASN B 339 10.44 12.77 -21.37
C ASN B 339 10.92 14.21 -21.63
N LEU B 340 10.62 15.08 -20.68
CA LEU B 340 10.66 16.52 -20.91
C LEU B 340 11.34 17.27 -19.79
N THR B 341 12.18 18.23 -20.17
CA THR B 341 12.74 19.23 -19.27
C THR B 341 12.23 20.58 -19.75
N ALA B 342 11.62 21.36 -18.86
CA ALA B 342 11.11 22.67 -19.24
C ALA B 342 11.29 23.68 -18.12
N ARG B 343 11.87 24.83 -18.46
CA ARG B 343 12.10 25.91 -17.51
C ARG B 343 11.47 27.21 -17.99
N CYS B 344 11.29 28.13 -17.05
CA CYS B 344 10.93 29.51 -17.35
C CYS B 344 12.09 30.39 -16.90
N SER B 345 12.64 31.17 -17.82
CA SER B 345 13.73 32.09 -17.55
C SER B 345 13.19 33.50 -17.38
N ASN B 346 13.69 34.20 -16.37
CA ASN B 346 13.40 35.63 -16.17
C ASN B 346 11.91 35.94 -16.04
N GLY B 347 11.19 35.05 -15.35
CA GLY B 347 9.74 35.18 -15.17
C GLY B 347 9.29 35.51 -13.75
N ALA B 348 10.24 35.85 -12.88
CA ALA B 348 9.89 36.15 -11.48
C ALA B 348 8.90 37.30 -11.42
N GLY B 349 7.77 37.05 -10.76
CA GLY B 349 6.70 38.04 -10.64
C GLY B 349 5.76 38.19 -11.82
N LYS B 350 6.03 37.49 -12.93
CA LYS B 350 5.27 37.64 -14.17
C LYS B 350 4.14 36.61 -14.33
N GLN B 351 4.01 35.70 -13.37
CA GLN B 351 2.91 34.74 -13.34
C GLN B 351 2.78 33.97 -14.66
N VAL B 352 3.89 33.42 -15.13
CA VAL B 352 3.90 32.60 -16.34
C VAL B 352 3.79 31.15 -15.88
N SER B 353 2.76 30.46 -16.33
CA SER B 353 2.56 29.03 -16.03
C SER B 353 3.00 28.19 -17.22
N PHE B 354 3.25 26.90 -17.02
CA PHE B 354 3.84 26.09 -18.11
C PHE B 354 2.84 25.50 -19.08
N ILE B 355 1.94 24.65 -18.60
CA ILE B 355 1.09 23.86 -19.51
C ILE B 355 -0.29 23.59 -18.94
N GLU B 356 -1.29 23.69 -19.82
CA GLU B 356 -2.67 23.34 -19.53
C GLU B 356 -3.03 22.02 -20.18
N ILE B 357 -3.56 21.11 -19.37
CA ILE B 357 -3.92 19.77 -19.81
C ILE B 357 -5.28 19.42 -19.19
N ASP B 358 -6.15 18.80 -19.97
CA ASP B 358 -7.46 18.41 -19.45
C ASP B 358 -7.33 17.28 -18.43
N GLY B 359 -8.21 17.31 -17.43
CA GLY B 359 -8.17 16.30 -16.37
C GLY B 359 -8.63 14.90 -16.75
N TYR B 360 -9.38 14.76 -17.86
CA TYR B 360 -9.89 13.46 -18.30
C TYR B 360 -8.91 12.79 -19.27
N LEU B 361 -8.32 11.68 -18.81
CA LEU B 361 -7.40 10.86 -19.59
C LEU B 361 -6.08 11.57 -19.84
N ALA B 362 -5.13 11.39 -18.93
CA ALA B 362 -3.77 11.89 -19.09
C ALA B 362 -2.75 10.90 -18.56
N ASN B 363 -1.62 10.84 -19.25
CA ASN B 363 -0.40 10.17 -18.79
C ASN B 363 0.72 11.19 -18.81
N ILE B 364 1.15 11.60 -17.63
CA ILE B 364 2.28 12.52 -17.49
C ILE B 364 3.38 11.74 -16.79
N ASP B 365 4.55 11.64 -17.41
CA ASP B 365 5.65 10.89 -16.80
C ASP B 365 7.02 11.36 -17.23
N HIS B 366 7.97 11.28 -16.31
CA HIS B 366 9.39 11.57 -16.60
C HIS B 366 9.56 13.00 -17.08
N ILE B 367 9.23 13.93 -16.20
CA ILE B 367 9.35 15.35 -16.50
C ILE B 367 10.13 16.06 -15.41
N THR B 368 10.76 17.16 -15.81
CA THR B 368 11.47 18.04 -14.91
C THR B 368 11.02 19.45 -15.28
N LEU B 369 10.37 20.14 -14.34
CA LEU B 369 9.88 21.49 -14.56
C LEU B 369 10.54 22.45 -13.56
N ILE B 370 10.94 23.62 -14.05
CA ILE B 370 11.79 24.54 -13.31
C ILE B 370 11.22 25.96 -13.41
N ASN B 371 10.95 26.56 -12.26
CA ASN B 371 10.30 27.88 -12.16
C ASN B 371 8.83 27.77 -12.62
N PHE B 372 8.29 28.83 -13.23
CA PHE B 372 6.87 28.98 -13.54
C PHE B 372 6.04 29.29 -12.29
N TYR B 373 4.84 29.80 -12.53
CA TYR B 373 3.91 30.15 -11.47
C TYR B 373 3.15 28.88 -11.05
N ASN B 374 2.29 28.38 -11.92
CA ASN B 374 1.78 27.02 -11.86
C ASN B 374 2.50 26.21 -12.90
N GLN B 375 3.06 25.06 -12.50
CA GLN B 375 3.79 24.25 -13.47
C GLN B 375 2.84 23.42 -14.32
N ILE B 376 1.97 22.65 -13.68
CA ILE B 376 0.94 21.88 -14.37
C ILE B 376 -0.41 22.49 -14.02
N VAL B 377 -1.13 22.95 -15.03
CA VAL B 377 -2.45 23.52 -14.86
C VAL B 377 -3.45 22.52 -15.40
N VAL B 378 -4.20 21.89 -14.49
CA VAL B 378 -5.21 20.92 -14.89
C VAL B 378 -6.48 21.67 -15.19
N LYS B 379 -7.06 21.42 -16.36
CA LYS B 379 -8.33 22.01 -16.74
C LYS B 379 -9.46 21.04 -16.46
N GLN B 380 -10.61 21.60 -16.12
CA GLN B 380 -11.74 20.84 -15.61
C GLN B 380 -11.31 19.97 -14.40
N ALA B 381 -11.72 18.71 -14.33
CA ALA B 381 -11.46 17.89 -13.14
C ALA B 381 -10.77 16.58 -13.52
N LEU B 382 -9.99 16.06 -12.58
CA LEU B 382 -9.30 14.78 -12.82
C LEU B 382 -10.30 13.65 -13.03
N VAL B 383 -9.99 12.77 -13.98
CA VAL B 383 -10.58 11.43 -14.04
C VAL B 383 -9.71 10.60 -14.98
N GLY B 384 -9.18 9.48 -14.50
CA GLY B 384 -8.24 8.69 -15.30
C GLY B 384 -6.98 9.49 -15.61
N PHE B 385 -6.45 10.16 -14.60
CA PHE B 385 -5.34 11.11 -14.73
C PHE B 385 -4.14 10.55 -14.00
N ASN B 386 -3.10 10.19 -14.73
CA ASN B 386 -1.93 9.55 -14.16
C ASN B 386 -0.68 10.37 -14.32
N PHE B 387 0.00 10.59 -13.21
CA PHE B 387 1.10 11.52 -13.10
C PHE B 387 2.20 10.86 -12.29
N THR B 388 3.38 10.68 -12.90
CA THR B 388 4.47 10.01 -12.20
C THR B 388 5.86 10.48 -12.62
N ASN B 389 6.80 10.37 -11.67
CA ASN B 389 8.22 10.57 -11.95
C ASN B 389 8.50 11.98 -12.46
N ALA B 390 8.34 12.93 -11.54
CA ALA B 390 8.44 14.35 -11.86
C ALA B 390 9.29 15.06 -10.82
N TRP B 391 10.19 15.91 -11.31
CA TRP B 391 11.00 16.79 -10.47
C TRP B 391 10.49 18.21 -10.72
N LEU B 392 9.81 18.76 -9.73
CA LEU B 392 9.07 20.00 -9.86
C LEU B 392 9.67 21.03 -8.92
N TYR B 393 10.57 21.85 -9.47
CA TYR B 393 11.41 22.74 -8.69
C TYR B 393 11.05 24.21 -8.91
N TYR B 394 11.02 24.96 -7.81
CA TYR B 394 10.98 26.42 -7.82
C TYR B 394 9.69 27.05 -8.33
N SER B 395 8.57 26.32 -8.33
CA SER B 395 7.29 26.94 -8.70
C SER B 395 6.98 28.09 -7.76
N GLN B 396 6.34 29.13 -8.30
CA GLN B 396 6.02 30.32 -7.49
C GLN B 396 4.70 30.20 -6.76
N ASN B 397 3.78 29.40 -7.30
CA ASN B 397 2.46 29.21 -6.69
C ASN B 397 2.12 27.74 -6.40
N ALA B 398 2.27 26.90 -7.41
CA ALA B 398 1.95 25.47 -7.26
C ALA B 398 2.66 24.61 -8.30
N GLY B 399 3.05 23.41 -7.90
CA GLY B 399 3.53 22.40 -8.85
C GLY B 399 2.41 21.95 -9.75
N ILE B 400 1.28 21.63 -9.14
CA ILE B 400 0.10 21.17 -9.85
C ILE B 400 -1.10 21.95 -9.31
N TYR B 401 -1.86 22.57 -10.20
CA TYR B 401 -3.02 23.38 -9.84
C TYR B 401 -4.26 22.89 -10.59
N CYS B 402 -5.32 22.59 -9.84
CA CYS B 402 -6.61 22.21 -10.41
C CYS B 402 -7.73 23.09 -9.81
N GLU B 403 -8.20 24.04 -10.61
CA GLU B 403 -9.27 24.96 -10.21
C GLU B 403 -10.63 24.26 -10.11
N ASP B 404 -10.94 23.44 -11.12
CA ASP B 404 -12.24 22.79 -11.27
C ASP B 404 -13.35 23.83 -11.14
N PRO B 405 -13.36 24.85 -12.02
CA PRO B 405 -14.31 25.96 -11.89
C PRO B 405 -15.80 25.56 -11.90
N LEU B 406 -16.14 24.46 -12.58
CA LEU B 406 -17.53 23.99 -12.65
C LEU B 406 -17.89 22.97 -11.54
N ASN B 407 -16.97 22.73 -10.61
CA ASN B 407 -17.16 21.78 -9.52
C ASN B 407 -17.63 20.42 -10.05
N ARG B 408 -16.92 19.91 -11.05
CA ARG B 408 -17.19 18.58 -11.59
C ARG B 408 -16.85 17.46 -10.59
N VAL B 409 -15.89 17.75 -9.69
CA VAL B 409 -15.37 16.82 -8.67
C VAL B 409 -14.33 15.90 -9.33
N SER B 410 -13.09 16.05 -8.89
CA SER B 410 -11.98 15.24 -9.39
C SER B 410 -12.01 13.83 -8.82
N THR B 411 -11.70 12.85 -9.66
CA THR B 411 -11.59 11.46 -9.22
C THR B 411 -10.40 10.79 -9.85
N THR B 412 -10.05 9.64 -9.30
CA THR B 412 -9.19 8.64 -9.97
C THR B 412 -7.95 9.25 -10.65
N GLY B 413 -7.28 10.12 -9.91
CA GLY B 413 -5.99 10.67 -10.28
C GLY B 413 -4.90 9.99 -9.48
N THR B 414 -3.79 9.65 -10.12
CA THR B 414 -2.63 9.06 -9.43
C THR B 414 -1.43 10.00 -9.52
N PHE B 415 -0.74 10.17 -8.39
CA PHE B 415 0.38 11.09 -8.25
C PHE B 415 1.49 10.37 -7.53
N HIS B 416 2.49 9.90 -8.28
CA HIS B 416 3.55 9.04 -7.74
C HIS B 416 4.92 9.59 -8.07
N ASN B 417 5.88 9.38 -7.16
CA ASN B 417 7.29 9.66 -7.43
C ASN B 417 7.51 11.11 -7.87
N ILE B 418 7.00 12.03 -7.05
CA ILE B 418 7.12 13.46 -7.34
C ILE B 418 7.99 14.13 -6.29
N TYR B 419 8.98 14.88 -6.76
CA TYR B 419 9.91 15.62 -5.92
C TYR B 419 9.59 17.10 -6.11
N PHE B 420 8.97 17.70 -5.10
CA PHE B 420 8.66 19.12 -5.08
C PHE B 420 9.74 19.80 -4.25
N GLN B 421 10.50 20.72 -4.85
CA GLN B 421 11.60 21.38 -4.12
C GLN B 421 11.61 22.88 -4.33
N LEU B 422 11.73 23.61 -3.22
CA LEU B 422 12.01 25.06 -3.22
C LEU B 422 10.98 25.92 -3.96
N GLY B 423 9.73 25.50 -3.87
CA GLY B 423 8.60 26.28 -4.36
C GLY B 423 8.20 27.33 -3.34
N ASP B 424 7.79 28.50 -3.84
CA ASP B 424 7.33 29.60 -2.99
C ASP B 424 5.92 29.37 -2.45
N GLY B 425 5.17 28.45 -3.05
CA GLY B 425 3.80 28.17 -2.66
C GLY B 425 3.66 26.72 -2.25
N HIS B 426 2.62 26.07 -2.79
CA HIS B 426 2.27 24.68 -2.44
C HIS B 426 2.83 23.71 -3.46
N ALA B 427 2.83 22.43 -3.07
CA ALA B 427 3.10 21.35 -4.03
C ALA B 427 1.91 21.22 -4.97
N MET B 428 0.72 21.03 -4.40
CA MET B 428 -0.50 20.84 -5.16
C MET B 428 -1.64 21.65 -4.54
N ILE B 429 -2.44 22.28 -5.39
CA ILE B 429 -3.60 23.04 -4.95
C ILE B 429 -4.80 22.58 -5.77
N PHE B 430 -5.78 22.02 -5.06
CA PHE B 430 -7.11 21.77 -5.59
C PHE B 430 -8.04 22.79 -4.97
N ASP B 431 -8.62 23.68 -5.77
CA ASP B 431 -9.57 24.67 -5.20
C ASP B 431 -10.84 23.99 -4.66
N ARG B 432 -11.17 22.81 -5.16
CA ARG B 432 -12.38 22.11 -4.76
C ARG B 432 -12.07 20.66 -4.34
N ASP B 433 -12.76 19.67 -4.92
CA ASP B 433 -12.93 18.36 -4.27
C ASP B 433 -12.20 17.25 -5.01
N VAL B 434 -11.62 16.33 -4.24
CA VAL B 434 -10.86 15.22 -4.79
C VAL B 434 -11.32 13.92 -4.15
N HIS B 435 -11.71 12.95 -4.99
CA HIS B 435 -12.18 11.64 -4.53
C HIS B 435 -11.37 10.53 -5.18
N GLY B 436 -11.01 9.49 -4.43
CA GLY B 436 -10.48 8.28 -5.03
C GLY B 436 -9.15 8.43 -5.73
N CYS B 437 -8.37 9.42 -5.33
CA CYS B 437 -7.07 9.69 -5.91
C CYS B 437 -6.00 9.03 -5.03
N ASP B 438 -4.84 8.80 -5.62
CA ASP B 438 -3.72 8.10 -4.97
C ASP B 438 -2.48 8.94 -5.03
N PHE B 439 -1.79 9.07 -3.90
CA PHE B 439 -0.57 9.87 -3.76
C PHE B 439 0.47 9.00 -3.06
N ASP B 440 1.65 8.82 -3.66
CA ASP B 440 2.65 7.91 -3.09
C ASP B 440 4.06 8.32 -3.49
N ASN B 441 4.99 8.19 -2.55
CA ASN B 441 6.41 8.47 -2.78
C ASN B 441 6.62 9.89 -3.28
N ILE B 442 6.13 10.81 -2.46
CA ILE B 442 6.18 12.22 -2.74
C ILE B 442 7.14 12.88 -1.74
N ILE B 443 7.88 13.87 -2.23
CA ILE B 443 8.85 14.61 -1.43
C ILE B 443 8.48 16.08 -1.47
N PHE B 444 8.41 16.71 -0.30
CA PHE B 444 8.31 18.16 -0.18
C PHE B 444 9.61 18.61 0.48
N GLU B 445 10.45 19.35 -0.25
CA GLU B 445 11.69 19.86 0.31
C GLU B 445 11.71 21.38 0.19
N SER B 446 11.67 22.08 1.32
CA SER B 446 11.66 23.54 1.34
C SER B 446 10.57 24.12 0.45
N MET B 447 9.35 23.62 0.61
CA MET B 447 8.15 24.19 0.01
C MET B 447 7.51 25.13 1.03
N ASN B 448 6.49 25.87 0.63
CA ASN B 448 5.68 26.66 1.58
C ASN B 448 4.28 26.10 1.77
N GLY B 449 4.08 24.85 1.35
CA GLY B 449 2.80 24.18 1.50
C GLY B 449 2.87 22.83 0.83
N GLY B 450 2.04 21.90 1.29
CA GLY B 450 2.00 20.55 0.74
C GLY B 450 0.89 20.44 -0.28
N ILE B 451 -0.02 19.50 -0.03
CA ILE B 451 -1.23 19.33 -0.83
C ILE B 451 -2.35 20.05 -0.11
N LYS B 452 -3.02 20.96 -0.82
CA LYS B 452 -4.16 21.69 -0.31
C LYS B 452 -5.39 21.37 -1.15
N ALA B 453 -6.51 21.12 -0.48
CA ALA B 453 -7.78 20.87 -1.15
C ALA B 453 -8.94 21.33 -0.28
N ARG B 454 -10.10 21.54 -0.89
CA ARG B 454 -11.32 21.80 -0.14
C ARG B 454 -11.84 20.55 0.53
N THR B 455 -11.90 19.47 -0.24
CA THR B 455 -12.43 18.18 0.17
C THR B 455 -11.53 17.07 -0.33
N VAL B 456 -11.23 16.13 0.56
CA VAL B 456 -10.42 14.95 0.23
C VAL B 456 -11.19 13.75 0.75
N ALA B 457 -11.75 12.98 -0.17
CA ALA B 457 -12.65 11.87 0.13
C ALA B 457 -12.12 10.59 -0.46
N HIS B 458 -11.99 9.55 0.37
CA HIS B 458 -11.63 8.22 -0.13
C HIS B 458 -10.38 8.21 -1.00
N CYS B 459 -9.36 8.96 -0.57
CA CYS B 459 -8.07 9.00 -1.26
C CYS B 459 -7.06 8.13 -0.52
N GLY B 460 -6.06 7.69 -1.27
CA GLY B 460 -4.94 6.93 -0.73
C GLY B 460 -3.71 7.82 -0.64
N PHE B 461 -3.03 7.75 0.50
CA PHE B 461 -1.78 8.45 0.71
C PHE B 461 -0.76 7.45 1.21
N GLY B 462 0.35 7.37 0.49
CA GLY B 462 1.44 6.49 0.84
C GLY B 462 2.58 7.24 1.49
N LYS B 463 3.79 6.99 1.05
CA LYS B 463 4.98 7.57 1.69
C LYS B 463 5.18 9.02 1.26
N PHE B 464 5.40 9.88 2.24
CA PHE B 464 5.74 11.28 2.04
C PHE B 464 7.00 11.59 2.85
N TRP B 465 7.90 12.37 2.25
CA TRP B 465 9.08 12.88 2.92
C TRP B 465 9.01 14.39 2.89
N CYS B 466 8.77 15.00 4.05
CA CYS B 466 8.49 16.42 4.17
C CYS B 466 9.61 17.04 4.99
N GLU B 467 10.47 17.81 4.32
CA GLU B 467 11.67 18.32 4.95
C GLU B 467 11.91 19.79 4.63
N ASN B 468 11.71 20.61 5.66
CA ASN B 468 11.96 22.05 5.65
C ASN B 468 10.95 22.86 4.86
N LEU B 469 10.84 24.12 5.24
CA LEU B 469 9.93 25.07 4.62
C LEU B 469 10.76 26.21 4.07
N LYS B 470 10.30 26.83 2.98
CA LYS B 470 11.10 27.84 2.28
C LYS B 470 11.16 29.12 3.11
N THR B 471 9.99 29.66 3.43
CA THR B 471 9.85 30.83 4.31
C THR B 471 8.80 30.67 5.42
N ALA B 472 7.84 29.76 5.27
CA ALA B 472 6.86 29.45 6.30
C ALA B 472 7.52 28.84 7.55
N THR B 473 6.82 28.95 8.68
CA THR B 473 7.30 28.39 9.94
C THR B 473 6.67 27.03 10.25
N SER B 474 5.41 26.84 9.89
CA SER B 474 4.67 25.61 10.18
C SER B 474 3.62 25.36 9.10
N LYS B 475 3.61 24.16 8.52
CA LYS B 475 2.60 23.80 7.53
C LYS B 475 2.23 22.32 7.64
N ASP B 476 0.95 22.00 7.48
CA ASP B 476 0.51 20.61 7.40
C ASP B 476 0.88 20.05 6.03
N TRP B 477 1.32 18.80 5.99
CA TRP B 477 1.65 18.15 4.71
C TRP B 477 0.41 18.01 3.81
N LEU B 478 -0.75 17.83 4.45
CA LEU B 478 -2.04 17.77 3.79
C LEU B 478 -2.96 18.75 4.53
N GLU B 479 -3.53 19.67 3.76
CA GLU B 479 -4.33 20.77 4.27
C GLU B 479 -5.71 20.66 3.59
N VAL B 480 -6.74 20.30 4.35
CA VAL B 480 -8.09 20.16 3.80
C VAL B 480 -8.96 21.21 4.48
N THR B 481 -9.53 22.13 3.70
CA THR B 481 -10.14 23.34 4.28
C THR B 481 -11.61 23.19 4.70
N GLY B 482 -12.35 22.26 4.09
CA GLY B 482 -13.77 22.12 4.36
C GLY B 482 -14.05 21.41 5.68
N ALA B 483 -15.10 21.86 6.37
CA ALA B 483 -15.50 21.26 7.63
C ALA B 483 -16.04 19.85 7.39
N ASN B 484 -15.49 18.87 8.11
CA ASN B 484 -15.79 17.44 7.90
C ASN B 484 -15.64 16.99 6.44
N SER B 485 -14.74 17.65 5.72
CA SER B 485 -14.54 17.40 4.30
C SER B 485 -13.31 16.55 4.01
N CYS B 486 -12.61 16.09 5.06
CA CYS B 486 -11.56 15.10 4.92
C CYS B 486 -12.05 13.80 5.54
N TYR B 487 -12.37 12.81 4.71
CA TYR B 487 -12.97 11.57 5.21
C TYR B 487 -12.74 10.41 4.27
N GLY B 488 -12.84 9.19 4.80
CA GLY B 488 -12.78 7.99 3.98
C GLY B 488 -11.40 7.62 3.49
N ASN B 489 -10.36 8.26 4.02
CA ASN B 489 -9.03 8.15 3.42
C ASN B 489 -8.20 7.00 3.98
N SER B 490 -7.16 6.68 3.23
CA SER B 490 -6.16 5.70 3.65
C SER B 490 -4.82 6.43 3.78
N PHE B 491 -4.36 6.62 5.02
CA PHE B 491 -3.07 7.22 5.28
C PHE B 491 -2.14 6.07 5.64
N THR B 492 -1.72 5.34 4.62
CA THR B 492 -1.10 4.02 4.81
C THR B 492 0.38 3.92 4.44
N GLY B 493 1.06 5.07 4.39
CA GLY B 493 2.51 5.12 4.36
C GLY B 493 3.04 6.01 5.47
N TYR B 494 4.31 5.85 5.80
CA TYR B 494 4.94 6.74 6.78
C TYR B 494 5.07 8.13 6.20
N VAL B 495 4.70 9.13 6.99
CA VAL B 495 4.91 10.54 6.64
C VAL B 495 6.05 11.11 7.50
N LYS B 496 7.21 11.30 6.87
CA LYS B 496 8.38 11.89 7.52
C LYS B 496 8.19 13.40 7.61
N LEU B 497 8.33 13.95 8.81
CA LEU B 497 8.13 15.37 9.07
C LEU B 497 9.40 15.95 9.68
N LEU B 498 10.02 16.91 8.98
CA LEU B 498 11.24 17.58 9.45
C LEU B 498 11.17 19.07 9.16
N GLY B 499 11.66 19.86 10.12
CA GLY B 499 11.87 21.28 9.88
C GLY B 499 10.66 22.18 9.79
N GLY B 500 9.55 21.77 10.41
CA GLY B 500 8.36 22.61 10.50
C GLY B 500 7.08 21.99 9.98
N TRP B 501 7.20 20.91 9.21
CA TRP B 501 6.01 20.24 8.70
C TRP B 501 5.27 19.56 9.84
N THR B 502 3.95 19.61 9.76
CA THR B 502 3.06 19.00 10.75
C THR B 502 2.09 18.08 10.03
N SER B 503 1.30 17.34 10.81
CA SER B 503 0.33 16.40 10.25
C SER B 503 -0.93 16.37 11.10
N LYS B 504 -2.07 16.27 10.43
CA LYS B 504 -3.35 16.00 11.07
C LYS B 504 -3.81 14.55 10.85
N THR B 505 -2.89 13.67 10.44
CA THR B 505 -3.24 12.29 10.06
C THR B 505 -2.49 11.18 10.83
N SER B 506 -1.61 11.54 11.76
CA SER B 506 -0.83 10.53 12.49
C SER B 506 -1.74 9.61 13.28
N PRO B 507 -1.37 8.32 13.36
CA PRO B 507 -2.17 7.41 14.20
C PRO B 507 -2.27 7.84 15.68
N THR B 508 -1.22 8.50 16.17
CA THR B 508 -1.12 8.88 17.57
C THR B 508 -1.80 10.22 17.90
N LEU B 509 -2.28 10.94 16.89
CA LEU B 509 -2.96 12.21 17.10
C LEU B 509 -4.28 11.98 17.84
N ASP B 510 -4.54 12.81 18.85
CA ASP B 510 -5.80 12.73 19.56
C ASP B 510 -6.94 13.13 18.63
N SER B 511 -8.09 12.51 18.83
CA SER B 511 -9.27 12.83 18.05
C SER B 511 -9.92 14.11 18.58
N LEU B 512 -10.63 14.78 17.68
CA LEU B 512 -11.47 15.92 17.97
C LEU B 512 -12.93 15.48 17.92
N PRO B 513 -13.84 16.27 18.53
CA PRO B 513 -15.25 15.93 18.40
C PRO B 513 -15.80 16.07 16.97
N THR B 514 -15.14 16.90 16.17
CA THR B 514 -15.53 17.08 14.78
C THR B 514 -14.32 17.60 14.01
N ASN B 515 -14.40 17.50 12.69
CA ASN B 515 -13.34 17.91 11.76
CA ASN B 515 -13.31 17.97 11.80
C ASN B 515 -12.02 17.16 11.92
N ASN B 516 -12.11 15.88 12.28
CA ASN B 516 -10.93 15.03 12.16
C ASN B 516 -10.64 14.82 10.69
N TYR B 517 -9.37 14.57 10.36
CA TYR B 517 -9.02 14.10 9.01
C TYR B 517 -9.35 12.61 9.01
N GLY B 518 -10.54 12.29 8.51
CA GLY B 518 -11.08 10.95 8.61
C GLY B 518 -10.39 9.93 7.74
N GLY B 519 -10.15 8.76 8.32
CA GLY B 519 -9.53 7.66 7.62
C GLY B 519 -8.83 6.69 8.52
N VAL B 520 -8.28 5.68 7.88
CA VAL B 520 -7.43 4.69 8.52
C VAL B 520 -6.01 5.18 8.37
N SER B 521 -5.19 5.04 9.41
CA SER B 521 -3.80 5.45 9.37
C SER B 521 -2.95 4.27 9.83
N VAL B 522 -2.01 3.86 8.97
CA VAL B 522 -1.20 2.68 9.22
C VAL B 522 0.26 3.04 8.94
N SER B 523 1.09 2.95 9.97
CA SER B 523 2.54 3.11 9.83
C SER B 523 3.19 2.54 11.07
N ALA B 524 4.52 2.62 11.14
CA ALA B 524 5.21 2.21 12.36
C ALA B 524 4.82 3.03 13.59
N GLU B 525 4.19 4.20 13.38
CA GLU B 525 3.67 5.01 14.48
C GLU B 525 2.44 4.42 15.15
N GLY B 526 1.73 3.54 14.46
CA GLY B 526 0.49 2.99 14.96
C GLY B 526 -0.48 2.61 13.88
N ILE B 527 -1.50 1.89 14.29
CA ILE B 527 -2.61 1.48 13.43
C ILE B 527 -3.84 2.11 14.05
N SER B 528 -4.48 3.03 13.33
CA SER B 528 -5.64 3.74 13.86
C SER B 528 -6.73 3.94 12.84
N ILE B 529 -7.89 4.29 13.34
CA ILE B 529 -9.03 4.58 12.49
C ILE B 529 -9.96 5.58 13.18
N VAL B 530 -10.43 6.55 12.41
CA VAL B 530 -11.21 7.69 12.92
C VAL B 530 -12.13 8.17 11.81
N ASN B 531 -13.31 8.67 12.18
CA ASN B 531 -14.20 9.37 11.24
C ASN B 531 -14.10 10.86 11.45
N ALA B 532 -14.48 11.63 10.42
CA ALA B 532 -14.36 13.08 10.49
C ALA B 532 -15.18 13.70 11.64
N GLY B 533 -16.45 13.34 11.73
CA GLY B 533 -17.43 14.06 12.56
C GLY B 533 -17.74 13.51 13.93
N ASN B 534 -16.81 12.75 14.51
CA ASN B 534 -17.02 12.09 15.80
C ASN B 534 -15.69 11.90 16.52
N LYS B 535 -15.75 11.91 17.86
CA LYS B 535 -14.59 11.76 18.74
C LYS B 535 -13.99 10.34 18.73
N ALA B 536 -14.73 9.34 18.29
CA ALA B 536 -14.26 7.94 18.36
C ALA B 536 -12.98 7.76 17.55
N LYS B 537 -11.99 7.12 18.16
CA LYS B 537 -10.77 6.74 17.45
C LYS B 537 -10.13 5.58 18.19
N MET B 538 -9.78 4.52 17.47
CA MET B 538 -9.06 3.40 18.03
C MET B 538 -7.67 3.37 17.47
N LEU B 539 -6.71 3.03 18.33
CA LEU B 539 -5.29 2.99 18.00
C LEU B 539 -4.68 1.73 18.58
N MET B 540 -3.96 0.95 17.75
CA MET B 540 -3.18 -0.20 18.20
C MET B 540 -1.69 0.13 18.10
N LEU B 541 -0.98 -0.15 19.19
CA LEU B 541 0.45 0.09 19.35
C LEU B 541 1.07 -1.18 19.91
N PRO B 542 2.42 -1.25 19.95
CA PRO B 542 3.03 -2.45 20.51
C PRO B 542 2.55 -2.81 21.93
N SER B 543 2.17 -1.81 22.71
CA SER B 543 1.73 -2.00 24.10
C SER B 543 0.28 -2.44 24.27
N GLY B 544 -0.55 -2.23 23.25
CA GLY B 544 -1.97 -2.52 23.37
C GLY B 544 -2.78 -1.49 22.61
N PHE B 545 -3.81 -0.95 23.27
CA PHE B 545 -4.82 -0.14 22.60
C PHE B 545 -5.05 1.19 23.27
N LYS B 546 -5.40 2.18 22.46
CA LYS B 546 -5.80 3.49 22.96
C LYS B 546 -7.06 3.95 22.26
N THR B 547 -7.92 4.63 23.02
CA THR B 547 -9.20 5.09 22.53
C THR B 547 -9.28 6.60 22.67
N GLY B 548 -9.96 7.24 21.73
CA GLY B 548 -10.16 8.69 21.74
C GLY B 548 -11.39 9.19 22.48
N ASN B 549 -12.31 8.30 22.85
CA ASN B 549 -13.57 8.71 23.47
C ASN B 549 -13.84 8.06 24.82
N ALA B 550 -12.78 7.57 25.46
CA ALA B 550 -12.83 6.94 26.79
C ALA B 550 -13.70 5.67 26.82
N THR B 551 -13.94 5.08 25.64
CA THR B 551 -14.83 3.93 25.51
C THR B 551 -14.22 2.93 24.53
N ILE B 552 -14.40 1.64 24.82
CA ILE B 552 -14.04 0.57 23.89
C ILE B 552 -15.23 -0.37 23.81
N ASP B 553 -15.76 -0.57 22.62
CA ASP B 553 -16.87 -1.50 22.37
C ASP B 553 -16.33 -2.87 21.94
N GLU B 554 -17.05 -3.93 22.30
CA GLU B 554 -16.83 -5.29 21.82
C GLU B 554 -18.18 -5.87 21.44
N THR B 555 -18.37 -6.19 20.16
CA THR B 555 -19.65 -6.72 19.69
C THR B 555 -19.46 -7.59 18.46
N HIS B 556 -20.58 -8.01 17.85
CA HIS B 556 -20.56 -8.84 16.66
C HIS B 556 -20.40 -8.00 15.40
N ILE B 557 -19.84 -8.59 14.36
CA ILE B 557 -19.78 -7.92 13.06
C ILE B 557 -21.20 -7.75 12.52
N SER B 558 -22.02 -8.80 12.63
CA SER B 558 -23.43 -8.69 12.27
C SER B 558 -24.19 -7.79 13.24
N SER B 559 -24.99 -6.87 12.71
CA SER B 559 -25.85 -6.03 13.54
C SER B 559 -27.08 -6.78 14.08
N SER B 560 -27.44 -7.92 13.49
CA SER B 560 -28.63 -8.67 13.90
C SER B 560 -28.36 -9.72 14.98
N THR B 561 -27.12 -10.18 15.12
CA THR B 561 -26.76 -11.21 16.10
C THR B 561 -26.88 -10.64 17.51
N VAL B 562 -27.57 -11.37 18.40
CA VAL B 562 -27.84 -10.89 19.76
C VAL B 562 -27.42 -11.88 20.84
N THR B 563 -26.50 -12.78 20.51
CA THR B 563 -25.92 -13.69 21.48
C THR B 563 -24.91 -12.90 22.32
N PRO B 564 -24.57 -13.40 23.51
CA PRO B 564 -23.40 -12.85 24.20
C PRO B 564 -22.10 -13.20 23.48
N LEU B 565 -21.01 -12.57 23.89
CA LEU B 565 -19.67 -12.96 23.46
C LEU B 565 -19.04 -13.82 24.52
N VAL B 566 -18.04 -14.60 24.12
CA VAL B 566 -17.17 -15.29 25.04
C VAL B 566 -15.76 -14.80 24.77
N LYS B 567 -15.06 -14.39 25.82
CA LYS B 567 -13.67 -14.03 25.70
C LYS B 567 -12.83 -15.17 26.24
N ARG B 568 -11.78 -15.52 25.51
CA ARG B 568 -10.86 -16.56 25.93
C ARG B 568 -9.51 -15.92 26.20
N ARG B 569 -8.86 -16.35 27.27
CA ARG B 569 -7.61 -15.75 27.70
C ARG B 569 -6.68 -16.81 28.24
N VAL B 570 -5.43 -16.77 27.81
CA VAL B 570 -4.43 -17.71 28.31
C VAL B 570 -4.20 -17.47 29.80
N ILE B 571 -4.31 -18.53 30.59
CA ILE B 571 -4.09 -18.43 32.04
C ILE B 571 -3.07 -19.42 32.59
N GLY B 572 -2.58 -20.32 31.75
CA GLY B 572 -1.66 -21.35 32.19
C GLY B 572 -1.48 -22.40 31.14
N ALA B 573 -1.10 -23.59 31.59
CA ALA B 573 -0.86 -24.73 30.72
C ALA B 573 -1.73 -25.92 31.11
N ASP B 574 -2.06 -26.76 30.13
CA ASP B 574 -2.68 -28.05 30.43
C ASP B 574 -1.59 -29.06 30.84
N SER B 575 -1.97 -30.30 31.12
CA SER B 575 -1.01 -31.31 31.60
C SER B 575 0.06 -31.70 30.57
N SER B 576 -0.26 -31.54 29.28
CA SER B 576 0.71 -31.77 28.20
C SER B 576 1.69 -30.60 28.01
N GLY B 577 1.40 -29.46 28.65
CA GLY B 577 2.25 -28.27 28.56
C GLY B 577 1.80 -27.25 27.52
N ALA B 578 0.68 -27.53 26.85
CA ALA B 578 0.12 -26.62 25.87
C ALA B 578 -0.60 -25.47 26.58
N GLN B 579 -0.71 -24.34 25.91
CA GLN B 579 -1.44 -23.18 26.45
C GLN B 579 -2.88 -23.55 26.76
N TYR B 580 -3.37 -23.10 27.90
CA TYR B 580 -4.77 -23.26 28.25
C TYR B 580 -5.44 -21.89 28.19
N LEU B 581 -6.40 -21.75 27.28
CA LEU B 581 -7.20 -20.53 27.17
C LEU B 581 -8.51 -20.78 27.90
N ALA B 582 -8.76 -19.98 28.94
CA ALA B 582 -9.99 -20.07 29.73
C ALA B 582 -11.05 -19.14 29.16
N SER B 583 -12.32 -19.53 29.30
CA SER B 583 -13.45 -18.78 28.76
C SER B 583 -14.21 -18.04 29.83
N ASP B 584 -14.61 -16.80 29.53
CA ASP B 584 -15.46 -16.05 30.43
C ASP B 584 -16.93 -16.18 30.07
N THR B 585 -17.76 -15.58 30.91
CA THR B 585 -19.21 -15.52 30.71
C THR B 585 -19.66 -14.11 31.04
N TYR B 586 -20.43 -13.51 30.14
CA TYR B 586 -21.03 -12.21 30.40
C TYR B 586 -22.37 -12.18 29.66
N THR B 587 -23.41 -12.61 30.36
CA THR B 587 -24.76 -12.58 29.85
C THR B 587 -25.56 -11.55 30.63
N LYS B 588 -26.84 -11.43 30.32
CA LYS B 588 -27.70 -10.57 31.13
C LYS B 588 -27.81 -11.01 32.59
N LEU B 589 -27.59 -12.30 32.85
CA LEU B 589 -27.80 -12.88 34.17
C LEU B 589 -26.55 -13.42 34.88
N SER B 590 -25.40 -13.43 34.21
CA SER B 590 -24.22 -14.10 34.77
C SER B 590 -22.93 -13.43 34.33
N ARG B 591 -22.04 -13.19 35.30
CA ARG B 591 -20.69 -12.72 35.01
C ARG B 591 -19.69 -13.63 35.70
N LYS B 592 -18.91 -14.36 34.90
CA LYS B 592 -17.94 -15.32 35.41
C LYS B 592 -16.67 -15.29 34.58
N TRP B 593 -15.60 -15.83 35.16
CA TRP B 593 -14.35 -16.10 34.45
C TRP B 593 -13.99 -17.54 34.73
N GLY B 594 -13.84 -18.32 33.67
CA GLY B 594 -13.54 -19.74 33.80
C GLY B 594 -12.11 -20.01 34.21
N THR B 595 -11.92 -21.17 34.82
CA THR B 595 -10.59 -21.70 35.04
C THR B 595 -10.66 -23.21 34.97
N TYR B 596 -9.54 -23.88 35.17
CA TYR B 596 -9.48 -25.32 35.10
C TYR B 596 -8.31 -25.80 35.93
N ASN B 597 -8.54 -26.89 36.67
CA ASN B 597 -7.51 -27.54 37.44
C ASN B 597 -7.11 -28.80 36.69
N HIS B 598 -5.93 -28.77 36.08
CA HIS B 598 -5.44 -29.91 35.31
C HIS B 598 -4.82 -31.00 36.18
N GLY B 599 -4.63 -30.73 37.47
CA GLY B 599 -4.23 -31.76 38.43
C GLY B 599 -5.36 -32.74 38.69
N SER B 600 -6.55 -32.21 38.98
CA SER B 600 -7.73 -33.02 39.28
C SER B 600 -8.71 -33.15 38.12
N ASN B 601 -8.46 -32.44 37.02
CA ASN B 601 -9.34 -32.39 35.86
C ASN B 601 -10.75 -31.91 36.20
N ASN B 602 -10.80 -30.73 36.80
CA ASN B 602 -12.06 -30.07 37.13
C ASN B 602 -12.06 -28.65 36.60
N ALA B 603 -13.14 -28.29 35.92
CA ALA B 603 -13.43 -26.89 35.62
C ALA B 603 -13.65 -26.11 36.90
N GLY B 604 -13.43 -24.81 36.82
CA GLY B 604 -13.75 -23.91 37.91
C GLY B 604 -14.17 -22.56 37.37
N ALA B 605 -14.51 -21.65 38.27
CA ALA B 605 -14.87 -20.30 37.90
C ALA B 605 -14.73 -19.32 39.04
N PHE B 606 -14.51 -18.07 38.63
CA PHE B 606 -14.49 -16.89 39.49
C PHE B 606 -15.76 -16.11 39.15
N TYR B 607 -16.36 -15.48 40.16
CA TYR B 607 -17.72 -14.93 40.07
C TYR B 607 -17.75 -13.45 40.44
N ALA B 608 -18.53 -12.68 39.67
CA ALA B 608 -18.91 -11.31 40.04
C ALA B 608 -20.42 -11.33 40.31
N PRO B 609 -20.82 -11.50 41.59
CA PRO B 609 -22.26 -11.67 41.85
C PRO B 609 -23.06 -10.39 41.71
N MET B 610 -24.38 -10.53 41.57
CA MET B 610 -25.27 -9.41 41.80
C MET B 610 -25.26 -9.08 43.27
N MET B 611 -25.19 -7.79 43.59
CA MET B 611 -25.31 -7.31 44.95
C MET B 611 -26.51 -6.40 45.03
N LEU B 612 -27.21 -6.48 46.15
CA LEU B 612 -28.48 -5.76 46.31
C LEU B 612 -28.69 -5.49 47.78
N THR B 613 -29.00 -4.24 48.11
CA THR B 613 -29.13 -3.82 49.50
C THR B 613 -30.54 -3.31 49.80
N TYR B 614 -31.06 -3.75 50.94
CA TYR B 614 -32.30 -3.26 51.52
C TYR B 614 -31.94 -2.14 52.50
N ASP B 615 -32.70 -1.04 52.46
CA ASP B 615 -32.52 0.05 53.44
C ASP B 615 -33.88 0.69 53.64
N GLN B 616 -34.42 0.61 54.85
CA GLN B 616 -35.77 1.15 55.11
C GLN B 616 -35.80 2.69 54.99
N SER B 617 -34.63 3.33 54.99
CA SER B 617 -34.52 4.78 54.75
C SER B 617 -34.49 5.19 53.28
N PHE B 618 -34.36 4.24 52.35
CA PHE B 618 -34.44 4.58 50.92
C PHE B 618 -35.84 5.11 50.61
N SER B 619 -35.89 6.13 49.76
CA SER B 619 -37.16 6.67 49.26
C SER B 619 -37.86 5.69 48.32
N THR B 620 -37.07 4.93 47.57
CA THR B 620 -37.60 3.86 46.72
C THR B 620 -36.68 2.64 46.85
N PRO B 621 -37.23 1.43 46.73
CA PRO B 621 -36.37 0.25 46.88
C PRO B 621 -35.28 0.20 45.82
N GLN B 622 -34.09 -0.23 46.24
CA GLN B 622 -33.03 -0.49 45.29
C GLN B 622 -33.42 -1.71 44.44
N ASN B 623 -33.12 -1.64 43.16
CA ASN B 623 -33.41 -2.71 42.22
C ASN B 623 -32.13 -3.08 41.49
N ASN B 624 -31.82 -4.37 41.46
CA ASN B 624 -30.74 -4.89 40.63
C ASN B 624 -31.31 -5.90 39.65
N ASN B 625 -31.39 -5.52 38.38
CA ASN B 625 -31.65 -6.46 37.31
C ASN B 625 -33.05 -7.09 37.40
N GLY B 626 -34.00 -6.38 37.98
CA GLY B 626 -35.36 -6.87 38.15
C GLY B 626 -35.68 -7.49 39.49
N TRP B 627 -34.71 -7.50 40.41
CA TRP B 627 -34.92 -7.94 41.79
C TRP B 627 -34.84 -6.77 42.75
N LYS B 628 -35.73 -6.77 43.74
CA LYS B 628 -35.67 -5.82 44.86
C LYS B 628 -35.91 -6.60 46.13
N ILE B 629 -35.59 -5.96 47.26
CA ILE B 629 -35.83 -6.55 48.57
C ILE B 629 -36.96 -5.79 49.26
N VAL B 630 -37.97 -6.52 49.70
CA VAL B 630 -39.09 -5.93 50.44
C VAL B 630 -39.30 -6.67 51.75
N LYS B 631 -39.81 -5.93 52.74
CA LYS B 631 -40.21 -6.54 54.01
C LYS B 631 -41.58 -7.19 53.83
N GLU B 632 -41.67 -8.47 54.18
CA GLU B 632 -42.94 -9.22 54.17
C GLU B 632 -43.65 -9.11 55.52
N SER B 633 -42.89 -9.37 56.58
CA SER B 633 -43.37 -9.30 57.95
C SER B 633 -42.16 -9.14 58.86
N THR B 634 -42.36 -9.10 60.17
CA THR B 634 -41.24 -8.93 61.10
C THR B 634 -40.17 -9.99 60.87
N GLY B 635 -38.98 -9.54 60.53
CA GLY B 635 -37.85 -10.41 60.32
C GLY B 635 -37.81 -11.19 59.02
N VAL B 636 -38.78 -10.98 58.13
CA VAL B 636 -38.91 -11.78 56.92
C VAL B 636 -38.91 -10.86 55.71
N TYR B 637 -37.96 -11.09 54.80
CA TYR B 637 -37.72 -10.23 53.64
C TYR B 637 -37.75 -11.07 52.40
N ARG B 638 -38.31 -10.55 51.32
CA ARG B 638 -38.33 -11.23 50.02
C ARG B 638 -37.36 -10.52 49.10
N VAL B 639 -36.41 -11.27 48.56
CA VAL B 639 -35.60 -10.85 47.43
C VAL B 639 -36.39 -11.34 46.22
N GLU B 640 -37.17 -10.45 45.64
CA GLU B 640 -38.25 -10.84 44.73
C GLU B 640 -38.17 -10.17 43.37
N ARG B 641 -38.80 -10.81 42.41
CA ARG B 641 -38.90 -10.27 41.06
C ARG B 641 -39.97 -9.20 41.00
N VAL B 642 -39.65 -8.09 40.35
CA VAL B 642 -40.64 -7.06 40.08
C VAL B 642 -41.44 -7.41 38.83
N SER B 643 -42.55 -6.70 38.65
CA SER B 643 -43.43 -6.94 37.51
C SER B 643 -42.66 -6.86 36.20
N GLY B 644 -42.80 -7.89 35.37
CA GLY B 644 -42.15 -7.93 34.07
C GLY B 644 -40.83 -8.69 34.06
N ASN B 645 -40.25 -8.92 35.24
CA ASN B 645 -39.06 -9.76 35.32
C ASN B 645 -39.45 -11.23 35.29
N THR B 646 -39.26 -11.86 34.12
CA THR B 646 -39.54 -13.28 33.92
C THR B 646 -38.26 -14.13 33.96
N SER B 647 -37.13 -13.51 34.30
CA SER B 647 -35.88 -14.25 34.40
C SER B 647 -35.84 -15.04 35.70
N VAL B 648 -35.01 -16.07 35.74
CA VAL B 648 -34.95 -17.00 36.87
C VAL B 648 -33.54 -17.18 37.37
N ILE B 649 -33.45 -17.69 38.59
CA ILE B 649 -32.21 -18.18 39.19
C ILE B 649 -32.20 -19.68 38.99
N THR B 650 -31.09 -20.21 38.49
CA THR B 650 -30.93 -21.64 38.30
C THR B 650 -29.70 -22.10 39.10
N ASN B 651 -29.94 -22.80 40.21
CA ASN B 651 -28.86 -23.40 40.99
C ASN B 651 -27.81 -22.38 41.41
N GLY B 652 -28.27 -21.23 41.87
CA GLY B 652 -27.39 -20.10 42.19
C GLY B 652 -26.70 -20.19 43.53
N HIS B 653 -25.73 -19.30 43.71
CA HIS B 653 -25.01 -19.16 44.96
C HIS B 653 -25.62 -17.98 45.71
N ILE B 654 -25.74 -18.10 47.04
CA ILE B 654 -26.36 -17.04 47.85
C ILE B 654 -25.52 -16.69 49.08
N VAL B 655 -25.23 -15.40 49.24
CA VAL B 655 -24.53 -14.88 50.40
C VAL B 655 -25.34 -13.72 50.95
N VAL B 656 -25.68 -13.79 52.22
CA VAL B 656 -26.31 -12.65 52.90
C VAL B 656 -25.23 -11.86 53.65
N GLY B 657 -25.33 -10.54 53.56
CA GLY B 657 -24.39 -9.62 54.15
C GLY B 657 -24.72 -9.25 55.58
N SER B 658 -24.16 -8.12 56.02
CA SER B 658 -24.14 -7.77 57.43
C SER B 658 -25.28 -6.81 57.77
N PRO B 659 -25.94 -7.00 58.90
CA PRO B 659 -27.07 -6.13 59.24
C PRO B 659 -26.68 -4.87 60.01
N LEU B 660 -27.28 -3.76 59.62
CA LEU B 660 -27.29 -2.54 60.43
C LEU B 660 -28.60 -2.54 61.18
N MET B 661 -28.53 -2.68 62.50
CA MET B 661 -29.72 -2.80 63.35
C MET B 661 -30.10 -1.45 63.95
N GLY B 662 -31.41 -1.22 64.10
CA GLY B 662 -31.93 -0.12 64.93
C GLY B 662 -32.00 1.26 64.29
N SER B 663 -31.04 1.55 63.41
CA SER B 663 -31.00 2.82 62.69
C SER B 663 -30.13 2.66 61.44
N ARG B 664 -30.13 3.66 60.58
CA ARG B 664 -29.30 3.62 59.37
C ARG B 664 -27.81 3.54 59.72
N LEU B 665 -27.39 4.28 60.74
CA LEU B 665 -26.02 4.22 61.22
C LEU B 665 -25.70 2.85 61.83
N GLY B 666 -26.69 2.27 62.51
CA GLY B 666 -26.54 0.99 63.20
C GLY B 666 -26.26 1.20 64.68
N THR B 667 -26.81 0.31 65.51
CA THR B 667 -26.48 0.26 66.93
C THR B 667 -25.22 -0.57 67.19
N GLY B 668 -24.87 -1.46 66.26
CA GLY B 668 -23.81 -2.42 66.48
C GLY B 668 -24.28 -3.79 66.93
N THR B 669 -25.57 -3.95 67.24
CA THR B 669 -26.09 -5.27 67.59
C THR B 669 -26.12 -6.11 66.32
N GLY B 670 -26.14 -7.43 66.49
CA GLY B 670 -26.11 -8.36 65.36
C GLY B 670 -27.41 -9.11 65.19
N ALA B 671 -27.43 -9.98 64.20
CA ALA B 671 -28.55 -10.87 63.97
C ALA B 671 -28.10 -12.05 63.14
N THR B 672 -28.90 -13.10 63.15
CA THR B 672 -28.57 -14.36 62.48
C THR B 672 -29.58 -14.59 61.37
N HIS B 673 -29.10 -14.96 60.19
CA HIS B 673 -29.99 -15.19 59.05
C HIS B 673 -30.11 -16.64 58.63
N GLY B 674 -31.26 -16.92 58.03
CA GLY B 674 -31.49 -18.15 57.24
C GLY B 674 -32.26 -17.75 55.99
N ILE B 675 -32.28 -18.63 55.00
CA ILE B 675 -32.99 -18.35 53.76
C ILE B 675 -34.02 -19.43 53.42
N GLN B 676 -34.91 -19.06 52.51
CA GLN B 676 -35.91 -19.98 51.94
C GLN B 676 -36.12 -19.56 50.50
N MET B 677 -36.13 -20.51 49.57
CA MET B 677 -36.29 -20.15 48.16
C MET B 677 -37.75 -19.80 47.83
N ILE B 678 -37.91 -18.95 46.83
CA ILE B 678 -39.22 -18.65 46.26
C ILE B 678 -39.26 -19.34 44.90
N GLU B 679 -40.18 -20.28 44.73
CA GLU B 679 -40.27 -21.06 43.51
C GLU B 679 -40.98 -20.28 42.38
N THR B 680 -40.71 -20.66 41.14
CA THR B 680 -41.42 -20.11 39.98
C THR B 680 -42.74 -20.84 39.73
N TYR B 681 -42.72 -22.15 39.98
CA TYR B 681 -43.89 -23.02 39.98
C TYR B 681 -43.64 -24.09 41.04
N ALA B 682 -44.70 -24.75 41.48
CA ALA B 682 -44.60 -25.76 42.53
C ALA B 682 -43.57 -26.84 42.19
N GLY B 683 -42.53 -26.93 43.03
CA GLY B 683 -41.45 -27.90 42.85
C GLY B 683 -40.29 -27.44 41.98
N SER B 684 -40.33 -26.20 41.49
CA SER B 684 -39.30 -25.74 40.56
C SER B 684 -37.90 -25.80 41.17
N TRP B 685 -37.80 -25.43 42.44
CA TRP B 685 -36.51 -25.44 43.14
C TRP B 685 -36.16 -26.85 43.64
N THR B 686 -37.10 -27.44 44.37
CA THR B 686 -36.92 -28.77 44.93
C THR B 686 -36.45 -29.77 43.87
N SER B 687 -37.11 -29.76 42.72
CA SER B 687 -36.84 -30.74 41.68
C SER B 687 -35.81 -30.28 40.64
N TYR B 688 -35.81 -29.00 40.29
CA TYR B 688 -35.01 -28.50 39.15
C TYR B 688 -34.07 -27.34 39.48
N THR B 689 -33.92 -27.01 40.76
CA THR B 689 -33.12 -25.86 41.21
C THR B 689 -33.40 -24.56 40.44
N GLU B 690 -34.68 -24.33 40.11
CA GLU B 690 -35.11 -23.07 39.54
C GLU B 690 -35.86 -22.27 40.59
N ALA B 691 -35.49 -21.00 40.74
CA ALA B 691 -36.15 -20.12 41.70
C ALA B 691 -36.45 -18.77 41.10
N ALA B 692 -37.52 -18.15 41.59
CA ALA B 692 -37.84 -16.76 41.28
C ALA B 692 -37.01 -15.81 42.12
N GLY B 693 -36.69 -16.23 43.34
CA GLY B 693 -35.96 -15.40 44.28
C GLY B 693 -35.78 -16.15 45.58
N PHE B 694 -35.64 -15.43 46.68
CA PHE B 694 -35.49 -16.07 47.98
C PHE B 694 -35.87 -15.14 49.10
N LYS B 695 -36.27 -15.72 50.23
CA LYS B 695 -36.56 -14.99 51.45
C LYS B 695 -35.36 -15.04 52.38
N VAL B 696 -35.17 -13.95 53.12
CA VAL B 696 -34.16 -13.85 54.17
C VAL B 696 -34.91 -13.63 55.48
N PHE B 697 -34.58 -14.47 56.47
CA PHE B 697 -35.15 -14.42 57.81
C PHE B 697 -34.06 -13.96 58.76
N TRP B 698 -34.36 -12.95 59.57
CA TRP B 698 -33.41 -12.40 60.54
C TRP B 698 -33.91 -12.61 61.96
N ARG B 699 -33.02 -13.08 62.83
CA ARG B 699 -33.36 -13.32 64.23
C ARG B 699 -32.28 -12.82 65.19
N ASP B 700 -32.70 -12.39 66.37
CA ASP B 700 -31.78 -11.99 67.45
C ASP B 700 -31.20 -13.20 68.20
N SER B 701 -30.39 -12.93 69.23
CA SER B 701 -29.72 -14.00 69.98
C SER B 701 -30.66 -14.90 70.78
N SER B 702 -31.90 -14.45 71.01
CA SER B 702 -32.94 -15.29 71.62
C SER B 702 -33.81 -15.99 70.58
N ASN B 703 -33.39 -15.95 69.31
CA ASN B 703 -34.06 -16.61 68.19
C ASN B 703 -35.42 -15.99 67.83
N ALA B 704 -35.60 -14.72 68.18
CA ALA B 704 -36.83 -13.98 67.82
C ALA B 704 -36.61 -13.20 66.54
N LEU B 705 -37.62 -13.21 65.67
CA LEU B 705 -37.57 -12.44 64.42
C LEU B 705 -37.37 -10.94 64.69
N VAL B 706 -36.45 -10.34 63.94
CA VAL B 706 -36.08 -8.93 64.12
C VAL B 706 -35.85 -8.26 62.78
N ASP B 707 -36.04 -6.95 62.72
CA ASP B 707 -35.93 -6.18 61.49
C ASP B 707 -34.67 -5.33 61.45
N PRO B 708 -33.70 -5.71 60.60
CA PRO B 708 -32.60 -4.79 60.38
C PRO B 708 -33.08 -3.50 59.70
N HIS B 709 -32.35 -2.41 59.91
CA HIS B 709 -32.60 -1.19 59.16
C HIS B 709 -32.10 -1.30 57.72
N ARG B 710 -30.95 -1.96 57.56
CA ARG B 710 -30.30 -2.08 56.26
C ARG B 710 -29.47 -3.36 56.23
N PHE B 711 -29.50 -4.05 55.09
CA PHE B 711 -28.62 -5.21 54.91
C PHE B 711 -28.43 -5.49 53.43
N THR B 712 -27.33 -6.15 53.12
CA THR B 712 -26.94 -6.51 51.76
C THR B 712 -27.18 -7.99 51.53
N VAL B 713 -27.49 -8.34 50.28
CA VAL B 713 -27.37 -9.72 49.79
C VAL B 713 -26.50 -9.75 48.54
N ALA B 714 -25.88 -10.90 48.31
CA ALA B 714 -25.14 -11.14 47.07
C ALA B 714 -25.57 -12.50 46.56
N PHE B 715 -25.90 -12.59 45.28
CA PHE B 715 -26.30 -13.86 44.71
C PHE B 715 -25.98 -13.95 43.23
N THR B 716 -25.96 -15.18 42.73
CA THR B 716 -25.78 -15.43 41.30
C THR B 716 -27.03 -16.12 40.74
N ALA B 717 -27.24 -15.93 39.44
CA ALA B 717 -28.41 -16.51 38.75
C ALA B 717 -28.10 -17.84 38.10
N THR B 718 -26.81 -18.22 38.09
CA THR B 718 -26.38 -19.56 37.69
C THR B 718 -25.37 -20.09 38.66
N SER B 719 -25.07 -21.38 38.54
CA SER B 719 -24.02 -21.99 39.33
C SER B 719 -22.64 -21.56 38.80
N GLN C 172 23.16 16.41 -74.79
CA GLN C 172 23.81 17.20 -75.90
C GLN C 172 22.77 17.88 -76.81
N THR C 173 22.99 19.12 -77.24
CA THR C 173 24.10 19.99 -76.81
C THR C 173 23.69 20.86 -75.61
N GLN C 174 22.43 21.29 -75.59
CA GLN C 174 21.94 22.26 -74.61
C GLN C 174 21.27 21.64 -73.39
N TYR C 175 21.51 20.35 -73.16
CA TYR C 175 21.06 19.68 -71.95
C TYR C 175 21.95 18.47 -71.75
N TYR C 176 21.83 17.85 -70.58
CA TYR C 176 22.64 16.69 -70.23
C TYR C 176 21.78 15.43 -70.21
N LEU C 177 22.18 14.48 -71.05
CA LEU C 177 21.54 13.18 -71.17
C LEU C 177 22.40 12.31 -72.10
N LYS C 178 22.92 11.22 -71.56
CA LYS C 178 23.64 10.23 -72.37
C LYS C 178 23.27 8.86 -71.87
N TYR C 179 22.82 8.00 -72.77
CA TYR C 179 22.50 6.61 -72.43
C TYR C 179 23.70 5.74 -72.74
N PHE C 180 23.66 4.50 -72.26
CA PHE C 180 24.74 3.55 -72.50
C PHE C 180 24.94 3.28 -74.00
N ASN C 181 26.21 3.20 -74.39
CA ASN C 181 26.61 2.93 -75.76
C ASN C 181 27.66 1.82 -75.72
N PRO C 182 27.36 0.66 -76.33
CA PRO C 182 28.29 -0.48 -76.23
C PRO C 182 29.66 -0.30 -76.91
N GLU C 183 29.80 0.73 -77.74
CA GLU C 183 31.07 1.05 -78.40
C GLU C 183 32.02 1.90 -77.55
N ILE C 184 31.55 2.38 -76.40
CA ILE C 184 32.30 3.32 -75.58
C ILE C 184 32.99 2.62 -74.42
N VAL C 185 34.17 3.11 -74.05
CA VAL C 185 34.88 2.66 -72.87
C VAL C 185 34.74 3.77 -71.83
N TYR C 186 34.04 3.49 -70.73
CA TYR C 186 33.77 4.49 -69.71
C TYR C 186 34.87 4.51 -68.65
N PRO C 187 35.52 5.66 -68.46
CA PRO C 187 36.54 5.73 -67.41
C PRO C 187 35.95 5.74 -66.00
N LYS C 188 36.80 5.55 -65.01
CA LYS C 188 36.38 5.67 -63.61
C LYS C 188 35.76 7.04 -63.40
N ASN C 189 34.64 7.07 -62.69
CA ASN C 189 33.88 8.30 -62.36
C ASN C 189 33.02 8.87 -63.49
N ALA C 190 33.02 8.24 -64.66
CA ALA C 190 32.16 8.67 -65.75
C ALA C 190 30.70 8.52 -65.34
N ARG C 191 29.87 9.48 -65.73
CA ARG C 191 28.43 9.42 -65.48
C ARG C 191 27.64 9.30 -66.75
N ILE C 192 26.66 8.39 -66.74
CA ILE C 192 25.68 8.27 -67.81
C ILE C 192 24.33 7.97 -67.18
N MET C 193 23.28 7.95 -68.00
CA MET C 193 21.95 7.59 -67.55
C MET C 193 21.60 6.17 -67.93
N LEU C 194 20.98 5.47 -66.98
CA LEU C 194 20.23 4.25 -67.30
C LEU C 194 19.07 4.61 -68.22
N ASP C 195 18.49 3.59 -68.87
CA ASP C 195 17.37 3.80 -69.78
C ASP C 195 16.14 4.45 -69.10
N ASN C 196 15.98 4.23 -67.79
CA ASN C 196 14.95 4.92 -67.00
C ASN C 196 15.30 6.37 -66.60
N GLY C 197 16.48 6.86 -66.99
CA GLY C 197 16.90 8.23 -66.70
C GLY C 197 17.74 8.46 -65.46
N ASP C 198 17.83 7.45 -64.59
CA ASP C 198 18.63 7.59 -63.38
C ASP C 198 20.12 7.56 -63.73
N ILE C 199 20.89 8.44 -63.09
CA ILE C 199 22.32 8.53 -63.35
C ILE C 199 23.08 7.43 -62.60
N VAL C 200 24.04 6.83 -63.31
CA VAL C 200 25.01 5.92 -62.70
C VAL C 200 26.41 6.43 -62.93
N ARG C 201 27.30 6.09 -61.99
CA ARG C 201 28.69 6.51 -61.96
C ARG C 201 29.56 5.26 -62.03
N SER C 202 30.54 5.25 -62.93
CA SER C 202 31.46 4.13 -63.02
C SER C 202 32.42 4.15 -61.83
N THR C 203 32.56 3.00 -61.17
CA THR C 203 33.49 2.86 -60.05
C THR C 203 34.79 2.16 -60.44
N VAL C 204 34.93 1.81 -61.73
CA VAL C 204 36.12 1.11 -62.22
C VAL C 204 36.62 1.73 -63.50
N VAL C 205 37.91 1.54 -63.76
CA VAL C 205 38.53 1.91 -65.03
C VAL C 205 38.06 0.98 -66.15
N ASN C 206 38.18 1.43 -67.39
CA ASN C 206 37.91 0.61 -68.56
C ASN C 206 36.54 -0.08 -68.52
N ASN C 207 35.51 0.65 -68.11
CA ASN C 207 34.19 0.04 -67.92
C ASN C 207 33.47 -0.12 -69.25
N THR C 208 33.19 -1.37 -69.62
CA THR C 208 32.45 -1.69 -70.84
C THR C 208 31.18 -2.49 -70.54
N SER C 209 30.76 -2.52 -69.28
CA SER C 209 29.57 -3.27 -68.87
C SER C 209 28.36 -2.36 -68.98
N ASN C 210 27.25 -2.92 -69.46
CA ASN C 210 26.01 -2.19 -69.61
C ASN C 210 25.30 -2.14 -68.25
N PRO C 211 25.19 -0.93 -67.64
CA PRO C 211 24.60 -0.85 -66.31
C PRO C 211 23.11 -1.19 -66.26
N ASN C 212 22.42 -1.16 -67.40
CA ASN C 212 21.01 -1.56 -67.51
C ASN C 212 20.77 -3.05 -67.27
N VAL C 213 21.78 -3.88 -67.54
CA VAL C 213 21.72 -5.33 -67.29
C VAL C 213 22.73 -5.84 -66.24
N ASP C 214 23.79 -5.08 -65.97
CA ASP C 214 24.86 -5.47 -65.06
C ASP C 214 25.42 -4.25 -64.34
N MET C 215 25.08 -4.11 -63.06
CA MET C 215 25.55 -2.98 -62.24
C MET C 215 26.94 -3.16 -61.62
N THR C 216 27.61 -4.29 -61.89
CA THR C 216 29.02 -4.43 -61.52
C THR C 216 29.83 -3.29 -62.15
N GLY C 217 30.60 -2.61 -61.32
CA GLY C 217 31.40 -1.48 -61.73
C GLY C 217 30.63 -0.16 -61.84
N TRP C 218 29.38 -0.13 -61.39
CA TRP C 218 28.55 1.10 -61.42
C TRP C 218 27.86 1.29 -60.08
N VAL C 219 27.53 2.55 -59.77
CA VAL C 219 26.66 2.86 -58.62
C VAL C 219 25.63 3.90 -59.04
N LYS C 220 24.43 3.80 -58.48
CA LYS C 220 23.38 4.80 -58.67
C LYS C 220 23.66 6.02 -57.79
N VAL C 221 23.79 7.19 -58.40
CA VAL C 221 24.17 8.39 -57.65
C VAL C 221 23.06 8.95 -56.76
N SER C 222 21.80 8.60 -57.05
CA SER C 222 20.67 9.06 -56.24
C SER C 222 20.39 8.14 -55.04
N SER C 223 21.19 7.10 -54.84
CA SER C 223 21.02 6.23 -53.70
C SER C 223 21.64 6.84 -52.45
N VAL C 224 21.02 6.58 -51.30
CA VAL C 224 21.50 7.12 -50.03
C VAL C 224 22.85 6.55 -49.59
N SER C 225 23.27 5.44 -50.20
CA SER C 225 24.62 4.95 -50.03
C SER C 225 25.68 5.84 -50.69
N GLN C 226 25.25 6.78 -51.53
CA GLN C 226 26.11 7.72 -52.24
C GLN C 226 25.91 9.17 -51.80
N ILE C 227 25.17 9.36 -50.71
CA ILE C 227 24.85 10.67 -50.16
C ILE C 227 25.47 10.68 -48.77
N PHE C 228 26.13 11.78 -48.41
CA PHE C 228 26.90 11.86 -47.17
C PHE C 228 26.45 13.01 -46.29
N ASP C 229 26.45 12.76 -44.97
CA ASP C 229 26.30 13.85 -44.01
C ASP C 229 27.70 14.21 -43.54
N GLU C 230 28.20 15.36 -44.02
CA GLU C 230 29.60 15.77 -43.75
C GLU C 230 29.85 16.06 -42.27
N THR C 231 28.80 16.31 -41.50
CA THR C 231 28.92 16.48 -40.06
C THR C 231 29.51 15.24 -39.39
N TYR C 232 29.14 14.05 -39.89
CA TYR C 232 29.59 12.77 -39.35
C TYR C 232 30.54 11.99 -40.28
N ASN C 233 30.69 12.42 -41.52
CA ASN C 233 31.40 11.67 -42.55
C ASN C 233 30.91 10.23 -42.66
N ILE C 234 29.59 10.08 -42.73
CA ILE C 234 28.95 8.80 -42.96
C ILE C 234 27.87 8.99 -44.00
N THR C 235 27.42 7.87 -44.58
CA THR C 235 26.37 7.92 -45.57
C THR C 235 25.01 8.11 -44.91
N GLN C 236 24.07 8.65 -45.69
CA GLN C 236 22.69 8.69 -45.29
C GLN C 236 22.11 7.30 -45.05
N SER C 237 22.62 6.29 -45.77
CA SER C 237 22.24 4.89 -45.55
C SER C 237 22.43 4.48 -44.08
N VAL C 238 23.56 4.87 -43.50
CA VAL C 238 23.84 4.58 -42.08
C VAL C 238 22.89 5.32 -41.15
N ILE C 239 22.64 6.60 -41.42
CA ILE C 239 21.72 7.40 -40.63
C ILE C 239 20.30 6.82 -40.66
N ASN C 240 19.90 6.26 -41.81
CA ASN C 240 18.61 5.59 -41.96
C ASN C 240 18.47 4.27 -41.18
N GLY C 241 19.55 3.80 -40.55
CA GLY C 241 19.47 2.72 -39.57
C GLY C 241 19.11 3.15 -38.16
N ASN C 242 18.99 4.46 -37.91
CA ASN C 242 18.69 4.94 -36.56
C ASN C 242 17.30 4.56 -36.07
N LEU C 243 16.32 4.69 -36.97
CA LEU C 243 14.92 4.39 -36.69
C LEU C 243 14.28 3.79 -37.94
N ILE C 244 13.74 2.58 -37.79
CA ILE C 244 13.07 1.87 -38.87
C ILE C 244 11.65 1.60 -38.41
N THR C 245 10.68 1.87 -39.28
CA THR C 245 9.27 1.67 -38.95
C THR C 245 8.61 0.85 -40.05
N VAL C 246 7.34 0.55 -39.86
CA VAL C 246 6.53 -0.11 -40.88
C VAL C 246 6.47 0.69 -42.19
N ASP C 247 6.64 2.02 -42.11
CA ASP C 247 6.70 2.86 -43.30
C ASP C 247 7.86 2.48 -44.22
N ASN C 248 8.95 1.98 -43.64
CA ASN C 248 10.09 1.49 -44.45
C ASN C 248 9.71 0.32 -45.36
N PHE C 249 8.67 -0.41 -44.98
CA PHE C 249 8.24 -1.60 -45.69
C PHE C 249 6.97 -1.38 -46.50
N GLY C 250 6.63 -0.10 -46.74
CA GLY C 250 5.50 0.27 -47.59
C GLY C 250 4.16 0.46 -46.93
N ALA C 251 4.11 0.52 -45.59
CA ALA C 251 2.88 0.85 -44.89
C ALA C 251 2.46 2.28 -45.21
N LYS C 252 1.18 2.48 -45.51
CA LYS C 252 0.65 3.78 -45.86
C LYS C 252 0.08 4.56 -44.68
N GLY C 253 -0.53 3.87 -43.72
CA GLY C 253 -1.17 4.54 -42.59
C GLY C 253 -2.16 5.61 -43.03
N ASP C 254 -2.97 5.27 -44.03
CA ASP C 254 -3.83 6.25 -44.69
C ASP C 254 -5.31 6.04 -44.37
N GLY C 255 -5.61 5.15 -43.43
CA GLY C 255 -7.00 4.87 -43.05
C GLY C 255 -7.81 4.04 -44.03
N VAL C 256 -7.18 3.53 -45.09
CA VAL C 256 -7.88 2.78 -46.15
C VAL C 256 -7.10 1.54 -46.60
N THR C 257 -5.84 1.75 -46.98
CA THR C 257 -5.00 0.68 -47.50
C THR C 257 -4.64 -0.36 -46.44
N ASP C 258 -4.76 -1.64 -46.78
CA ASP C 258 -4.34 -2.72 -45.89
C ASP C 258 -2.82 -2.70 -45.79
N ASP C 259 -2.30 -2.50 -44.58
CA ASP C 259 -0.86 -2.51 -44.32
C ASP C 259 -0.32 -3.83 -43.74
N SER C 260 -1.17 -4.86 -43.64
CA SER C 260 -0.76 -6.12 -43.02
C SER C 260 0.50 -6.73 -43.64
N ALA C 261 0.60 -6.70 -44.98
CA ALA C 261 1.77 -7.24 -45.65
C ALA C 261 3.04 -6.49 -45.29
N ALA C 262 2.94 -5.17 -45.20
CA ALA C 262 4.08 -4.31 -44.78
C ALA C 262 4.50 -4.59 -43.33
N PHE C 263 3.52 -4.74 -42.45
CA PHE C 263 3.80 -5.10 -41.06
C PHE C 263 4.51 -6.46 -40.98
N GLN C 264 4.02 -7.42 -41.76
CA GLN C 264 4.65 -8.74 -41.78
C GLN C 264 6.08 -8.70 -42.33
N ALA C 265 6.29 -7.91 -43.39
CA ALA C 265 7.63 -7.75 -43.97
C ALA C 265 8.60 -7.15 -42.96
N TYR C 266 8.12 -6.17 -42.20
CA TYR C 266 8.91 -5.60 -41.10
C TYR C 266 9.36 -6.70 -40.13
N CYS C 267 8.42 -7.54 -39.70
CA CYS C 267 8.70 -8.58 -38.74
C CYS C 267 9.60 -9.70 -39.28
N ASP C 268 9.53 -9.91 -40.60
CA ASP C 268 10.38 -10.91 -41.27
C ASP C 268 11.78 -10.39 -41.66
N SER C 269 11.99 -9.08 -41.58
CA SER C 269 13.23 -8.46 -42.04
C SER C 269 14.40 -8.72 -41.11
N ALA C 270 15.59 -8.88 -41.70
CA ALA C 270 16.85 -9.00 -40.95
C ALA C 270 17.34 -7.66 -40.40
N LEU C 271 16.71 -6.55 -40.78
CA LEU C 271 17.21 -5.22 -40.46
C LEU C 271 16.56 -4.62 -39.23
N THR C 272 15.44 -5.19 -38.78
CA THR C 272 14.64 -4.59 -37.72
C THR C 272 15.02 -5.12 -36.34
N GLY C 273 14.79 -4.28 -35.32
CA GLY C 273 15.21 -4.57 -33.95
C GLY C 273 14.20 -5.35 -33.14
N GLN C 274 14.26 -5.15 -31.82
CA GLN C 274 13.40 -5.91 -30.90
C GLN C 274 11.92 -5.70 -31.12
N ASN C 275 11.54 -4.48 -31.50
CA ASN C 275 10.14 -4.11 -31.62
C ASN C 275 9.77 -3.65 -33.01
N LEU C 276 8.47 -3.75 -33.30
CA LEU C 276 7.85 -3.09 -34.44
C LEU C 276 7.45 -1.68 -34.04
N TYR C 277 7.77 -0.71 -34.90
CA TYR C 277 7.45 0.72 -34.68
C TYR C 277 6.53 1.24 -35.77
N LEU C 278 5.60 2.11 -35.38
CA LEU C 278 4.81 2.88 -36.33
C LEU C 278 5.55 4.15 -36.74
N GLY C 279 5.18 4.67 -37.92
CA GLY C 279 5.64 5.98 -38.37
C GLY C 279 5.00 7.10 -37.57
N ALA C 280 5.44 8.33 -37.83
CA ALA C 280 5.03 9.48 -36.99
C ALA C 280 3.53 9.70 -36.97
N LYS C 281 2.94 9.69 -38.16
CA LYS C 281 1.51 9.93 -38.31
C LYS C 281 0.92 8.81 -39.13
N GLY C 282 -0.19 8.24 -38.68
CA GLY C 282 -0.92 7.30 -39.52
C GLY C 282 -1.96 6.50 -38.80
N ARG C 283 -3.07 6.25 -39.50
CA ARG C 283 -4.10 5.31 -39.09
C ARG C 283 -3.89 4.06 -39.94
N TYR C 284 -3.23 3.07 -39.34
CA TYR C 284 -2.75 1.90 -40.07
C TYR C 284 -3.80 0.80 -40.10
N ILE C 285 -4.37 0.54 -41.28
CA ILE C 285 -5.39 -0.49 -41.43
C ILE C 285 -4.74 -1.87 -41.53
N LEU C 286 -5.27 -2.81 -40.76
CA LEU C 286 -4.88 -4.23 -40.85
C LEU C 286 -6.10 -5.09 -41.15
N LYS C 287 -6.06 -5.79 -42.28
CA LYS C 287 -7.14 -6.70 -42.69
C LYS C 287 -6.77 -8.18 -42.56
N ASN C 288 -5.52 -8.46 -42.17
CA ASN C 288 -5.03 -9.81 -41.99
C ASN C 288 -4.17 -9.89 -40.74
N GLN C 289 -4.12 -11.09 -40.17
CA GLN C 289 -3.33 -11.34 -38.97
C GLN C 289 -1.86 -11.08 -39.24
N VAL C 290 -1.20 -10.46 -38.26
CA VAL C 290 0.24 -10.22 -38.30
C VAL C 290 0.91 -11.10 -37.25
N ASP C 291 1.94 -11.83 -37.66
CA ASP C 291 2.76 -12.62 -36.78
C ASP C 291 3.97 -11.77 -36.44
N LEU C 292 4.02 -11.27 -35.20
CA LEU C 292 5.11 -10.43 -34.75
C LEU C 292 6.45 -11.16 -34.65
N LYS C 293 6.45 -12.49 -34.66
CA LYS C 293 7.68 -13.29 -34.66
C LYS C 293 8.58 -12.95 -33.46
N GLY C 294 7.97 -12.68 -32.31
CA GLY C 294 8.71 -12.35 -31.11
C GLY C 294 9.08 -10.89 -30.94
N LYS C 295 8.76 -10.04 -31.93
CA LYS C 295 8.98 -8.62 -31.77
C LYS C 295 7.91 -8.01 -30.88
N GLY C 296 8.30 -7.06 -30.04
CA GLY C 296 7.32 -6.26 -29.32
C GLY C 296 6.66 -5.25 -30.24
N LEU C 297 5.77 -4.45 -29.66
CA LEU C 297 4.97 -3.50 -30.41
C LEU C 297 5.02 -2.12 -29.76
N VAL C 298 5.50 -1.14 -30.52
CA VAL C 298 5.57 0.25 -30.07
C VAL C 298 4.79 1.12 -31.05
N GLY C 299 3.80 1.83 -30.55
CA GLY C 299 2.98 2.68 -31.40
C GLY C 299 3.55 4.07 -31.59
N ASN C 300 2.67 4.97 -32.02
CA ASN C 300 3.02 6.37 -32.25
C ASN C 300 2.19 7.31 -31.37
N GLY C 301 1.82 6.82 -30.19
CA GLY C 301 1.14 7.65 -29.20
C GLY C 301 0.04 6.89 -28.48
N CYS C 302 -0.15 7.28 -27.22
CA CYS C 302 -1.22 6.76 -26.39
C CYS C 302 -2.27 7.86 -26.31
N GLY C 303 -3.35 7.70 -27.07
CA GLY C 303 -4.32 8.76 -27.24
C GLY C 303 -5.57 8.58 -26.40
N LYS C 304 -6.42 9.59 -26.43
CA LYS C 304 -7.76 9.46 -25.87
C LYS C 304 -8.60 8.59 -26.79
N VAL C 305 -9.77 8.20 -26.30
CA VAL C 305 -10.67 7.31 -27.03
C VAL C 305 -11.54 8.19 -27.91
N SER C 306 -10.96 8.65 -29.01
CA SER C 306 -11.66 9.52 -29.95
C SER C 306 -11.04 9.48 -31.34
N GLU C 307 -11.88 9.76 -32.33
CA GLU C 307 -11.45 9.80 -33.73
C GLU C 307 -10.29 10.78 -33.97
N PHE C 308 -10.26 11.87 -33.21
CA PHE C 308 -9.18 12.84 -33.31
C PHE C 308 -7.81 12.15 -33.18
N TYR C 309 -7.67 11.28 -32.18
CA TYR C 309 -6.41 10.56 -31.96
C TYR C 309 -6.23 9.38 -32.90
N TYR C 310 -7.31 8.67 -33.26
CA TYR C 310 -7.18 7.57 -34.22
C TYR C 310 -6.64 8.07 -35.56
N ASN C 311 -7.08 9.26 -35.97
CA ASN C 311 -6.63 9.83 -37.24
C ASN C 311 -5.17 10.27 -37.23
N LEU C 312 -4.67 10.65 -36.06
CA LEU C 312 -3.26 11.05 -35.93
C LEU C 312 -2.34 9.86 -35.80
N GLY C 313 -2.76 8.84 -35.06
CA GLY C 313 -1.88 7.69 -34.84
C GLY C 313 -2.55 6.53 -34.15
N CYS C 314 -2.74 5.45 -34.89
CA CYS C 314 -3.25 4.21 -34.31
C CYS C 314 -3.07 3.05 -35.26
N ILE C 315 -3.25 1.85 -34.71
CA ILE C 315 -3.51 0.65 -35.49
C ILE C 315 -5.03 0.49 -35.51
N ASP C 316 -5.59 0.25 -36.69
CA ASP C 316 -7.03 0.12 -36.87
C ASP C 316 -7.26 -1.23 -37.55
N VAL C 317 -7.64 -2.22 -36.75
CA VAL C 317 -7.87 -3.57 -37.24
C VAL C 317 -9.26 -3.66 -37.86
N ASP C 318 -9.32 -4.18 -39.09
CA ASP C 318 -10.60 -4.32 -39.79
C ASP C 318 -11.31 -5.58 -39.31
N GLY C 319 -12.21 -5.38 -38.35
CA GLY C 319 -12.98 -6.47 -37.78
C GLY C 319 -14.00 -7.09 -38.72
N SER C 320 -14.28 -6.46 -39.85
CA SER C 320 -15.16 -7.02 -40.88
C SER C 320 -14.43 -8.00 -41.82
N SER C 321 -13.11 -8.08 -41.71
CA SER C 321 -12.31 -8.97 -42.58
C SER C 321 -12.56 -10.42 -42.22
N PRO C 322 -13.05 -11.24 -43.19
CA PRO C 322 -13.31 -12.66 -42.89
C PRO C 322 -12.11 -13.43 -42.33
N ASP C 323 -10.91 -13.09 -42.78
CA ASP C 323 -9.69 -13.75 -42.31
C ASP C 323 -9.30 -13.42 -40.84
N LEU C 324 -9.94 -12.43 -40.23
CA LEU C 324 -9.73 -12.12 -38.81
C LEU C 324 -10.84 -12.63 -37.88
N GLN C 325 -11.95 -13.11 -38.43
CA GLN C 325 -13.08 -13.57 -37.58
C GLN C 325 -12.60 -14.66 -36.63
N GLY C 326 -12.87 -14.50 -35.34
CA GLY C 326 -12.51 -15.48 -34.33
C GLY C 326 -11.02 -15.62 -34.02
N LYS C 327 -10.21 -14.68 -34.49
CA LYS C 327 -8.76 -14.76 -34.36
C LYS C 327 -8.24 -13.55 -33.61
N THR C 328 -6.96 -13.62 -33.23
CA THR C 328 -6.27 -12.47 -32.67
C THR C 328 -5.47 -11.79 -33.79
N ALA C 329 -5.57 -10.46 -33.86
CA ALA C 329 -4.96 -9.66 -34.94
C ALA C 329 -3.43 -9.75 -34.97
N PHE C 330 -2.82 -9.70 -33.78
CA PHE C 330 -1.37 -9.85 -33.62
C PHE C 330 -1.08 -11.07 -32.76
N ILE C 331 -0.19 -11.93 -33.25
CA ILE C 331 0.26 -13.09 -32.48
C ILE C 331 1.76 -13.03 -32.24
N ASN C 332 2.24 -13.80 -31.26
CA ASN C 332 3.66 -13.93 -30.93
C ASN C 332 4.34 -12.59 -30.60
N CYS C 333 3.64 -11.75 -29.87
CA CYS C 333 4.21 -10.50 -29.41
C CYS C 333 5.37 -10.77 -28.47
N GLY C 334 6.40 -9.96 -28.58
CA GLY C 334 7.51 -9.97 -27.65
C GLY C 334 7.15 -9.32 -26.32
N PRO C 335 8.15 -8.95 -25.52
CA PRO C 335 7.93 -8.54 -24.13
C PRO C 335 7.54 -7.07 -23.95
N THR C 336 7.18 -6.38 -25.02
CA THR C 336 6.88 -4.95 -24.98
C THR C 336 5.60 -4.67 -25.77
N ILE C 337 4.67 -3.97 -25.13
CA ILE C 337 3.59 -3.27 -25.84
C ILE C 337 3.55 -1.90 -25.21
N GLN C 338 3.80 -0.86 -26.00
CA GLN C 338 3.83 0.49 -25.41
C GLN C 338 3.51 1.59 -26.37
N ASN C 339 3.07 2.72 -25.81
CA ASN C 339 2.93 3.97 -26.55
C ASN C 339 2.00 3.79 -27.76
N LEU C 340 0.86 3.17 -27.52
CA LEU C 340 0.04 2.60 -28.58
C LEU C 340 -1.43 2.93 -28.42
N THR C 341 -2.06 3.25 -29.54
CA THR C 341 -3.50 3.34 -29.66
C THR C 341 -3.91 2.31 -30.71
N ALA C 342 -4.84 1.44 -30.37
CA ALA C 342 -5.30 0.41 -31.29
C ALA C 342 -6.79 0.15 -31.15
N ARG C 343 -7.49 0.19 -32.28
CA ARG C 343 -8.93 -0.05 -32.33
C ARG C 343 -9.27 -1.17 -33.30
N CYS C 344 -10.47 -1.71 -33.14
CA CYS C 344 -11.07 -2.62 -34.10
C CYS C 344 -12.31 -1.96 -34.64
N SER C 345 -12.37 -1.79 -35.96
CA SER C 345 -13.50 -1.19 -36.63
C SER C 345 -14.38 -2.29 -37.23
N ASN C 346 -15.69 -2.12 -37.08
CA ASN C 346 -16.68 -3.00 -37.73
C ASN C 346 -16.52 -4.47 -37.38
N GLY C 347 -16.20 -4.75 -36.12
CA GLY C 347 -15.95 -6.11 -35.65
C GLY C 347 -17.00 -6.67 -34.71
N ALA C 348 -18.12 -5.97 -34.53
CA ALA C 348 -19.16 -6.40 -33.60
C ALA C 348 -19.64 -7.80 -33.96
N GLY C 349 -19.61 -8.71 -32.99
CA GLY C 349 -20.00 -10.10 -33.20
C GLY C 349 -18.99 -10.99 -33.90
N LYS C 350 -17.87 -10.44 -34.36
CA LYS C 350 -16.89 -11.20 -35.13
C LYS C 350 -15.75 -11.78 -34.29
N GLN C 351 -15.77 -11.52 -32.98
CA GLN C 351 -14.82 -12.11 -32.05
C GLN C 351 -13.36 -11.92 -32.50
N VAL C 352 -13.02 -10.68 -32.81
CA VAL C 352 -11.66 -10.33 -33.20
C VAL C 352 -10.97 -9.81 -31.95
N SER C 353 -9.89 -10.46 -31.55
CA SER C 353 -9.09 -10.02 -30.40
C SER C 353 -7.86 -9.27 -30.88
N PHE C 354 -7.21 -8.50 -30.00
CA PHE C 354 -6.13 -7.62 -30.48
C PHE C 354 -4.77 -8.28 -30.52
N ILE C 355 -4.25 -8.72 -29.37
CA ILE C 355 -2.85 -9.16 -29.32
C ILE C 355 -2.62 -10.30 -28.33
N GLU C 356 -1.79 -11.25 -28.76
CA GLU C 356 -1.34 -12.35 -27.92
C GLU C 356 0.09 -12.12 -27.47
N ILE C 357 0.31 -12.21 -26.15
CA ILE C 357 1.62 -11.99 -25.54
C ILE C 357 1.86 -13.06 -24.48
N ASP C 358 3.07 -13.58 -24.41
CA ASP C 358 3.38 -14.62 -23.42
C ASP C 358 3.39 -14.04 -22.01
N GLY C 359 2.95 -14.83 -21.04
CA GLY C 359 2.88 -14.36 -19.66
C GLY C 359 4.22 -14.17 -18.94
N TYR C 360 5.29 -14.80 -19.44
CA TYR C 360 6.61 -14.72 -18.81
C TYR C 360 7.40 -13.55 -19.39
N LEU C 361 7.64 -12.55 -18.54
CA LEU C 361 8.44 -11.37 -18.87
C LEU C 361 7.75 -10.47 -19.88
N ALA C 362 6.94 -9.54 -19.36
CA ALA C 362 6.32 -8.52 -20.19
C ALA C 362 6.30 -7.17 -19.51
N ASN C 363 6.46 -6.13 -20.31
CA ASN C 363 6.22 -4.75 -19.91
C ASN C 363 5.20 -4.15 -20.88
N ILE C 364 3.99 -3.93 -20.39
CA ILE C 364 2.94 -3.29 -21.18
C ILE C 364 2.63 -1.97 -20.50
N ASP C 365 2.75 -0.87 -21.24
CA ASP C 365 2.50 0.44 -20.64
C ASP C 365 2.08 1.49 -21.64
N HIS C 366 1.22 2.39 -21.20
CA HIS C 366 0.79 3.55 -22.01
C HIS C 366 0.12 3.09 -23.29
N ILE C 367 -1.00 2.39 -23.11
CA ILE C 367 -1.78 1.91 -24.25
C ILE C 367 -3.23 2.33 -24.13
N THR C 368 -3.88 2.46 -25.28
CA THR C 368 -5.29 2.73 -25.38
C THR C 368 -5.84 1.72 -26.38
N LEU C 369 -6.74 0.85 -25.92
CA LEU C 369 -7.34 -0.17 -26.79
C LEU C 369 -8.85 0.00 -26.84
N ILE C 370 -9.41 -0.12 -28.05
CA ILE C 370 -10.79 0.26 -28.33
C ILE C 370 -11.48 -0.87 -29.10
N ASN C 371 -12.59 -1.35 -28.56
CA ASN C 371 -13.33 -2.51 -29.09
C ASN C 371 -12.50 -3.79 -28.94
N PHE C 372 -12.60 -4.73 -29.89
CA PHE C 372 -12.07 -6.10 -29.80
C PHE C 372 -12.88 -6.96 -28.83
N TYR C 373 -12.69 -8.27 -28.96
CA TYR C 373 -13.35 -9.27 -28.14
C TYR C 373 -12.57 -9.39 -26.83
N ASN C 374 -11.37 -9.96 -26.91
CA ASN C 374 -10.37 -9.85 -25.86
C ASN C 374 -9.34 -8.85 -26.33
N GLN C 375 -9.00 -7.87 -25.49
CA GLN C 375 -8.04 -6.86 -25.91
C GLN C 375 -6.62 -7.39 -25.76
N ILE C 376 -6.27 -7.83 -24.56
CA ILE C 376 -4.98 -8.46 -24.29
C ILE C 376 -5.22 -9.94 -24.03
N VAL C 377 -4.62 -10.79 -24.85
CA VAL C 377 -4.70 -12.24 -24.67
C VAL C 377 -3.36 -12.71 -24.16
N VAL C 378 -3.32 -13.10 -22.89
CA VAL C 378 -2.10 -13.61 -22.29
C VAL C 378 -2.00 -15.09 -22.59
N LYS C 379 -0.86 -15.50 -23.14
CA LYS C 379 -0.60 -16.91 -23.41
C LYS C 379 0.20 -17.52 -22.27
N GLN C 380 -0.04 -18.81 -22.03
CA GLN C 380 0.47 -19.51 -20.85
C GLN C 380 0.09 -18.76 -19.57
N ALA C 381 1.00 -18.60 -18.61
CA ALA C 381 0.66 -18.01 -17.31
C ALA C 381 1.55 -16.82 -16.99
N LEU C 382 1.02 -15.89 -16.21
CA LEU C 382 1.81 -14.73 -15.79
C LEU C 382 3.02 -15.16 -14.96
N VAL C 383 4.14 -14.50 -15.19
CA VAL C 383 5.26 -14.47 -14.25
C VAL C 383 6.19 -13.34 -14.67
N GLY C 384 6.42 -12.38 -13.77
CA GLY C 384 7.19 -11.19 -14.14
C GLY C 384 6.50 -10.40 -15.24
N PHE C 385 5.19 -10.20 -15.07
CA PHE C 385 4.32 -9.59 -16.08
C PHE C 385 3.83 -8.27 -15.54
N ASN C 386 4.24 -7.18 -16.16
CA ASN C 386 3.92 -5.83 -15.67
C ASN C 386 3.10 -5.04 -16.67
N PHE C 387 1.99 -4.52 -16.18
CA PHE C 387 0.95 -3.92 -17.00
C PHE C 387 0.52 -2.62 -16.31
N THR C 388 0.67 -1.50 -16.99
CA THR C 388 0.31 -0.20 -16.39
C THR C 388 -0.15 0.84 -17.39
N ASN C 389 -1.00 1.75 -16.92
CA ASN C 389 -1.37 2.96 -17.66
C ASN C 389 -2.04 2.60 -18.97
N ALA C 390 -3.26 2.08 -18.85
CA ALA C 390 -4.00 1.54 -19.96
C ALA C 390 -5.45 1.99 -19.91
N TRP C 391 -5.96 2.45 -21.06
CA TRP C 391 -7.36 2.82 -21.22
C TRP C 391 -7.99 1.78 -22.13
N LEU C 392 -8.81 0.92 -21.56
CA LEU C 392 -9.30 -0.29 -22.22
C LEU C 392 -10.81 -0.17 -22.35
N TYR C 393 -11.25 0.28 -23.51
CA TYR C 393 -12.64 0.67 -23.72
C TYR C 393 -13.35 -0.26 -24.68
N TYR C 394 -14.59 -0.60 -24.33
CA TYR C 394 -15.54 -1.26 -25.23
C TYR C 394 -15.22 -2.71 -25.61
N SER C 395 -14.39 -3.41 -24.82
CA SER C 395 -14.16 -4.83 -25.11
C SER C 395 -15.47 -5.61 -25.03
N GLN C 396 -15.59 -6.62 -25.88
CA GLN C 396 -16.83 -7.41 -25.94
C GLN C 396 -16.85 -8.56 -24.96
N ASN C 397 -15.68 -9.05 -24.57
CA ASN C 397 -15.54 -10.16 -23.63
C ASN C 397 -14.68 -9.83 -22.42
N ALA C 398 -13.46 -9.37 -22.69
CA ALA C 398 -12.51 -9.04 -21.62
C ALA C 398 -11.47 -8.02 -22.05
N GLY C 399 -11.07 -7.16 -21.12
CA GLY C 399 -9.91 -6.30 -21.34
C GLY C 399 -8.63 -7.12 -21.38
N ILE C 400 -8.48 -8.02 -20.41
CA ILE C 400 -7.33 -8.90 -20.30
C ILE C 400 -7.85 -10.32 -20.04
N TYR C 401 -7.42 -11.27 -20.86
CA TYR C 401 -7.83 -12.67 -20.75
C TYR C 401 -6.62 -13.58 -20.63
N CYS C 402 -6.62 -14.42 -19.60
CA CYS C 402 -5.59 -15.43 -19.40
C CYS C 402 -6.21 -16.80 -19.18
N GLU C 403 -6.15 -17.63 -20.21
CA GLU C 403 -6.73 -18.98 -20.18
C GLU C 403 -5.92 -19.93 -19.29
N ASP C 404 -4.59 -19.87 -19.43
CA ASP C 404 -3.66 -20.76 -18.75
C ASP C 404 -4.10 -22.22 -18.98
N PRO C 405 -4.16 -22.65 -20.25
CA PRO C 405 -4.69 -23.99 -20.57
C PRO C 405 -3.97 -25.17 -19.89
N LEU C 406 -2.68 -25.01 -19.61
CA LEU C 406 -1.88 -26.07 -18.96
C LEU C 406 -1.85 -25.98 -17.44
N ASN C 407 -2.61 -25.04 -16.87
CA ASN C 407 -2.64 -24.81 -15.43
C ASN C 407 -1.24 -24.65 -14.82
N ARG C 408 -0.44 -23.79 -15.46
CA ARG C 408 0.88 -23.46 -14.94
C ARG C 408 0.83 -22.68 -13.62
N VAL C 409 -0.27 -21.95 -13.42
CA VAL C 409 -0.51 -21.07 -12.26
C VAL C 409 0.23 -19.76 -12.46
N SER C 410 -0.54 -18.68 -12.61
CA SER C 410 0.00 -17.34 -12.79
C SER C 410 0.55 -16.79 -11.49
N THR C 411 1.67 -16.08 -11.59
CA THR C 411 2.26 -15.39 -10.44
C THR C 411 2.77 -14.02 -10.84
N THR C 412 3.08 -13.21 -9.83
CA THR C 412 3.93 -12.04 -9.96
C THR C 412 3.61 -11.15 -11.18
N GLY C 413 2.32 -10.90 -11.35
CA GLY C 413 1.80 -9.98 -12.34
C GLY C 413 1.35 -8.70 -11.66
N THR C 414 1.65 -7.55 -12.26
CA THR C 414 1.22 -6.26 -11.73
C THR C 414 0.30 -5.57 -12.72
N PHE C 415 -0.79 -4.99 -12.20
CA PHE C 415 -1.84 -4.38 -12.99
C PHE C 415 -2.21 -3.06 -12.34
N HIS C 416 -1.69 -1.96 -12.89
CA HIS C 416 -1.81 -0.64 -12.28
C HIS C 416 -2.37 0.39 -13.25
N ASN C 417 -3.13 1.34 -12.73
CA ASN C 417 -3.56 2.50 -13.51
C ASN C 417 -4.29 2.08 -14.79
N ILE C 418 -5.30 1.23 -14.61
CA ILE C 418 -6.09 0.74 -15.75
C ILE C 418 -7.53 1.25 -15.64
N TYR C 419 -8.01 1.84 -16.73
CA TYR C 419 -9.36 2.36 -16.85
C TYR C 419 -10.10 1.43 -17.81
N PHE C 420 -10.98 0.60 -17.26
CA PHE C 420 -11.85 -0.27 -18.05
C PHE C 420 -13.20 0.43 -18.17
N GLN C 421 -13.65 0.73 -19.39
CA GLN C 421 -14.91 1.44 -19.58
C GLN C 421 -15.78 0.82 -20.65
N LEU C 422 -17.06 0.63 -20.34
CA LEU C 422 -18.10 0.26 -21.33
C LEU C 422 -17.84 -1.04 -22.10
N GLY C 423 -17.22 -2.00 -21.40
CA GLY C 423 -17.07 -3.35 -21.91
C GLY C 423 -18.33 -4.16 -21.70
N ASP C 424 -18.66 -4.99 -22.68
CA ASP C 424 -19.83 -5.88 -22.60
C ASP C 424 -19.62 -7.06 -21.66
N GLY C 425 -18.37 -7.36 -21.31
CA GLY C 425 -18.03 -8.47 -20.44
C GLY C 425 -17.29 -8.00 -19.20
N HIS C 426 -16.18 -8.67 -18.90
CA HIS C 426 -15.40 -8.41 -17.70
C HIS C 426 -14.23 -7.49 -17.99
N ALA C 427 -13.65 -6.93 -16.93
CA ALA C 427 -12.36 -6.25 -17.05
C ALA C 427 -11.25 -7.27 -17.29
N MET C 428 -11.14 -8.26 -16.42
CA MET C 428 -10.12 -9.29 -16.49
C MET C 428 -10.73 -10.66 -16.21
N ILE C 429 -10.34 -11.65 -17.01
CA ILE C 429 -10.76 -13.03 -16.79
C ILE C 429 -9.54 -13.93 -16.75
N PHE C 430 -9.34 -14.58 -15.61
CA PHE C 430 -8.42 -15.68 -15.46
C PHE C 430 -9.25 -16.94 -15.38
N ASP C 431 -9.12 -17.86 -16.34
CA ASP C 431 -9.86 -19.12 -16.26
C ASP C 431 -9.39 -19.98 -15.07
N ARG C 432 -8.16 -19.79 -14.63
CA ARG C 432 -7.60 -20.59 -13.54
C ARG C 432 -7.02 -19.69 -12.42
N ASP C 433 -5.76 -19.90 -12.03
CA ASP C 433 -5.28 -19.49 -10.69
C ASP C 433 -4.27 -18.37 -10.77
N VAL C 434 -4.36 -17.44 -9.81
CA VAL C 434 -3.51 -16.27 -9.73
C VAL C 434 -2.93 -16.14 -8.32
N HIS C 435 -1.61 -16.07 -8.22
CA HIS C 435 -0.89 -15.96 -6.95
C HIS C 435 0.05 -14.77 -6.95
N GLY C 436 0.11 -14.00 -5.87
CA GLY C 436 1.17 -13.00 -5.73
C GLY C 436 1.15 -11.86 -6.72
N CYS C 437 -0.03 -11.58 -7.27
CA CYS C 437 -0.21 -10.51 -8.24
C CYS C 437 -0.69 -9.26 -7.51
N ASP C 438 -0.49 -8.11 -8.13
CA ASP C 438 -0.82 -6.82 -7.56
C ASP C 438 -1.74 -6.04 -8.48
N PHE C 439 -2.80 -5.45 -7.92
CA PHE C 439 -3.80 -4.70 -8.67
C PHE C 439 -4.02 -3.39 -7.93
N ASP C 440 -3.85 -2.25 -8.59
CA ASP C 440 -3.95 -0.94 -7.91
C ASP C 440 -4.39 0.17 -8.87
N ASN C 441 -5.21 1.07 -8.36
CA ASN C 441 -5.69 2.23 -9.12
C ASN C 441 -6.34 1.82 -10.42
N ILE C 442 -7.36 0.99 -10.25
CA ILE C 442 -8.13 0.43 -11.33
C ILE C 442 -9.54 1.04 -11.30
N ILE C 443 -10.10 1.27 -12.48
CA ILE C 443 -11.43 1.84 -12.63
C ILE C 443 -12.25 0.87 -13.47
N PHE C 444 -13.45 0.55 -12.99
CA PHE C 444 -14.47 -0.16 -13.77
C PHE C 444 -15.61 0.83 -13.94
N GLU C 445 -15.85 1.29 -15.17
CA GLU C 445 -16.96 2.20 -15.43
C GLU C 445 -17.88 1.56 -16.47
N SER C 446 -19.11 1.22 -16.05
CA SER C 446 -20.09 0.61 -16.95
C SER C 446 -19.53 -0.64 -17.63
N MET C 447 -18.93 -1.54 -16.85
CA MET C 447 -18.54 -2.87 -17.31
C MET C 447 -19.67 -3.83 -16.95
N ASN C 448 -19.58 -5.08 -17.40
CA ASN C 448 -20.50 -6.15 -16.96
C ASN C 448 -19.82 -7.18 -16.07
N GLY C 449 -18.66 -6.82 -15.54
CA GLY C 449 -17.92 -7.69 -14.66
C GLY C 449 -16.58 -7.05 -14.32
N GLY C 450 -16.03 -7.41 -13.17
CA GLY C 450 -14.74 -6.88 -12.74
C GLY C 450 -13.63 -7.84 -13.09
N ILE C 451 -12.90 -8.26 -12.06
CA ILE C 451 -11.86 -9.29 -12.19
C ILE C 451 -12.49 -10.61 -11.78
N LYS C 452 -12.39 -11.60 -12.66
CA LYS C 452 -12.88 -12.95 -12.40
C LYS C 452 -11.71 -13.93 -12.47
N ALA C 453 -11.66 -14.84 -11.52
CA ALA C 453 -10.65 -15.90 -11.48
C ALA C 453 -11.19 -17.14 -10.78
N ARG C 454 -10.54 -18.26 -11.01
CA ARG C 454 -10.86 -19.49 -10.27
C ARG C 454 -10.33 -19.42 -8.84
N THR C 455 -9.07 -19.02 -8.73
CA THR C 455 -8.34 -18.97 -7.47
C THR C 455 -7.56 -17.67 -7.42
N VAL C 456 -7.63 -16.99 -6.29
CA VAL C 456 -6.88 -15.76 -6.04
C VAL C 456 -6.20 -15.93 -4.68
N ALA C 457 -4.89 -16.10 -4.71
CA ALA C 457 -4.10 -16.46 -3.55
C ALA C 457 -2.99 -15.43 -3.34
N HIS C 458 -2.90 -14.88 -2.13
CA HIS C 458 -1.78 -14.01 -1.78
C HIS C 458 -1.55 -12.87 -2.77
N CYS C 459 -2.65 -12.27 -3.23
CA CYS C 459 -2.62 -11.13 -4.13
C CYS C 459 -2.86 -9.84 -3.36
N GLY C 460 -2.35 -8.74 -3.92
CA GLY C 460 -2.58 -7.41 -3.38
C GLY C 460 -3.60 -6.66 -4.21
N PHE C 461 -4.54 -6.02 -3.54
CA PHE C 461 -5.54 -5.18 -4.18
C PHE C 461 -5.52 -3.83 -3.50
N GLY C 462 -5.32 -2.79 -4.30
CA GLY C 462 -5.30 -1.42 -3.81
C GLY C 462 -6.60 -0.71 -4.12
N LYS C 463 -6.51 0.49 -4.66
CA LYS C 463 -7.69 1.32 -4.90
C LYS C 463 -8.42 0.88 -6.16
N PHE C 464 -9.74 0.73 -6.04
CA PHE C 464 -10.63 0.43 -7.15
C PHE C 464 -11.77 1.43 -7.11
N TRP C 465 -12.15 1.91 -8.29
CA TRP C 465 -13.30 2.78 -8.45
C TRP C 465 -14.26 2.07 -9.39
N CYS C 466 -15.39 1.61 -8.84
CA CYS C 466 -16.33 0.76 -9.56
C CYS C 466 -17.64 1.52 -9.67
N GLU C 467 -17.96 1.97 -10.88
CA GLU C 467 -19.12 2.85 -11.09
C GLU C 467 -19.94 2.42 -12.30
N ASN C 468 -21.12 1.89 -12.00
CA ASN C 468 -22.13 1.52 -12.98
C ASN C 468 -21.81 0.26 -13.75
N LEU C 469 -22.88 -0.37 -14.23
CA LEU C 469 -22.81 -1.60 -15.00
C LEU C 469 -23.44 -1.33 -16.35
N LYS C 470 -22.96 -2.00 -17.40
CA LYS C 470 -23.42 -1.71 -18.76
C LYS C 470 -24.87 -2.21 -18.96
N THR C 471 -25.06 -3.50 -18.73
CA THR C 471 -26.39 -4.14 -18.77
C THR C 471 -26.72 -5.00 -17.55
N ALA C 472 -25.70 -5.47 -16.82
CA ALA C 472 -25.91 -6.23 -15.58
C ALA C 472 -26.57 -5.38 -14.49
N THR C 473 -27.20 -6.05 -13.54
CA THR C 473 -27.85 -5.38 -12.40
C THR C 473 -26.96 -5.36 -11.15
N SER C 474 -26.20 -6.43 -10.94
CA SER C 474 -25.34 -6.56 -9.77
C SER C 474 -24.13 -7.43 -10.09
N LYS C 475 -22.93 -6.95 -9.77
CA LYS C 475 -21.69 -7.73 -9.96
C LYS C 475 -20.70 -7.42 -8.85
N ASP C 476 -19.99 -8.45 -8.38
CA ASP C 476 -18.86 -8.25 -7.47
C ASP C 476 -17.67 -7.67 -8.24
N TRP C 477 -16.94 -6.75 -7.61
CA TRP C 477 -15.75 -6.17 -8.25
C TRP C 477 -14.65 -7.24 -8.47
N LEU C 478 -14.61 -8.20 -7.55
CA LEU C 478 -13.73 -9.36 -7.61
C LEU C 478 -14.58 -10.60 -7.42
N GLU C 479 -14.49 -11.51 -8.37
CA GLU C 479 -15.32 -12.71 -8.45
C GLU C 479 -14.37 -13.90 -8.49
N VAL C 480 -14.33 -14.68 -7.41
CA VAL C 480 -13.45 -15.85 -7.32
C VAL C 480 -14.35 -17.08 -7.22
N THR C 481 -14.23 -18.00 -8.17
CA THR C 481 -15.24 -19.06 -8.34
C THR C 481 -15.00 -20.33 -7.50
N GLY C 482 -13.74 -20.62 -7.20
CA GLY C 482 -13.38 -21.84 -6.46
C GLY C 482 -13.75 -21.78 -4.99
N ALA C 483 -14.20 -22.92 -4.46
CA ALA C 483 -14.53 -23.03 -3.04
C ALA C 483 -13.27 -22.90 -2.20
N ASN C 484 -13.29 -21.99 -1.23
CA ASN C 484 -12.10 -21.67 -0.41
C ASN C 484 -10.85 -21.35 -1.23
N SER C 485 -11.06 -20.81 -2.42
CA SER C 485 -9.98 -20.53 -3.36
C SER C 485 -9.60 -19.05 -3.42
N CYS C 486 -10.23 -18.23 -2.58
CA CYS C 486 -9.81 -16.85 -2.38
C CYS C 486 -9.22 -16.73 -0.98
N TYR C 487 -7.91 -16.60 -0.88
CA TYR C 487 -7.25 -16.63 0.43
C TYR C 487 -5.89 -15.94 0.39
N GLY C 488 -5.44 -15.50 1.57
CA GLY C 488 -4.10 -14.95 1.70
C GLY C 488 -3.93 -13.55 1.16
N ASN C 489 -5.04 -12.87 0.85
CA ASN C 489 -4.97 -11.61 0.11
C ASN C 489 -4.83 -10.38 0.99
N SER C 490 -4.44 -9.29 0.34
CA SER C 490 -4.38 -7.98 0.95
C SER C 490 -5.36 -7.07 0.21
N PHE C 491 -6.48 -6.74 0.86
CA PHE C 491 -7.45 -5.81 0.31
C PHE C 491 -7.22 -4.47 1.00
N THR C 492 -6.17 -3.79 0.58
CA THR C 492 -5.62 -2.66 1.36
C THR C 492 -5.77 -1.29 0.70
N GLY C 493 -6.71 -1.16 -0.20
CA GLY C 493 -7.16 0.13 -0.71
C GLY C 493 -8.66 0.23 -0.62
N TYR C 494 -9.17 1.45 -0.62
CA TYR C 494 -10.62 1.65 -0.65
C TYR C 494 -11.18 1.17 -1.99
N VAL C 495 -12.26 0.41 -1.92
CA VAL C 495 -13.03 0.01 -3.10
C VAL C 495 -14.32 0.81 -3.15
N LYS C 496 -14.40 1.75 -4.08
CA LYS C 496 -15.60 2.57 -4.28
C LYS C 496 -16.60 1.77 -5.10
N LEU C 497 -17.84 1.67 -4.60
CA LEU C 497 -18.90 0.89 -5.24
C LEU C 497 -20.09 1.79 -5.52
N LEU C 498 -20.44 1.94 -6.81
CA LEU C 498 -21.57 2.77 -7.21
C LEU C 498 -22.35 2.08 -8.32
N GLY C 499 -23.68 2.21 -8.29
CA GLY C 499 -24.53 1.80 -9.39
C GLY C 499 -24.67 0.31 -9.66
N GLY C 500 -24.46 -0.52 -8.64
CA GLY C 500 -24.71 -1.95 -8.74
C GLY C 500 -23.56 -2.85 -8.35
N TRP C 501 -22.36 -2.30 -8.29
CA TRP C 501 -21.20 -3.09 -7.88
C TRP C 501 -21.31 -3.48 -6.42
N THR C 502 -20.89 -4.70 -6.11
CA THR C 502 -20.88 -5.24 -4.77
C THR C 502 -19.48 -5.72 -4.43
N SER C 503 -19.28 -6.12 -3.18
CA SER C 503 -17.99 -6.59 -2.72
C SER C 503 -18.14 -7.71 -1.72
N LYS C 504 -17.26 -8.70 -1.81
CA LYS C 504 -17.14 -9.76 -0.81
C LYS C 504 -15.89 -9.57 0.05
N THR C 505 -15.30 -8.37 0.03
CA THR C 505 -14.03 -8.11 0.71
C THR C 505 -14.04 -6.94 1.72
N SER C 506 -15.18 -6.30 1.93
CA SER C 506 -15.26 -5.16 2.85
C SER C 506 -14.91 -5.60 4.26
N PRO C 507 -14.22 -4.73 5.03
CA PRO C 507 -13.95 -5.06 6.43
C PRO C 507 -15.21 -5.30 7.28
N THR C 508 -16.31 -4.64 6.92
CA THR C 508 -17.55 -4.73 7.69
C THR C 508 -18.45 -5.91 7.30
N LEU C 509 -18.09 -6.63 6.25
CA LEU C 509 -18.87 -7.79 5.81
C LEU C 509 -18.82 -8.90 6.86
N ASP C 510 -19.97 -9.46 7.17
CA ASP C 510 -20.01 -10.56 8.12
C ASP C 510 -19.30 -11.78 7.52
N SER C 511 -18.67 -12.56 8.38
CA SER C 511 -17.99 -13.77 7.96
C SER C 511 -18.99 -14.90 7.75
N LEU C 512 -18.61 -15.82 6.87
CA LEU C 512 -19.31 -17.07 6.64
C LEU C 512 -18.53 -18.21 7.29
N PRO C 513 -19.18 -19.37 7.52
CA PRO C 513 -18.41 -20.49 8.05
C PRO C 513 -17.37 -21.04 7.08
N THR C 514 -17.56 -20.80 5.78
CA THR C 514 -16.62 -21.26 4.76
C THR C 514 -16.81 -20.38 3.52
N ASN C 515 -15.83 -20.42 2.62
CA ASN C 515 -15.81 -19.63 1.39
CA ASN C 515 -15.87 -19.62 1.38
C ASN C 515 -15.81 -18.11 1.59
N ASN C 516 -15.19 -17.67 2.68
CA ASN C 516 -14.91 -16.23 2.79
C ASN C 516 -13.84 -15.87 1.76
N TYR C 517 -13.86 -14.63 1.30
CA TYR C 517 -12.74 -14.11 0.51
C TYR C 517 -11.65 -13.78 1.52
N GLY C 518 -10.74 -14.71 1.71
CA GLY C 518 -9.74 -14.65 2.76
C GLY C 518 -8.69 -13.58 2.55
N GLY C 519 -8.39 -12.85 3.61
CA GLY C 519 -7.36 -11.84 3.59
C GLY C 519 -7.53 -10.79 4.65
N VAL C 520 -6.57 -9.88 4.67
CA VAL C 520 -6.63 -8.69 5.49
C VAL C 520 -7.31 -7.62 4.65
N SER C 521 -8.17 -6.82 5.27
CA SER C 521 -8.85 -5.72 4.59
C SER C 521 -8.62 -4.45 5.40
N VAL C 522 -8.05 -3.44 4.75
CA VAL C 522 -7.71 -2.17 5.42
C VAL C 522 -8.20 -1.02 4.58
N SER C 523 -9.09 -0.21 5.13
CA SER C 523 -9.55 1.03 4.52
C SER C 523 -10.21 1.86 5.60
N ALA C 524 -10.74 3.02 5.22
CA ALA C 524 -11.52 3.83 6.15
C ALA C 524 -12.79 3.13 6.65
N GLU C 525 -13.23 2.07 5.96
CA GLU C 525 -14.36 1.24 6.40
C GLU C 525 -14.04 0.40 7.62
N GLY C 526 -12.76 0.11 7.84
CA GLY C 526 -12.36 -0.77 8.94
C GLY C 526 -11.07 -1.48 8.67
N ILE C 527 -10.55 -2.11 9.71
CA ILE C 527 -9.36 -2.93 9.65
C ILE C 527 -9.79 -4.32 10.06
N SER C 528 -9.73 -5.29 9.16
CA SER C 528 -10.21 -6.64 9.45
C SER C 528 -9.30 -7.72 8.91
N ILE C 529 -9.52 -8.92 9.40
CA ILE C 529 -8.78 -10.08 8.93
C ILE C 529 -9.63 -11.33 9.08
N VAL C 530 -9.62 -12.18 8.06
CA VAL C 530 -10.48 -13.36 7.96
C VAL C 530 -9.76 -14.40 7.13
N ASN C 531 -9.99 -15.68 7.43
CA ASN C 531 -9.52 -16.77 6.57
C ASN C 531 -10.69 -17.32 5.76
N ALA C 532 -10.37 -18.01 4.66
CA ALA C 532 -11.41 -18.52 3.76
C ALA C 532 -12.36 -19.51 4.45
N GLY C 533 -11.79 -20.52 5.10
CA GLY C 533 -12.55 -21.70 5.55
C GLY C 533 -13.03 -21.74 6.99
N ASN C 534 -13.21 -20.57 7.62
CA ASN C 534 -13.58 -20.48 9.02
C ASN C 534 -14.35 -19.19 9.30
N LYS C 535 -15.25 -19.24 10.27
CA LYS C 535 -16.09 -18.12 10.68
C LYS C 535 -15.33 -16.99 11.37
N ALA C 536 -14.13 -17.24 11.89
CA ALA C 536 -13.42 -16.22 12.67
C ALA C 536 -13.14 -14.98 11.82
N LYS C 537 -13.44 -13.81 12.37
CA LYS C 537 -13.07 -12.56 11.72
C LYS C 537 -13.01 -11.48 12.79
N MET C 538 -11.91 -10.73 12.81
CA MET C 538 -11.78 -9.59 13.72
C MET C 538 -11.80 -8.31 12.91
N LEU C 539 -12.46 -7.29 13.47
CA LEU C 539 -12.64 -6.00 12.82
C LEU C 539 -12.39 -4.90 13.86
N MET C 540 -11.54 -3.93 13.52
CA MET C 540 -11.34 -2.73 14.35
C MET C 540 -11.94 -1.53 13.63
N LEU C 541 -12.71 -0.75 14.39
CA LEU C 541 -13.41 0.45 13.95
C LEU C 541 -13.13 1.55 14.95
N PRO C 542 -13.53 2.80 14.63
CA PRO C 542 -13.33 3.88 15.61
C PRO C 542 -13.90 3.58 17.01
N SER C 543 -14.99 2.83 17.08
CA SER C 543 -15.68 2.48 18.33
C SER C 543 -15.04 1.38 19.16
N GLY C 544 -14.21 0.56 18.53
CA GLY C 544 -13.65 -0.63 19.20
C GLY C 544 -13.59 -1.81 18.25
N PHE C 545 -14.07 -2.95 18.71
CA PHE C 545 -13.85 -4.21 18.00
C PHE C 545 -15.12 -4.98 17.74
N LYS C 546 -15.12 -5.72 16.64
CA LYS C 546 -16.21 -6.64 16.31
C LYS C 546 -15.63 -7.99 15.90
N THR C 547 -16.34 -9.06 16.27
CA THR C 547 -15.92 -10.42 16.00
C THR C 547 -17.00 -11.13 15.19
N GLY C 548 -16.57 -12.03 14.30
CA GLY C 548 -17.48 -12.80 13.47
C GLY C 548 -17.93 -14.13 14.05
N ASN C 549 -17.32 -14.59 15.14
CA ASN C 549 -17.63 -15.92 15.72
C ASN C 549 -18.04 -15.87 17.19
N ALA C 550 -18.48 -14.70 17.65
CA ALA C 550 -18.93 -14.46 19.03
C ALA C 550 -17.85 -14.72 20.08
N THR C 551 -16.58 -14.67 19.66
CA THR C 551 -15.47 -14.99 20.53
C THR C 551 -14.32 -14.03 20.26
N ILE C 552 -13.61 -13.64 21.31
CA ILE C 552 -12.37 -12.87 21.20
C ILE C 552 -11.32 -13.54 22.06
N ASP C 553 -10.22 -13.97 21.45
CA ASP C 553 -9.09 -14.55 22.18
C ASP C 553 -8.04 -13.49 22.54
N GLU C 554 -7.39 -13.70 23.69
CA GLU C 554 -6.23 -12.92 24.11
C GLU C 554 -5.16 -13.92 24.58
N THR C 555 -4.03 -13.96 23.90
CA THR C 555 -2.97 -14.90 24.26
C THR C 555 -1.59 -14.36 23.85
N HIS C 556 -0.56 -15.19 23.97
CA HIS C 556 0.80 -14.84 23.62
C HIS C 556 1.03 -15.06 22.13
N ILE C 557 1.95 -14.29 21.56
CA ILE C 557 2.39 -14.54 20.19
C ILE C 557 3.08 -15.91 20.11
N SER C 558 3.96 -16.20 21.06
CA SER C 558 4.58 -17.52 21.15
C SER C 558 3.57 -18.59 21.54
N SER C 559 3.53 -19.68 20.80
CA SER C 559 2.67 -20.81 21.15
C SER C 559 3.18 -21.61 22.35
N SER C 560 4.45 -21.46 22.72
CA SER C 560 5.03 -22.21 23.83
C SER C 560 4.92 -21.52 25.21
N THR C 561 4.74 -20.20 25.22
CA THR C 561 4.64 -19.45 26.47
C THR C 561 3.34 -19.78 27.19
N VAL C 562 3.42 -20.08 28.48
CA VAL C 562 2.26 -20.53 29.27
C VAL C 562 2.07 -19.74 30.56
N THR C 563 2.61 -18.53 30.60
CA THR C 563 2.36 -17.62 31.70
C THR C 563 0.96 -17.04 31.53
N PRO C 564 0.40 -16.49 32.61
CA PRO C 564 -0.82 -15.68 32.43
C PRO C 564 -0.49 -14.35 31.74
N LEU C 565 -1.53 -13.64 31.32
CA LEU C 565 -1.40 -12.26 30.87
C LEU C 565 -1.74 -11.32 32.00
N VAL C 566 -1.25 -10.09 31.89
CA VAL C 566 -1.70 -9.00 32.73
C VAL C 566 -2.26 -7.93 31.82
N LYS C 567 -3.48 -7.48 32.11
CA LYS C 567 -4.06 -6.36 31.42
C LYS C 567 -3.92 -5.12 32.28
N ARG C 568 -3.50 -4.02 31.66
CA ARG C 568 -3.39 -2.75 32.33
C ARG C 568 -4.42 -1.80 31.75
N ARG C 569 -5.04 -1.01 32.61
CA ARG C 569 -6.14 -0.13 32.20
C ARG C 569 -6.08 1.16 32.97
N VAL C 570 -6.21 2.27 32.26
CA VAL C 570 -6.25 3.59 32.90
C VAL C 570 -7.50 3.69 33.80
N ILE C 571 -7.29 4.06 35.06
CA ILE C 571 -8.41 4.21 35.99
C ILE C 571 -8.43 5.56 36.72
N GLY C 572 -7.44 6.39 36.48
CA GLY C 572 -7.33 7.65 37.19
C GLY C 572 -5.96 8.26 37.01
N ALA C 573 -5.59 9.11 37.98
CA ALA C 573 -4.30 9.79 37.98
C ALA C 573 -3.53 9.51 39.25
N ASP C 574 -2.21 9.54 39.16
CA ASP C 574 -1.35 9.54 40.35
C ASP C 574 -1.30 10.95 40.94
N SER C 575 -0.55 11.14 42.02
CA SER C 575 -0.50 12.43 42.71
C SER C 575 0.14 13.55 41.89
N SER C 576 1.00 13.19 40.94
CA SER C 576 1.58 14.16 40.01
C SER C 576 0.62 14.57 38.88
N GLY C 577 -0.48 13.84 38.72
CA GLY C 577 -1.48 14.11 37.67
C GLY C 577 -1.30 13.26 36.42
N ALA C 578 -0.33 12.35 36.43
CA ALA C 578 -0.09 11.46 35.31
C ALA C 578 -1.09 10.31 35.33
N GLN C 579 -1.38 9.75 34.17
CA GLN C 579 -2.27 8.58 34.06
C GLN C 579 -1.78 7.44 34.93
N TYR C 580 -2.70 6.80 35.64
CA TYR C 580 -2.38 5.60 36.39
C TYR C 580 -3.05 4.43 35.70
N LEU C 581 -2.26 3.48 35.23
CA LEU C 581 -2.75 2.25 34.64
C LEU C 581 -2.68 1.16 35.70
N ALA C 582 -3.84 0.60 36.03
CA ALA C 582 -3.96 -0.46 37.02
C ALA C 582 -3.84 -1.81 36.34
N SER C 583 -3.29 -2.78 37.06
CA SER C 583 -3.04 -4.12 36.52
C SER C 583 -4.04 -5.14 37.07
N ASP C 584 -4.52 -6.03 36.21
CA ASP C 584 -5.39 -7.10 36.65
C ASP C 584 -4.61 -8.39 36.90
N THR C 585 -5.33 -9.41 37.37
CA THR C 585 -4.79 -10.74 37.61
C THR C 585 -5.80 -11.74 37.11
N TYR C 586 -5.35 -12.70 36.32
CA TYR C 586 -6.20 -13.79 35.87
C TYR C 586 -5.30 -15.01 35.71
N THR C 587 -5.18 -15.76 36.79
CA THR C 587 -4.43 -17.01 36.79
C THR C 587 -5.41 -18.17 36.96
N LYS C 588 -4.90 -19.38 37.03
CA LYS C 588 -5.75 -20.53 37.33
C LYS C 588 -6.41 -20.44 38.70
N LEU C 589 -5.81 -19.69 39.62
CA LEU C 589 -6.25 -19.64 41.01
C LEU C 589 -6.76 -18.28 41.49
N SER C 590 -6.64 -17.22 40.69
CA SER C 590 -6.96 -15.87 41.16
C SER C 590 -7.50 -14.98 40.05
N ARG C 591 -8.59 -14.26 40.34
CA ARG C 591 -9.12 -13.23 39.45
C ARG C 591 -9.29 -11.95 40.23
N LYS C 592 -8.52 -10.94 39.86
CA LYS C 592 -8.52 -9.64 40.55
C LYS C 592 -8.35 -8.50 39.56
N TRP C 593 -8.74 -7.30 40.01
CA TRP C 593 -8.46 -6.07 39.29
C TRP C 593 -7.79 -5.12 40.28
N GLY C 594 -6.60 -4.66 39.95
CA GLY C 594 -5.84 -3.79 40.83
C GLY C 594 -6.38 -2.38 40.88
N THR C 595 -6.07 -1.71 41.98
CA THR C 595 -6.30 -0.28 42.09
C THR C 595 -5.21 0.30 42.98
N TYR C 596 -5.28 1.60 43.22
CA TYR C 596 -4.28 2.27 44.04
C TYR C 596 -4.87 3.53 44.61
N ASN C 597 -4.60 3.77 45.89
CA ASN C 597 -5.01 4.98 46.56
C ASN C 597 -3.77 5.87 46.68
N HIS C 598 -3.75 6.92 45.87
CA HIS C 598 -2.61 7.85 45.85
C HIS C 598 -2.67 8.87 46.99
N GLY C 599 -3.79 8.94 47.70
CA GLY C 599 -3.89 9.73 48.92
C GLY C 599 -3.07 9.15 50.05
N SER C 600 -3.24 7.85 50.28
CA SER C 600 -2.56 7.12 51.35
C SER C 600 -1.38 6.28 50.87
N ASN C 601 -1.17 6.21 49.55
CA ASN C 601 -0.13 5.39 48.93
C ASN C 601 -0.26 3.91 49.29
N ASN C 602 -1.45 3.37 49.01
CA ASN C 602 -1.73 1.95 49.22
C ASN C 602 -2.29 1.33 47.95
N ALA C 603 -1.73 0.19 47.56
CA ALA C 603 -2.35 -0.66 46.56
C ALA C 603 -3.68 -1.21 47.08
N GLY C 604 -4.55 -1.57 46.15
CA GLY C 604 -5.80 -2.23 46.49
C GLY C 604 -6.22 -3.15 45.38
N ALA C 605 -7.35 -3.82 45.57
CA ALA C 605 -7.86 -4.70 44.56
C ALA C 605 -9.34 -5.00 44.74
N PHE C 606 -9.94 -5.35 43.61
CA PHE C 606 -11.31 -5.84 43.50
C PHE C 606 -11.21 -7.32 43.14
N TYR C 607 -12.14 -8.12 43.67
CA TYR C 607 -12.03 -9.59 43.66
C TYR C 607 -13.24 -10.26 43.04
N ALA C 608 -13.00 -11.28 42.22
CA ALA C 608 -14.04 -12.20 41.76
C ALA C 608 -13.73 -13.57 42.40
N PRO C 609 -14.36 -13.88 43.54
CA PRO C 609 -14.00 -15.10 44.26
C PRO C 609 -14.50 -16.36 43.60
N MET C 610 -13.92 -17.49 43.97
CA MET C 610 -14.55 -18.78 43.70
C MET C 610 -15.78 -18.90 44.58
N MET C 611 -16.87 -19.36 43.98
CA MET C 611 -18.09 -19.68 44.72
C MET C 611 -18.39 -21.16 44.57
N LEU C 612 -18.87 -21.77 45.64
CA LEU C 612 -19.05 -23.21 45.69
C LEU C 612 -20.18 -23.51 46.66
N THR C 613 -21.15 -24.30 46.21
CA THR C 613 -22.33 -24.61 47.02
C THR C 613 -22.42 -26.11 47.32
N TYR C 614 -22.75 -26.39 48.58
CA TYR C 614 -23.10 -27.71 49.07
C TYR C 614 -24.61 -27.85 48.98
N ASP C 615 -25.08 -29.00 48.50
CA ASP C 615 -26.51 -29.31 48.49
C ASP C 615 -26.66 -30.81 48.63
N GLN C 616 -27.28 -31.27 49.72
CA GLN C 616 -27.39 -32.71 49.96
C GLN C 616 -28.31 -33.39 48.95
N SER C 617 -29.10 -32.60 48.20
CA SER C 617 -29.94 -33.10 47.10
C SER C 617 -29.23 -33.26 45.75
N PHE C 618 -27.99 -32.75 45.62
CA PHE C 618 -27.21 -32.97 44.41
C PHE C 618 -26.93 -34.46 44.26
N SER C 619 -27.00 -34.96 43.03
CA SER C 619 -26.64 -36.34 42.69
C SER C 619 -25.13 -36.56 42.81
N THR C 620 -24.35 -35.52 42.48
CA THR C 620 -22.91 -35.54 42.68
C THR C 620 -22.48 -34.20 43.26
N PRO C 621 -21.42 -34.18 44.08
CA PRO C 621 -21.02 -32.91 44.67
C PRO C 621 -20.60 -31.89 43.62
N GLN C 622 -20.96 -30.63 43.84
CA GLN C 622 -20.46 -29.56 43.01
C GLN C 622 -18.96 -29.39 43.25
N ASN C 623 -18.23 -29.15 42.17
CA ASN C 623 -16.78 -28.97 42.25
C ASN C 623 -16.43 -27.67 41.57
N ASN C 624 -15.65 -26.84 42.25
CA ASN C 624 -15.06 -25.65 41.65
C ASN C 624 -13.54 -25.75 41.74
N ASN C 625 -12.91 -25.97 40.59
CA ASN C 625 -11.46 -25.83 40.47
C ASN C 625 -10.67 -26.82 41.32
N GLY C 626 -11.26 -27.98 41.57
CA GLY C 626 -10.64 -29.03 42.39
C GLY C 626 -11.05 -29.03 43.85
N TRP C 627 -11.95 -28.13 44.25
CA TRP C 627 -12.53 -28.14 45.60
C TRP C 627 -13.99 -28.57 45.54
N LYS C 628 -14.40 -29.35 46.54
CA LYS C 628 -15.80 -29.70 46.75
C LYS C 628 -16.10 -29.58 48.23
N ILE C 629 -17.39 -29.54 48.57
CA ILE C 629 -17.82 -29.53 49.96
C ILE C 629 -18.47 -30.87 50.32
N VAL C 630 -17.98 -31.47 51.40
CA VAL C 630 -18.52 -32.73 51.89
C VAL C 630 -18.86 -32.61 53.37
N LYS C 631 -19.86 -33.38 53.80
CA LYS C 631 -20.19 -33.50 55.20
C LYS C 631 -19.23 -34.46 55.88
N GLU C 632 -18.56 -33.99 56.94
CA GLU C 632 -17.68 -34.83 57.76
C GLU C 632 -18.46 -35.50 58.90
N SER C 633 -19.26 -34.70 59.59
CA SER C 633 -20.10 -35.16 60.70
C SER C 633 -21.18 -34.12 60.92
N THR C 634 -22.06 -34.33 61.90
CA THR C 634 -23.14 -33.39 62.15
C THR C 634 -22.61 -31.98 62.34
N GLY C 635 -23.05 -31.08 61.46
CA GLY C 635 -22.66 -29.68 61.51
C GLY C 635 -21.26 -29.33 61.05
N VAL C 636 -20.50 -30.31 60.55
CA VAL C 636 -19.09 -30.10 60.20
C VAL C 636 -18.89 -30.49 58.73
N TYR C 637 -18.42 -29.52 57.94
CA TYR C 637 -18.27 -29.66 56.49
C TYR C 637 -16.85 -29.33 56.11
N ARG C 638 -16.28 -30.08 55.16
CA ARG C 638 -14.94 -29.80 54.64
C ARG C 638 -15.08 -29.23 53.24
N VAL C 639 -14.51 -28.04 53.04
CA VAL C 639 -14.27 -27.49 51.71
C VAL C 639 -12.88 -28.00 51.37
N GLU C 640 -12.84 -29.09 50.61
CA GLU C 640 -11.63 -29.90 50.50
C GLU C 640 -11.17 -30.11 49.08
N ARG C 641 -9.89 -30.44 48.95
CA ARG C 641 -9.29 -30.76 47.66
C ARG C 641 -9.63 -32.19 47.27
N VAL C 642 -10.02 -32.36 46.01
CA VAL C 642 -10.22 -33.70 45.47
C VAL C 642 -8.87 -34.27 45.00
N SER C 643 -8.87 -35.58 44.76
CA SER C 643 -7.66 -36.27 44.34
C SER C 643 -7.06 -35.61 43.11
N GLY C 644 -5.77 -35.32 43.17
CA GLY C 644 -5.04 -34.71 42.08
C GLY C 644 -4.95 -33.19 42.15
N ASN C 645 -5.78 -32.56 42.99
CA ASN C 645 -5.66 -31.12 43.20
C ASN C 645 -4.54 -30.84 44.20
N THR C 646 -3.38 -30.43 43.68
CA THR C 646 -2.23 -30.08 44.50
C THR C 646 -2.06 -28.58 44.67
N SER C 647 -3.05 -27.81 44.20
CA SER C 647 -3.03 -26.36 44.38
C SER C 647 -3.38 -25.98 45.80
N VAL C 648 -2.96 -24.79 46.22
CA VAL C 648 -3.16 -24.34 47.59
C VAL C 648 -3.82 -22.97 47.66
N ILE C 649 -4.35 -22.69 48.85
CA ILE C 649 -4.81 -21.37 49.23
C ILE C 649 -3.68 -20.72 50.01
N THR C 650 -3.35 -19.49 49.66
CA THR C 650 -2.32 -18.73 50.36
C THR C 650 -2.93 -17.42 50.86
N ASN C 651 -3.15 -17.32 52.16
CA ASN C 651 -3.61 -16.10 52.80
C ASN C 651 -4.90 -15.56 52.16
N GLY C 652 -5.83 -16.46 51.92
CA GLY C 652 -7.07 -16.13 51.22
C GLY C 652 -8.14 -15.48 52.06
N HIS C 653 -9.16 -14.98 51.36
CA HIS C 653 -10.35 -14.40 51.97
C HIS C 653 -11.45 -15.44 51.96
N ILE C 654 -12.25 -15.51 53.02
CA ILE C 654 -13.29 -16.52 53.15
C ILE C 654 -14.62 -15.89 53.60
N VAL C 655 -15.67 -16.18 52.84
CA VAL C 655 -17.02 -15.77 53.17
C VAL C 655 -17.91 -17.00 53.09
N VAL C 656 -18.68 -17.26 54.14
CA VAL C 656 -19.68 -18.31 54.11
C VAL C 656 -21.04 -17.67 53.86
N GLY C 657 -21.82 -18.30 53.00
CA GLY C 657 -23.13 -17.82 52.60
C GLY C 657 -24.23 -18.27 53.52
N SER C 658 -25.45 -18.26 53.00
CA SER C 658 -26.65 -18.40 53.80
C SER C 658 -27.17 -19.82 53.76
N PRO C 659 -27.62 -20.35 54.91
CA PRO C 659 -28.05 -21.74 54.94
C PRO C 659 -29.54 -21.91 54.62
N LEU C 660 -29.84 -22.94 53.84
CA LEU C 660 -31.19 -23.45 53.67
C LEU C 660 -31.29 -24.64 54.60
N MET C 661 -32.12 -24.51 55.63
CA MET C 661 -32.26 -25.53 56.67
C MET C 661 -33.46 -26.44 56.38
N GLY C 662 -33.32 -27.73 56.74
CA GLY C 662 -34.47 -28.65 56.80
C GLY C 662 -34.90 -29.32 55.52
N SER C 663 -34.78 -28.59 54.40
CA SER C 663 -35.14 -29.09 53.08
C SER C 663 -34.45 -28.24 52.02
N ARG C 664 -34.53 -28.66 50.77
CA ARG C 664 -33.92 -27.90 49.69
C ARG C 664 -34.54 -26.50 49.56
N LEU C 665 -35.86 -26.43 49.70
CA LEU C 665 -36.58 -25.15 49.70
C LEU C 665 -36.20 -24.30 50.90
N GLY C 666 -35.97 -24.96 52.04
CA GLY C 666 -35.65 -24.28 53.29
C GLY C 666 -36.88 -24.08 54.16
N THR C 667 -36.68 -24.21 55.47
CA THR C 667 -37.73 -23.89 56.44
C THR C 667 -37.74 -22.39 56.77
N GLY C 668 -36.63 -21.71 56.56
CA GLY C 668 -36.48 -20.33 56.99
C GLY C 668 -35.74 -20.17 58.31
N THR C 669 -35.43 -21.27 59.00
CA THR C 669 -34.64 -21.17 60.23
C THR C 669 -33.19 -20.84 59.83
N GLY C 670 -32.43 -20.33 60.78
CA GLY C 670 -31.07 -19.90 60.52
C GLY C 670 -30.05 -20.75 61.25
N ALA C 671 -28.78 -20.40 61.07
CA ALA C 671 -27.69 -21.05 61.77
C ALA C 671 -26.49 -20.15 61.74
N THR C 672 -25.55 -20.42 62.65
CA THR C 672 -24.36 -19.60 62.84
C THR C 672 -23.14 -20.44 62.50
N HIS C 673 -22.22 -19.85 61.73
CA HIS C 673 -21.03 -20.57 61.28
C HIS C 673 -19.74 -20.06 61.88
N GLY C 674 -18.78 -20.98 61.96
CA GLY C 674 -17.38 -20.65 62.19
C GLY C 674 -16.55 -21.51 61.25
N ILE C 675 -15.28 -21.16 61.08
CA ILE C 675 -14.40 -21.95 60.21
C ILE C 675 -13.13 -22.42 60.93
N GLN C 676 -12.49 -23.40 60.31
CA GLN C 676 -11.18 -23.90 60.74
C GLN C 676 -10.42 -24.27 59.48
N MET C 677 -9.15 -23.89 59.39
CA MET C 677 -8.39 -24.19 58.18
C MET C 677 -7.95 -25.65 58.18
N ILE C 678 -7.75 -26.18 56.97
CA ILE C 678 -7.17 -27.50 56.73
C ILE C 678 -5.78 -27.24 56.18
N GLU C 679 -4.76 -27.68 56.90
CA GLU C 679 -3.37 -27.43 56.51
C GLU C 679 -2.92 -28.41 55.42
N THR C 680 -1.90 -28.00 54.66
CA THR C 680 -1.26 -28.89 53.69
C THR C 680 -0.18 -29.77 54.34
N TYR C 681 0.50 -29.20 55.32
CA TYR C 681 1.44 -29.90 56.21
C TYR C 681 1.35 -29.21 57.57
N ALA C 682 1.82 -29.90 58.61
CA ALA C 682 1.75 -29.37 59.97
C ALA C 682 2.34 -27.97 60.10
N GLY C 683 1.50 -27.00 60.48
CA GLY C 683 1.92 -25.61 60.60
C GLY C 683 1.87 -24.75 59.34
N SER C 684 1.44 -25.31 58.22
CA SER C 684 1.44 -24.57 56.95
C SER C 684 0.63 -23.28 57.03
N TRP C 685 -0.50 -23.33 57.71
CA TRP C 685 -1.38 -22.16 57.86
C TRP C 685 -0.91 -21.27 58.99
N THR C 686 -0.71 -21.87 60.16
CA THR C 686 -0.27 -21.13 61.35
C THR C 686 0.97 -20.29 61.05
N SER C 687 1.95 -20.90 60.39
CA SER C 687 3.23 -20.23 60.14
C SER C 687 3.31 -19.50 58.81
N TYR C 688 2.71 -20.06 57.76
CA TYR C 688 2.91 -19.54 56.39
C TYR C 688 1.64 -19.16 55.65
N THR C 689 0.50 -19.16 56.34
CA THR C 689 -0.82 -18.93 55.73
C THR C 689 -1.06 -19.73 54.44
N GLU C 690 -0.59 -20.98 54.42
CA GLU C 690 -0.91 -21.91 53.35
C GLU C 690 -1.94 -22.91 53.85
N ALA C 691 -3.00 -23.12 53.07
CA ALA C 691 -4.04 -24.08 53.43
C ALA C 691 -4.42 -24.94 52.23
N ALA C 692 -4.82 -26.17 52.52
CA ALA C 692 -5.44 -27.05 51.52
C ALA C 692 -6.90 -26.69 51.31
N GLY C 693 -7.55 -26.22 52.36
CA GLY C 693 -8.97 -25.92 52.34
C GLY C 693 -9.42 -25.42 53.69
N PHE C 694 -10.69 -25.60 54.00
CA PHE C 694 -11.21 -25.18 55.30
C PHE C 694 -12.48 -25.92 55.66
N LYS C 695 -12.74 -26.04 56.96
CA LYS C 695 -13.97 -26.59 57.49
C LYS C 695 -14.95 -25.49 57.84
N VAL C 696 -16.24 -25.78 57.64
CA VAL C 696 -17.32 -24.91 58.06
C VAL C 696 -18.12 -25.68 59.11
N PHE C 697 -18.34 -25.02 60.25
CA PHE C 697 -19.11 -25.57 61.37
C PHE C 697 -20.41 -24.77 61.46
N TRP C 698 -21.54 -25.47 61.54
CA TRP C 698 -22.86 -24.83 61.62
C TRP C 698 -23.54 -25.19 62.93
N ARG C 699 -24.09 -24.17 63.61
CA ARG C 699 -24.79 -24.39 64.88
C ARG C 699 -26.10 -23.61 64.95
N ASP C 700 -27.06 -24.16 65.69
CA ASP C 700 -28.35 -23.50 65.91
C ASP C 700 -28.26 -22.47 67.03
N SER C 701 -29.39 -21.84 67.38
CA SER C 701 -29.42 -20.79 68.40
C SER C 701 -29.07 -21.27 69.82
N SER C 702 -29.14 -22.58 70.07
CA SER C 702 -28.67 -23.17 71.33
C SER C 702 -27.22 -23.65 71.26
N ASN C 703 -26.51 -23.28 70.18
CA ASN C 703 -25.09 -23.60 69.98
C ASN C 703 -24.83 -25.09 69.75
N ALA C 704 -25.84 -25.82 69.27
CA ALA C 704 -25.70 -27.23 68.93
C ALA C 704 -25.41 -27.38 67.44
N LEU C 705 -24.51 -28.28 67.09
CA LEU C 705 -24.19 -28.56 65.70
C LEU C 705 -25.43 -29.01 64.90
N VAL C 706 -25.62 -28.43 63.72
CA VAL C 706 -26.79 -28.70 62.88
C VAL C 706 -26.38 -28.78 61.42
N ASP C 707 -27.14 -29.52 60.62
CA ASP C 707 -26.85 -29.73 59.21
C ASP C 707 -27.78 -28.95 58.28
N PRO C 708 -27.26 -27.90 57.61
CA PRO C 708 -28.04 -27.31 56.55
C PRO C 708 -28.27 -28.28 55.41
N HIS C 709 -29.35 -28.09 54.66
CA HIS C 709 -29.60 -28.85 53.45
C HIS C 709 -28.68 -28.34 52.32
N ARG C 710 -28.48 -27.03 52.28
CA ARG C 710 -27.72 -26.38 51.22
C ARG C 710 -27.11 -25.10 51.74
N PHE C 711 -25.86 -24.83 51.34
CA PHE C 711 -25.23 -23.56 51.66
C PHE C 711 -24.09 -23.26 50.71
N THR C 712 -23.78 -21.99 50.58
CA THR C 712 -22.76 -21.47 49.69
C THR C 712 -21.53 -21.05 50.50
N VAL C 713 -20.35 -21.18 49.88
CA VAL C 713 -19.15 -20.51 50.35
C VAL C 713 -18.54 -19.73 49.19
N ALA C 714 -17.81 -18.67 49.55
CA ALA C 714 -17.04 -17.90 48.59
C ALA C 714 -15.66 -17.71 49.17
N PHE C 715 -14.63 -17.96 48.37
CA PHE C 715 -13.27 -17.82 48.86
C PHE C 715 -12.30 -17.49 47.75
N THR C 716 -11.14 -16.96 48.15
CA THR C 716 -10.06 -16.69 47.22
C THR C 716 -8.84 -17.54 47.60
N ALA C 717 -8.01 -17.84 46.59
CA ALA C 717 -6.80 -18.63 46.79
C ALA C 717 -5.56 -17.78 47.02
N THR C 718 -5.71 -16.46 46.88
CA THR C 718 -4.68 -15.50 47.29
C THR C 718 -5.31 -14.35 48.02
N SER C 719 -4.46 -13.54 48.66
CA SER C 719 -4.90 -12.32 49.31
C SER C 719 -5.26 -11.27 48.26
C1 GAL D . 27.27 6.38 15.06
C2 GAL D . 25.93 6.82 14.47
C3 GAL D . 25.30 5.73 13.62
C4 GAL D . 26.30 5.17 12.61
C5 GAL D . 27.59 4.77 13.33
C6 GAL D . 28.65 4.19 12.39
O1 GAL D . 27.79 7.53 15.73
O2 GAL D . 25.07 7.21 15.55
O3 GAL D . 24.20 6.29 12.89
O4 GAL D . 26.55 6.19 11.62
O5 GAL D . 28.10 5.93 13.98
O6 GAL D . 29.64 5.21 12.19
C2 1GN D . 21.99 7.17 13.03
C3 1GN D . 20.61 7.03 13.64
C4 1GN D . 20.09 5.60 13.50
O5 1GN D . 22.37 4.83 13.25
C1 1GN D . 22.93 6.10 13.54
N2 1GN D . 22.53 8.47 13.40
O3 1GN D . 19.77 7.96 12.95
O4 1GN D . 19.76 5.34 12.14
C5 1GN D . 21.14 4.59 13.96
C6 1GN D . 20.69 3.15 13.77
O6 1GN D . 21.61 2.27 14.42
C1 GAL D . 19.06 8.84 13.82
C2 GAL D . 18.46 9.94 12.98
C3 GAL D . 17.66 10.89 13.86
C4 GAL D . 16.66 10.12 14.74
C5 GAL D . 17.34 8.97 15.46
C6 GAL D . 16.34 8.08 16.18
O2 GAL D . 19.48 10.64 12.28
O3 GAL D . 16.92 11.79 13.03
O4 GAL D . 15.60 9.64 13.92
O5 GAL D . 18.04 8.14 14.54
O6 GAL D . 17.07 7.17 17.01
C2 1GN D . 16.98 13.77 11.67
C3 1GN D . 17.60 15.14 11.49
C4 1GN D . 17.43 15.95 12.78
O5 1GN D . 17.30 13.89 14.05
C1 1GN D . 17.54 13.08 12.90
N2 1GN D . 17.24 12.98 10.48
O3 1GN D . 16.97 15.70 10.31
O4 1GN D . 16.05 16.30 12.97
C5 1GN D . 17.95 15.15 13.97
C6 1GN D . 17.72 15.88 15.28
O6 1GN D . 18.47 15.21 16.30
C1 GAL D . 17.26 17.08 10.09
C2 GAL D . 17.20 17.37 8.59
C3 GAL D . 17.41 18.86 8.35
C4 GAL D . 16.45 19.69 9.21
C5 GAL D . 16.64 19.29 10.67
C6 GAL D . 15.87 20.16 11.67
O2 GAL D . 18.18 16.59 7.89
O3 GAL D . 17.26 19.19 6.97
O4 GAL D . 15.10 19.44 8.77
O5 GAL D . 16.32 17.91 10.79
O6 GAL D . 15.64 19.45 12.90
C2 BGC D . 17.98 4.97 17.37
C3 BGC D . 17.78 3.46 17.18
C4 BGC D . 16.34 3.08 17.45
C5 BGC D . 15.46 3.96 16.56
C6 BGC D . 14.01 3.57 16.60
C1 BGC D . 16.93 5.81 16.63
O2 BGC D . 19.27 5.35 16.87
O3 BGC D . 18.63 2.74 18.07
O4 BGC D . 16.08 1.70 17.19
O5 BGC D . 15.61 5.34 16.92
O6 BGC D . 13.41 3.64 17.92
N1 6PZ D . 11.02 8.29 17.58
C7 6PZ D . 10.95 6.90 17.02
C8 6PZ D . 11.52 6.86 15.59
C9 6PZ D . 12.94 7.39 15.45
O8 6PZ D . 10.66 7.61 14.72
C6 6PZ D . 11.61 5.89 17.95
O6 6PZ D . 11.35 4.56 17.44
C5 6PZ D . 11.10 5.91 19.39
N5 6PZ D . 9.62 5.74 19.44
C4 6PZ D . 11.81 4.84 20.20
O4 6PZ D . 11.26 4.78 21.54
C3 6PZ D . 11.67 3.47 19.54
C2 6PZ D . 12.07 3.49 18.07
C1 6PZ D . 11.58 2.29 17.29
O1A 6PZ D . 12.12 1.20 17.53
O1B 6PZ D . 10.66 2.39 16.47
C10A 6PZ D . 10.11 9.12 17.82
O10A 6PZ D . 8.93 8.80 17.55
C11A 6PZ D . 10.38 10.43 18.49
C10 6PZ D . 8.79 6.51 20.00
O10 6PZ D . 9.16 7.49 20.70
C11 6PZ D . 7.31 6.21 19.93
C2 BGC D . 31.90 4.36 12.70
C3 BGC D . 33.28 4.24 12.04
C4 BGC D . 33.23 3.30 10.83
C5 BGC D . 32.06 3.65 9.91
C6 BGC D . 31.94 2.65 8.76
C1 BGC D . 30.90 4.77 11.62
O2 BGC D . 31.94 5.32 13.76
O3 BGC D . 34.25 3.79 12.99
O4 BGC D . 34.46 3.40 10.10
O5 BGC D . 30.84 3.71 10.67
O6 BGC D . 32.65 3.19 7.64
C2 1GN E . 17.95 15.73 1.82
C3 1GN E . 19.05 15.43 0.78
C4 1GN E . 20.31 14.84 1.41
O5 1GN E . 19.25 14.30 3.47
C1 1GN E . 18.05 15.03 3.20
O1 1GN E . 18.05 16.01 4.23
N2 1GN E . 16.65 15.48 1.19
O3 1GN E . 19.31 16.69 0.14
O4 1GN E . 21.03 15.85 2.12
C5 1GN E . 19.93 13.72 2.37
C6 1GN E . 21.10 12.98 2.98
O6 1GN E . 20.61 12.01 3.92
C1 GAL E . 19.67 16.63 -1.24
C2 GAL E . 19.74 18.09 -1.71
C3 GAL E . 20.57 18.32 -2.97
C4 GAL E . 21.83 17.46 -3.01
C5 GAL E . 21.45 16.01 -2.70
C6 GAL E . 22.60 15.01 -2.78
O2 GAL E . 18.40 18.54 -1.94
O3 GAL E . 21.02 19.68 -3.03
O4 GAL E . 22.78 17.95 -2.06
O5 GAL E . 20.91 15.95 -1.40
O6 GAL E . 23.31 15.15 -4.01
C2 1GN E . 20.45 21.94 -3.04
C3 1GN E . 19.81 23.12 -3.74
C4 1GN E . 19.94 23.02 -5.26
O5 1GN E . 20.22 20.61 -5.07
C1 1GN E . 20.11 20.59 -3.64
N2 1GN E . 20.05 21.97 -1.65
O3 1GN E . 20.53 24.24 -3.20
O4 1GN E . 21.30 23.25 -5.67
C5 1GN E . 19.49 21.64 -5.74
C6 1GN E . 19.71 21.44 -7.23
O6 1GN E . 19.11 20.19 -7.59
C1 GAL E . 19.70 25.37 -2.94
C2 GAL E . 20.44 26.30 -1.97
C3 GAL E . 19.84 27.69 -1.89
C4 GAL E . 19.56 28.24 -3.28
C5 GAL E . 18.70 27.21 -4.01
C6 GAL E . 18.27 27.68 -5.38
O2 GAL E . 20.42 25.71 -0.66
O3 GAL E . 20.74 28.56 -1.20
O4 GAL E . 20.79 28.46 -4.00
O5 GAL E . 19.42 26.00 -4.17
O6 GAL E . 17.29 28.66 -5.07
C2 BGC E . 15.33 29.79 -5.63
C3 BGC E . 14.30 30.00 -6.71
C4 BGC E . 14.98 30.46 -8.01
C5 BGC E . 16.18 29.58 -8.40
C6 BGC E . 17.02 30.26 -9.48
C1 BGC E . 16.38 28.82 -6.14
O2 BGC E . 14.71 29.31 -4.43
O3 BGC E . 13.35 30.97 -6.28
O4 BGC E . 14.01 30.42 -9.06
O5 BGC E . 17.04 29.34 -7.28
O6 BGC E . 17.41 29.28 -10.46
C2 BGC E . 25.22 14.15 -5.06
C3 BGC E . 26.75 14.02 -5.05
C4 BGC E . 27.37 15.39 -4.88
C5 BGC E . 26.83 16.01 -3.59
C6 BGC E . 27.48 17.34 -3.24
C1 BGC E . 24.72 14.93 -3.85
O2 BGC E . 24.62 12.85 -5.02
O3 BGC E . 27.20 13.45 -6.27
O4 BGC E . 28.80 15.30 -4.84
O5 BGC E . 25.42 16.18 -3.73
O6 BGC E . 27.59 18.17 -4.40
C2 1GN F . -17.16 9.68 -13.49
C3 1GN F . -16.63 10.76 -14.47
C4 1GN F . -17.09 12.17 -14.06
O5 1GN F . -17.80 11.46 -11.93
C1 1GN F . -17.34 10.13 -12.01
O1 1GN F . -18.31 9.35 -11.35
N2 1GN F . -16.28 8.51 -13.58
O3 1GN F . -17.10 10.41 -15.78
O4 1GN F . -18.48 12.33 -14.40
C5 1GN F . -16.90 12.34 -12.56
C6 1GN F . -17.25 13.72 -12.02
O6 1GN F . -17.04 13.68 -10.59
C1 GAL F . -16.25 10.80 -16.88
C2 GAL F . -16.88 10.25 -18.16
C3 GAL F . -16.42 10.90 -19.46
C4 GAL F . -16.23 12.41 -19.31
C5 GAL F . -15.38 12.68 -18.08
C6 GAL F . -15.01 14.14 -17.85
O2 GAL F . -16.59 8.85 -18.23
O3 GAL F . -17.38 10.73 -20.51
O4 GAL F . -17.51 13.04 -19.22
O5 GAL F . -16.09 12.22 -16.93
O6 GAL F . -14.51 14.72 -19.07
C2 1GN F . -18.72 9.28 -21.73
C3 1GN F . -18.88 8.19 -22.78
C4 1GN F . -17.81 8.30 -23.86
O5 1GN F . -16.38 9.52 -22.35
C1 1GN F . -17.29 9.50 -21.25
N2 1GN F . -19.54 8.92 -20.59
O3 1GN F . -20.19 8.39 -23.31
O4 1GN F . -18.05 9.46 -24.68
C5 1GN F . -16.42 8.39 -23.23
C6 1GN F . -15.32 8.44 -24.28
O6 1GN F . -14.64 9.70 -24.25
C1 GAL F . -20.89 7.17 -23.59
C2 GAL F . -22.35 7.54 -23.80
C3 GAL F . -23.16 6.38 -24.37
C4 GAL F . -22.46 5.80 -25.59
C5 GAL F . -21.04 5.40 -25.19
C6 GAL F . -20.26 4.82 -26.36
O2 GAL F . -22.92 7.94 -22.56
O3 GAL F . -24.47 6.84 -24.72
O4 GAL F . -22.42 6.77 -26.64
O5 GAL F . -20.32 6.53 -24.71
O6 GAL F . -20.85 3.56 -26.65
C2 BGC F . -20.62 1.30 -27.11
C3 BGC F . -19.68 0.22 -27.63
C4 BGC F . -19.31 0.53 -29.08
C5 BGC F . -18.84 1.97 -29.29
C6 BGC F . -18.83 2.26 -30.79
C1 BGC F . -19.93 2.65 -27.25
O2 BGC F . -20.98 1.08 -25.74
O3 BGC F . -20.35 -1.04 -27.54
O4 BGC F . -18.25 -0.35 -29.49
O5 BGC F . -19.67 2.93 -28.62
O6 BGC F . -18.42 3.60 -31.05
C2 BGC F . -13.71 16.86 -19.78
C3 BGC F . -14.08 18.28 -20.17
C4 BGC F . -15.30 18.28 -21.08
C5 BGC F . -16.43 17.55 -20.36
C6 BGC F . -17.75 17.58 -21.12
C1 BGC F . -14.90 16.09 -19.23
O2 BGC F . -12.70 16.96 -18.79
O3 BGC F . -12.98 18.97 -20.78
O4 BGC F . -15.66 19.62 -21.39
O5 BGC F . -16.02 16.20 -20.13
O6 BGC F . -17.57 17.15 -22.46
C1 GAL G . -22.88 22.05 -0.85
C2 GAL G . -22.38 20.65 -1.18
C3 GAL G . -20.86 20.56 -1.00
C4 GAL G . -20.14 21.65 -1.78
C5 GAL G . -20.77 23.02 -1.50
C6 GAL G . -20.26 24.06 -2.49
O1 GAL G . -24.28 22.06 -1.12
O2 GAL G . -23.09 19.73 -0.35
O3 GAL G . -20.41 19.30 -1.52
O4 GAL G . -20.24 21.36 -3.18
O5 GAL G . -22.18 22.96 -1.71
O6 GAL G . -20.49 25.39 -1.96
C2 1GN G . -20.45 16.94 -1.31
C3 1GN G . -20.33 15.74 -0.38
C4 1GN G . -19.13 15.88 0.55
O5 1GN G . -19.14 18.28 0.20
C1 1GN G . -20.35 18.25 -0.55
N2 1GN G . -21.72 16.86 -2.01
O3 1GN G . -20.18 14.57 -1.22
O4 1GN G . -17.93 15.67 -0.19
C5 1GN G . -19.11 17.25 1.21
C6 1GN G . -17.88 17.44 2.08
O6 1GN G . -18.01 18.63 2.85
C1 GAL G . -21.14 13.56 -0.91
C2 GAL G . -21.12 12.53 -2.04
C3 GAL G . -22.11 11.42 -1.74
C4 GAL G . -21.90 10.85 -0.34
C5 GAL G . -21.85 11.98 0.71
C6 GAL G . -21.50 11.46 2.09
O2 GAL G . -21.43 13.18 -3.28
O3 GAL G . -21.91 10.36 -2.68
O4 GAL G . -20.68 10.12 -0.31
O5 GAL G . -20.87 12.94 0.34
O6 GAL G . -21.67 12.53 3.02
C2 1GN G . -22.30 9.57 -4.92
C3 1GN G . -23.28 9.55 -6.09
C4 1GN G . -24.66 9.08 -5.59
O5 1GN G . -24.11 9.84 -3.35
C1 1GN G . -22.86 10.38 -3.75
N2 1GN G . -21.05 10.15 -5.39
O3 1GN G . -22.66 8.71 -7.09
O4 1GN G . -24.59 7.69 -5.25
C5 1GN G . -25.09 9.92 -4.38
C6 1GN G . -26.42 9.47 -3.81
O6 1GN G . -26.27 8.15 -3.27
C1 GAL G . -23.51 8.38 -8.20
C2 GAL G . -22.66 8.19 -9.46
C3 GAL G . -23.55 7.76 -10.62
C4 GAL G . -24.39 6.56 -10.23
C5 GAL G . -25.19 6.93 -8.99
C6 GAL G . -26.27 5.91 -8.59
O2 GAL G . -21.97 9.40 -9.77
O3 GAL G . -22.77 7.46 -11.79
O4 GAL G . -23.54 5.42 -9.99
O5 GAL G . -24.26 7.19 -7.95
O6 GAL G . -26.72 6.15 -7.25
C2 BGC G . -20.68 14.26 4.38
C3 BGC G . -19.49 14.70 5.23
C4 BGC G . -19.00 13.56 6.09
C5 BGC G . -18.70 12.40 5.15
C6 BGC G . -18.03 11.23 5.84
C1 BGC G . -20.44 12.95 3.62
O2 BGC G . -20.96 15.30 3.44
O3 BGC G . -19.87 15.81 6.06
O4 BGC G . -17.82 13.96 6.81
O5 BGC G . -19.90 11.96 4.52
O6 BGC G . -18.79 10.67 6.96
N1 6PZ G . -20.84 6.72 4.48
C7 6PZ G . -19.51 7.13 4.97
C8 6PZ G . -18.70 7.65 3.77
C9 6PZ G . -19.41 8.70 2.94
O8 6PZ G . -18.36 6.52 2.94
C6 6PZ G . -19.70 8.13 6.09
O6 6PZ G . -18.40 8.40 6.64
C5 6PZ G . -20.55 7.64 7.26
N5 6PZ G . -19.93 6.44 7.83
C4 6PZ G . -20.63 8.73 8.32
O4 6PZ G . -21.32 8.25 9.50
C3 6PZ G . -19.23 9.20 8.72
C2 6PZ G . -18.34 9.53 7.53
C1 6PZ G . -16.86 9.59 7.86
O1A 6PZ G . -16.46 10.55 8.55
O1B 6PZ G . -16.09 8.71 7.48
C10A 6PZ G . -21.66 4.81 4.94
O10A 6PZ G . -20.55 4.28 4.66
C11A 6PZ G . -22.85 4.81 4.02
C10 6PZ G . -21.15 4.91 8.52
O10 6PZ G . -22.13 5.02 7.73
C11 6PZ G . -20.23 3.72 8.59
C2 BGC G . -21.84 27.04 -3.15
C3 BGC G . -21.89 27.80 -4.47
C4 BGC G . -20.68 28.72 -4.62
C5 BGC G . -19.36 28.04 -4.25
C6 BGC G . -18.20 29.05 -4.19
C1 BGC G . -20.49 26.34 -3.05
O2 BGC G . -22.92 26.10 -3.06
O3 BGC G . -23.09 28.57 -4.54
O4 BGC G . -20.60 29.19 -5.99
O5 BGC G . -19.47 27.34 -2.99
O6 BGC G . -17.51 29.05 -5.44
C1 GAL H . -7.06 -30.03 -7.62
C2 GAL H . -6.06 -29.00 -7.12
C3 GAL H . -6.56 -27.58 -7.36
C4 GAL H . -7.00 -27.39 -8.81
C5 GAL H . -7.91 -28.52 -9.26
C6 GAL H . -8.23 -28.43 -10.76
O1 GAL H . -6.47 -31.32 -7.40
O2 GAL H . -5.80 -29.25 -5.73
O3 GAL H . -5.49 -26.66 -7.09
O4 GAL H . -5.81 -27.36 -9.62
O5 GAL H . -7.28 -29.77 -9.01
O6 GAL H . -9.02 -29.57 -11.15
C2 1GN H . -4.05 -25.68 -5.48
C3 1GN H . -3.91 -25.05 -4.10
C4 1GN H . -5.01 -24.02 -3.85
O5 1GN H . -6.37 -25.08 -5.58
C1 1GN H . -5.47 -26.15 -5.75
N2 1GN H . -3.15 -26.81 -5.56
O3 1GN H . -2.63 -24.43 -4.03
O4 1GN H . -4.74 -22.83 -4.60
C5 1GN H . -6.39 -24.58 -4.22
C6 1GN H . -7.47 -23.54 -4.10
O6 1GN H . -8.75 -24.17 -4.16
C1 GAL H . -1.87 -24.87 -2.90
C2 GAL H . -0.43 -24.43 -3.09
C3 GAL H . 0.40 -24.88 -1.89
C4 GAL H . -0.25 -24.46 -0.58
C5 GAL H . -1.72 -24.86 -0.54
C6 GAL H . -2.42 -24.33 0.71
O2 GAL H . 0.09 -25.01 -4.29
O3 GAL H . 1.70 -24.27 -1.96
O4 GAL H . -0.14 -23.04 -0.45
O5 GAL H . -2.40 -24.36 -1.68
O6 GAL H . -3.72 -24.94 0.81
C2 1GN H . 3.86 -24.28 -3.01
C3 1GN H . 4.97 -25.15 -3.58
C4 1GN H . 5.37 -26.22 -2.55
O5 1GN H . 3.20 -26.05 -1.51
C1 1GN H . 2.71 -25.13 -2.48
N2 1GN H . 3.39 -23.38 -4.04
O3 1GN H . 6.01 -24.23 -3.96
O4 1GN H . 6.02 -25.59 -1.44
C5 1GN H . 4.13 -26.98 -2.10
C6 1GN H . 4.47 -28.11 -1.14
O6 1GN H . 3.25 -28.69 -0.63
C1 GAL H . 7.24 -24.87 -4.33
C2 GAL H . 7.95 -24.05 -5.41
C3 GAL H . 9.31 -24.69 -5.71
C4 GAL H . 10.10 -24.91 -4.42
C5 GAL H . 9.27 -25.75 -3.47
C6 GAL H . 10.00 -26.19 -2.20
O2 GAL H . 7.14 -23.98 -6.59
O3 GAL H . 10.04 -23.86 -6.63
O4 GAL H . 10.42 -23.65 -3.82
O5 GAL H . 8.08 -25.01 -3.20
O6 GAL H . 9.07 -26.52 -1.16
C2 BGC H . -6.10 -24.74 0.41
C3 BGC H . -7.33 -23.84 0.40
C4 BGC H . -7.29 -22.92 1.60
C5 BGC H . -5.97 -22.17 1.56
C6 BGC H . -5.89 -21.06 2.57
C1 BGC H . -4.77 -23.99 0.61
O2 BGC H . -6.04 -25.44 -0.83
O3 BGC H . -8.55 -24.60 0.45
O4 BGC H . -8.39 -22.01 1.58
O5 BGC H . -4.88 -23.06 1.71
O6 BGC H . -6.02 -21.50 3.96
N1 6PZ H . -1.01 -21.65 5.35
C7 6PZ H . -2.06 -20.67 4.99
C8 6PZ H . -1.88 -20.16 3.56
C9 6PZ H . -1.80 -21.26 2.50
O8 6PZ H . -0.68 -19.37 3.51
C6 6PZ H . -3.46 -21.25 5.22
O6 6PZ H . -4.44 -20.20 5.02
C5 6PZ H . -3.69 -21.84 6.62
N5 6PZ H . -3.40 -20.83 7.68
C4 6PZ H . -5.12 -22.35 6.71
O4 6PZ H . -5.40 -22.79 8.05
C3 6PZ H . -6.11 -21.27 6.31
C2 6PZ H . -5.80 -20.62 4.97
C1 6PZ H . -6.52 -19.32 4.73
O1A 6PZ H . -7.75 -19.36 4.54
O1B 6PZ H . -5.92 -18.23 4.75
C10A 6PZ H . -0.04 -21.56 6.16
O10A 6PZ H . 0.14 -20.50 6.79
C11A 6PZ H . 0.85 -22.74 6.47
C10 6PZ H . -2.60 -21.01 8.67
O10 6PZ H . -2.02 -22.09 8.89
C11 6PZ H . -2.38 -19.89 9.66
C2 BGC H . -9.34 -31.30 -12.85
C3 BGC H . -9.00 -31.72 -14.28
C4 BGC H . -9.29 -30.59 -15.28
C5 BGC H . -8.71 -29.26 -14.81
C6 BGC H . -9.16 -28.10 -15.70
C1 BGC H . -8.71 -29.96 -12.51
O2 BGC H . -8.88 -32.30 -11.93
O3 BGC H . -9.75 -32.89 -14.61
O4 BGC H . -8.75 -30.91 -16.57
O5 BGC H . -9.13 -28.99 -13.47
O6 BGC H . -8.77 -28.28 -17.07
C2 1GN I . 8.06 -19.72 -10.83
C3 1GN I . 7.86 -19.69 -12.35
C4 1GN I . 6.77 -20.67 -12.81
O5 1GN I . 5.98 -21.01 -10.62
C1 1GN I . 6.80 -20.06 -9.99
O1 1GN I . 7.16 -20.65 -8.74
N2 1GN I . 8.64 -18.45 -10.41
O3 1GN I . 9.14 -19.96 -12.97
O4 1GN I . 7.31 -22.00 -12.74
C5 1GN I . 5.56 -20.56 -11.89
C6 1GN I . 4.37 -21.42 -12.27
O6 1GN I . 3.37 -21.24 -11.24
C1 GAL I . 9.39 -19.33 -14.24
C2 GAL I . 10.83 -19.66 -14.63
C3 GAL I . 11.14 -19.56 -16.12
C4 GAL I . 9.99 -20.01 -17.01
C5 GAL I . 8.70 -19.34 -16.54
C6 GAL I . 7.46 -19.62 -17.39
O2 GAL I . 11.72 -18.79 -13.92
O3 GAL I . 12.25 -20.41 -16.43
O4 GAL I . 9.88 -21.43 -16.98
O5 GAL I . 8.44 -19.77 -15.21
O6 GAL I . 7.73 -19.41 -18.78
C2 1GN I . 14.48 -20.96 -16.15
C3 1GN I . 15.94 -20.58 -16.29
C4 1GN I . 16.21 -19.68 -17.48
O5 1GN I . 13.88 -19.02 -17.45
C1 1GN I . 13.54 -19.79 -16.31
N2 1GN I . 14.26 -21.58 -14.84
O3 1GN I . 16.53 -21.86 -16.49
O4 1GN I . 16.12 -20.42 -18.71
C5 1GN I . 15.22 -18.52 -17.49
C6 1GN I . 15.33 -17.68 -18.73
O6 1GN I . 14.65 -16.46 -18.49
C1 GAL I . 17.52 -22.12 -15.59
C2 GAL I . 17.74 -23.63 -15.51
C3 GAL I . 19.10 -23.90 -14.94
C4 GAL I . 20.17 -23.09 -15.66
C5 GAL I . 19.87 -21.59 -15.52
C6 GAL I . 20.95 -20.67 -16.14
O2 GAL I . 16.77 -24.22 -14.67
O3 GAL I . 19.40 -25.31 -15.03
O4 GAL I . 20.23 -23.47 -17.04
O5 GAL I . 18.60 -21.37 -16.13
O6 GAL I . 22.13 -20.29 -15.33
C2 BGC I . 23.52 -19.34 -14.76
C3 BGC I . 24.55 -18.16 -14.72
C4 BGC I . 25.18 -17.86 -16.10
C5 BGC I . 24.04 -17.81 -17.12
C6 BGC I . 24.43 -17.52 -18.57
C1 BGC I . 22.64 -19.12 -15.84
O2 BGC I . 22.85 -19.34 -13.49
O3 BGC I . 25.59 -18.31 -13.75
O4 BGC I . 25.86 -16.61 -16.05
O5 BGC I . 23.30 -19.03 -17.09
O6 BGC I . 25.57 -18.30 -18.96
C2 BGC I . 6.55 -19.59 -20.87
C3 BGC I . 5.98 -20.54 -21.92
C4 BGC I . 6.95 -21.67 -22.21
C5 BGC I . 7.28 -22.36 -20.88
C6 BGC I . 8.20 -23.56 -21.04
C1 BGC I . 7.05 -20.34 -19.64
O2 BGC I . 5.53 -18.67 -20.49
O3 BGC I . 5.67 -19.81 -23.11
O4 BGC I . 6.36 -22.56 -23.15
O5 BGC I . 7.92 -21.40 -20.01
O6 BGC I . 9.37 -23.15 -21.76
C1 MLA J . -31.67 1.52 28.98
O1A MLA J . -30.64 1.98 29.50
O1B MLA J . -32.73 2.16 28.87
C2 MLA J . -31.64 0.11 28.44
C3 MLA J . -31.31 0.09 26.96
O3A MLA J . -31.79 -0.84 26.27
O3B MLA J . -30.56 0.99 26.49
C ACY K . 23.16 9.34 12.68
O ACY K . 23.31 9.07 11.46
CH3 ACY K . 23.77 10.64 13.16
C ACY L . 16.04 14.42 0.81
O ACY L . 16.68 13.41 1.17
CH3 ACY L . 14.73 14.17 0.10
C ACY M . 3.05 -22.15 -3.96
O ACY M . 3.13 -21.75 -2.77
CH3 ACY M . 2.63 -21.13 -4.99
C ACY N . 13.71 -22.69 -14.56
O ACY N . 13.35 -23.36 -15.56
CH3 ACY N . 13.47 -23.38 -13.23
C1 MLA O . -11.05 -29.21 29.44
O1A MLA O . -11.07 -30.43 29.18
O1B MLA O . -12.06 -28.47 29.33
C2 MLA O . -9.74 -28.60 29.91
C3 MLA O . -8.81 -28.34 28.76
O3A MLA O . -7.58 -28.40 28.99
O3B MLA O . -9.28 -28.08 27.63
C ACY P . -15.12 8.27 -13.07
O ACY P . -14.70 9.25 -12.40
CH3 ACY P . -14.22 7.06 -13.08
C ACY Q . 16.46 12.14 9.88
O ACY Q . 15.35 12.04 10.45
CH3 ACY Q . 16.66 11.35 8.62
C ACY R . 20.77 21.90 -0.59
O ACY R . 22.01 21.88 -0.79
CH3 ACY R . 20.35 21.92 0.87
C ACY S . -21.97 17.00 -3.27
O ACY S . -21.01 17.28 -4.03
CH3 ACY S . -23.32 16.97 -3.93
C1 MLA T . 1.85 4.08 41.09
O1A MLA T . 2.56 3.48 40.25
O1B MLA T . 1.38 5.23 40.90
C2 MLA T . 1.50 3.39 42.38
C3 MLA T . 2.63 2.48 42.80
O3A MLA T . 3.60 2.98 43.41
O3B MLA T . 2.56 1.26 42.51
C ACY U . -20.51 9.57 -20.04
O ACY U . -20.76 10.70 -20.57
CH3 ACY U . -21.44 9.16 -18.93
C ACY V . -2.36 -27.15 -6.50
O ACY V . -2.26 -26.38 -7.50
CH3 ACY V . -1.53 -28.41 -6.60
C ACY W . 8.10 -17.28 -10.23
O ACY W . 6.88 -17.28 -10.52
CH3 ACY W . 8.65 -15.96 -9.73
C ACY X . -19.86 9.79 -5.06
O ACY X . -19.85 8.87 -4.20
CH3 ACY X . -18.52 10.28 -5.53
#